data_3CYJ
#
_entry.id   3CYJ
#
_cell.length_a   193.100
_cell.length_b   193.100
_cell.length_c   113.483
_cell.angle_alpha   90.000
_cell.angle_beta   90.000
_cell.angle_gamma   90.000
#
_symmetry.space_group_name_H-M   'P 43 21 2'
#
loop_
_entity.id
_entity.type
_entity.pdbx_description
1 polymer 'Mandelate racemase/muconate lactonizing enzyme-like protein'
2 non-polymer 'SODIUM ION'
3 non-polymer GLYCEROL
4 water water
#
_entity_poly.entity_id   1
_entity_poly.type   'polypeptide(L)'
_entity_poly.pdbx_seq_one_letter_code
;MSLSGPRVERLEVSAYTVPTDYPESDGTLQWDSTTMILVEAHGGGRKGLGYTYGDVSVGRFVESKLAGVAEGSDALSPPA
VWARMQAAIRNAGRPGVGAMAVSAVDIALWDLKARLLGLPLADALPRFHAEVPVYGSGGFTSYPLRRLQEQLGGWAAAGI
PRVKMKVGREPEKDPERVRAAREAIGESVELMVDANGAYTRKQALYWAGAFAREAGISYLEEPVSSEDREGLRLLRDRGP
GGVAIAAGEYEWTLPQLHDLAGCVDILQADVTRCGGITGLLRVDGICRGHQIPFSAHCAPAVSAHACCAVESLLHLEYFH
DHARVERLLFDGTLDPEGGSLRPDPDRPGLGLELKRSEAGKYAAEGHHHHHH
;
_entity_poly.pdbx_strand_id   A,B,C,D
#
loop_
_chem_comp.id
_chem_comp.type
_chem_comp.name
_chem_comp.formula
GOL non-polymer GLYCEROL 'C3 H8 O3'
NA non-polymer 'SODIUM ION' 'Na 1'
#
# COMPACT_ATOMS: atom_id res chain seq x y z
N PRO A 6 -27.80 12.22 -12.22
CA PRO A 6 -26.95 13.27 -12.77
C PRO A 6 -25.76 12.67 -13.52
N ARG A 7 -25.49 13.23 -14.69
CA ARG A 7 -24.48 12.70 -15.56
C ARG A 7 -23.52 13.81 -15.98
N VAL A 8 -22.29 13.41 -16.34
CA VAL A 8 -21.34 14.34 -16.93
C VAL A 8 -21.80 14.66 -18.34
N GLU A 9 -22.10 15.92 -18.59
CA GLU A 9 -22.65 16.32 -19.88
C GLU A 9 -21.53 16.76 -20.83
N ARG A 10 -20.52 17.41 -20.30
CA ARG A 10 -19.60 18.10 -21.15
C ARG A 10 -18.32 18.45 -20.39
N LEU A 11 -17.17 18.26 -21.04
CA LEU A 11 -15.89 18.72 -20.50
C LEU A 11 -15.35 19.85 -21.34
N GLU A 12 -14.90 20.92 -20.71
CA GLU A 12 -14.25 22.00 -21.44
C GLU A 12 -12.80 22.08 -20.99
N VAL A 13 -11.89 22.20 -21.93
CA VAL A 13 -10.49 22.27 -21.63
C VAL A 13 -9.94 23.62 -22.13
N SER A 14 -9.06 24.23 -21.36
CA SER A 14 -8.42 25.48 -21.71
C SER A 14 -7.10 25.54 -20.98
N ALA A 15 -6.20 26.44 -21.37
CA ALA A 15 -4.86 26.49 -20.82
C ALA A 15 -4.46 27.92 -20.69
N TYR A 16 -3.61 28.18 -19.71
CA TYR A 16 -3.14 29.53 -19.42
C TYR A 16 -1.68 29.44 -19.11
N THR A 17 -0.93 30.41 -19.62
CA THR A 17 0.48 30.52 -19.37
C THR A 17 0.73 31.84 -18.66
N VAL A 18 1.45 31.78 -17.54
CA VAL A 18 1.75 32.95 -16.71
C VAL A 18 3.27 33.07 -16.43
N PRO A 19 3.86 34.21 -16.84
CA PRO A 19 5.25 34.45 -16.48
C PRO A 19 5.46 34.35 -14.98
N THR A 20 6.59 33.79 -14.60
CA THR A 20 7.07 33.84 -13.23
C THR A 20 7.39 35.29 -12.91
N ASP A 21 7.39 35.67 -11.62
CA ASP A 21 7.71 37.04 -11.25
C ASP A 21 9.22 37.35 -11.24
N TYR A 22 10.06 36.35 -11.55
CA TYR A 22 11.51 36.54 -11.62
C TYR A 22 11.99 35.34 -12.43
N PRO A 23 13.18 35.41 -13.07
CA PRO A 23 13.67 34.14 -13.70
C PRO A 23 13.92 33.04 -12.63
N GLU A 24 13.49 31.81 -12.87
CA GLU A 24 13.60 30.79 -11.81
C GLU A 24 14.40 29.58 -12.25
N SER A 25 15.08 28.94 -11.30
CA SER A 25 15.83 27.75 -11.66
C SER A 25 16.00 26.87 -10.42
N ASP A 26 16.40 25.64 -10.66
CA ASP A 26 16.68 24.74 -9.57
C ASP A 26 17.90 23.98 -10.04
N GLY A 27 18.25 22.92 -9.32
CA GLY A 27 19.45 22.19 -9.64
C GLY A 27 19.48 21.67 -11.07
N THR A 28 18.37 21.31 -11.67
CA THR A 28 18.46 20.73 -13.00
C THR A 28 17.57 21.42 -14.07
N LEU A 29 17.00 22.59 -13.79
CA LEU A 29 16.11 23.21 -14.77
C LEU A 29 15.94 24.73 -14.58
N GLN A 30 15.64 25.45 -15.67
CA GLN A 30 15.42 26.89 -15.70
C GLN A 30 14.08 27.11 -16.38
N TRP A 31 13.30 28.05 -15.86
CA TRP A 31 12.03 28.35 -16.46
C TRP A 31 11.65 29.78 -16.14
N ASP A 32 10.71 30.36 -16.87
CA ASP A 32 10.31 31.73 -16.64
C ASP A 32 8.81 31.88 -16.85
N SER A 33 8.10 30.77 -16.73
CA SER A 33 6.63 30.77 -16.81
C SER A 33 6.00 29.44 -16.40
N THR A 34 4.70 29.44 -16.22
CA THR A 34 3.93 28.26 -15.81
C THR A 34 2.71 28.10 -16.69
N THR A 35 2.43 26.87 -17.11
CA THR A 35 1.22 26.60 -17.85
C THR A 35 0.26 25.72 -17.02
N MET A 36 -0.94 26.26 -16.76
CA MET A 36 -2.01 25.53 -16.18
C MET A 36 -2.99 25.02 -17.23
N ILE A 37 -3.33 23.73 -17.18
CA ILE A 37 -4.35 23.24 -18.06
C ILE A 37 -5.60 23.05 -17.22
N LEU A 38 -6.74 23.57 -17.68
CA LEU A 38 -7.92 23.65 -16.83
C LEU A 38 -9.05 22.85 -17.45
N VAL A 39 -9.64 21.95 -16.67
CA VAL A 39 -10.79 21.20 -17.14
C VAL A 39 -12.03 21.66 -16.39
N GLU A 40 -13.11 21.87 -17.14
CA GLU A 40 -14.40 22.10 -16.49
C GLU A 40 -15.37 21.04 -16.88
N ALA A 41 -15.94 20.43 -15.83
CA ALA A 41 -16.92 19.38 -15.99
C ALA A 41 -18.31 19.88 -15.64
N HIS A 42 -19.20 19.77 -16.62
CA HIS A 42 -20.57 20.27 -16.53
C HIS A 42 -21.46 19.09 -16.39
N GLY A 43 -22.32 19.10 -15.37
CA GLY A 43 -23.29 18.01 -15.24
C GLY A 43 -24.27 18.25 -14.13
N GLY A 44 -25.44 17.63 -14.22
CA GLY A 44 -26.53 17.74 -13.24
C GLY A 44 -26.88 19.15 -12.77
N GLY A 45 -26.65 20.18 -13.62
CA GLY A 45 -26.90 21.57 -13.25
C GLY A 45 -25.75 22.30 -12.55
N ARG A 46 -24.68 21.56 -12.24
CA ARG A 46 -23.49 22.16 -11.64
C ARG A 46 -22.23 22.11 -12.56
N LYS A 47 -21.14 22.70 -12.08
CA LYS A 47 -19.85 22.67 -12.79
C LYS A 47 -18.61 22.46 -11.90
N GLY A 48 -17.84 21.42 -12.16
CA GLY A 48 -16.62 21.20 -11.40
C GLY A 48 -15.40 21.69 -12.18
N LEU A 49 -14.41 22.12 -11.44
CA LEU A 49 -13.16 22.33 -12.12
C LEU A 49 -11.95 21.61 -11.47
N GLY A 50 -11.01 21.21 -12.33
CA GLY A 50 -9.75 20.59 -11.96
C GLY A 50 -8.68 21.14 -12.88
N TYR A 51 -7.41 21.10 -12.46
CA TYR A 51 -6.34 21.57 -13.32
C TYR A 51 -5.06 20.77 -13.14
N THR A 52 -4.09 20.97 -14.03
CA THR A 52 -2.76 20.42 -13.80
C THR A 52 -1.80 21.47 -14.30
N TYR A 53 -0.52 21.34 -14.00
CA TYR A 53 0.51 22.23 -14.53
C TYR A 53 1.41 21.37 -15.43
N GLY A 54 1.67 21.82 -16.66
CA GLY A 54 2.44 20.98 -17.57
C GLY A 54 2.42 21.58 -18.95
N ASP A 55 2.61 20.75 -19.98
CA ASP A 55 2.65 21.26 -21.34
C ASP A 55 1.23 21.48 -21.86
N VAL A 56 1.04 22.48 -22.73
CA VAL A 56 -0.26 22.71 -23.37
C VAL A 56 -0.74 21.43 -24.03
N SER A 57 0.19 20.56 -24.45
CA SER A 57 -0.25 19.32 -25.11
C SER A 57 -1.16 18.49 -24.20
N VAL A 58 -1.11 18.71 -22.89
CA VAL A 58 -2.02 18.04 -21.93
C VAL A 58 -3.51 18.26 -22.30
N GLY A 59 -3.84 19.50 -22.67
CA GLY A 59 -5.21 19.85 -23.13
C GLY A 59 -5.69 19.08 -24.34
N ARG A 60 -4.83 18.95 -25.33
CA ARG A 60 -5.15 18.10 -26.49
C ARG A 60 -5.37 16.60 -26.12
N PHE A 61 -4.53 16.07 -25.21
CA PHE A 61 -4.73 14.71 -24.70
C PHE A 61 -6.12 14.53 -24.04
N VAL A 62 -6.52 15.46 -23.19
CA VAL A 62 -7.91 15.46 -22.61
C VAL A 62 -8.98 15.42 -23.70
N GLU A 63 -8.85 16.33 -24.69
CA GLU A 63 -9.86 16.40 -25.76
C GLU A 63 -9.93 15.06 -26.47
N SER A 64 -8.75 14.54 -26.82
CA SER A 64 -8.65 13.44 -27.73
C SER A 64 -9.03 12.14 -27.06
N LYS A 65 -8.58 11.94 -25.82
CA LYS A 65 -8.74 10.62 -25.21
C LYS A 65 -9.73 10.62 -24.04
N LEU A 66 -9.87 11.71 -23.30
CA LEU A 66 -10.58 11.64 -22.03
C LEU A 66 -12.04 12.12 -22.07
N ALA A 67 -12.31 13.20 -22.80
CA ALA A 67 -13.64 13.82 -22.82
C ALA A 67 -14.69 12.77 -23.19
N GLY A 68 -14.36 11.97 -24.20
CA GLY A 68 -15.25 10.95 -24.64
C GLY A 68 -15.53 9.88 -23.60
N VAL A 69 -14.60 9.66 -22.67
CA VAL A 69 -14.84 8.62 -21.63
C VAL A 69 -15.71 9.21 -20.52
N ALA A 70 -15.44 10.49 -20.18
CA ALA A 70 -16.08 11.15 -19.04
C ALA A 70 -17.53 11.51 -19.37
N GLU A 71 -17.74 12.00 -20.59
CA GLU A 71 -19.06 12.40 -21.05
C GLU A 71 -20.07 11.26 -21.00
N GLY A 72 -21.22 11.49 -20.35
CA GLY A 72 -22.23 10.45 -20.40
C GLY A 72 -22.15 9.63 -19.15
N SER A 73 -21.14 9.88 -18.31
CA SER A 73 -20.88 9.06 -17.09
C SER A 73 -21.68 9.51 -15.89
N ASP A 74 -21.83 8.60 -14.94
CA ASP A 74 -22.44 8.94 -13.69
C ASP A 74 -21.61 9.99 -12.95
N ALA A 75 -22.22 11.17 -12.77
CA ALA A 75 -21.60 12.31 -12.07
C ALA A 75 -21.34 12.08 -10.58
N LEU A 76 -21.78 10.95 -10.02
CA LEU A 76 -21.57 10.69 -8.61
C LEU A 76 -20.42 9.72 -8.34
N SER A 77 -19.78 9.21 -9.39
CA SER A 77 -18.77 8.17 -9.20
C SER A 77 -17.48 8.46 -9.96
N PRO A 78 -16.74 9.49 -9.57
CA PRO A 78 -15.52 9.82 -10.30
C PRO A 78 -14.54 8.64 -10.46
N PRO A 79 -14.37 7.79 -9.41
CA PRO A 79 -13.39 6.71 -9.59
C PRO A 79 -13.75 5.69 -10.69
N ALA A 80 -15.04 5.42 -10.89
CA ALA A 80 -15.43 4.55 -12.01
C ALA A 80 -14.99 5.13 -13.36
N VAL A 81 -14.99 6.45 -13.47
CA VAL A 81 -14.52 7.06 -14.73
C VAL A 81 -12.98 6.94 -14.83
N TRP A 82 -12.31 7.22 -13.70
CA TRP A 82 -10.87 7.14 -13.63
C TRP A 82 -10.39 5.79 -14.13
N ALA A 83 -11.05 4.72 -13.71
CA ALA A 83 -10.65 3.37 -14.10
C ALA A 83 -10.80 3.17 -15.59
N ARG A 84 -11.93 3.60 -16.12
CA ARG A 84 -12.19 3.54 -17.56
C ARG A 84 -11.17 4.46 -18.31
N MET A 85 -10.79 5.60 -17.71
CA MET A 85 -9.80 6.46 -18.38
C MET A 85 -8.41 5.79 -18.49
N GLN A 86 -7.93 5.23 -17.37
CA GLN A 86 -6.67 4.49 -17.32
C GLN A 86 -6.65 3.32 -18.32
N ALA A 87 -7.75 2.56 -18.43
CA ALA A 87 -7.82 1.44 -19.34
C ALA A 87 -7.73 1.94 -20.77
N ALA A 88 -8.46 3.01 -21.07
CA ALA A 88 -8.59 3.53 -22.43
C ALA A 88 -7.28 4.06 -22.97
N ILE A 89 -6.37 4.53 -22.10
CA ILE A 89 -5.18 5.18 -22.64
C ILE A 89 -3.90 4.30 -22.70
N ARG A 90 -4.06 2.98 -22.61
CA ARG A 90 -2.93 2.06 -22.59
C ARG A 90 -1.94 2.34 -23.73
N ASN A 91 -2.47 2.44 -24.97
CA ASN A 91 -1.61 2.74 -26.13
C ASN A 91 -1.21 4.19 -26.27
N ALA A 92 -2.00 5.09 -25.68
CA ALA A 92 -1.77 6.53 -25.89
C ALA A 92 -0.67 7.00 -24.93
N GLY A 93 -0.42 6.19 -23.91
CA GLY A 93 0.65 6.48 -22.98
C GLY A 93 0.11 6.99 -21.66
N ARG A 94 0.17 6.12 -20.67
CA ARG A 94 -0.45 6.34 -19.39
C ARG A 94 0.32 7.35 -18.52
N PRO A 95 1.67 7.25 -18.49
CA PRO A 95 2.45 8.12 -17.59
C PRO A 95 2.74 9.50 -18.18
N GLY A 96 3.22 10.44 -17.37
CA GLY A 96 3.59 11.76 -17.88
C GLY A 96 2.41 12.64 -18.31
N VAL A 97 2.46 13.14 -19.55
CA VAL A 97 1.37 13.97 -20.06
C VAL A 97 -0.03 13.34 -19.83
N GLY A 98 -0.16 12.04 -20.16
CA GLY A 98 -1.42 11.29 -20.02
C GLY A 98 -1.90 11.26 -18.56
N ALA A 99 -0.96 11.17 -17.61
CA ALA A 99 -1.30 11.07 -16.20
C ALA A 99 -1.74 12.43 -15.70
N MET A 100 -1.06 13.46 -16.19
CA MET A 100 -1.39 14.84 -15.86
C MET A 100 -2.83 15.15 -16.34
N ALA A 101 -3.18 14.62 -17.52
CA ALA A 101 -4.52 14.83 -18.09
C ALA A 101 -5.57 14.10 -17.27
N VAL A 102 -5.36 12.79 -17.03
CA VAL A 102 -6.27 12.05 -16.13
C VAL A 102 -6.48 12.78 -14.79
N SER A 103 -5.41 13.31 -14.22
CA SER A 103 -5.47 13.98 -12.92
C SER A 103 -6.39 15.20 -12.95
N ALA A 104 -6.18 16.07 -13.93
CA ALA A 104 -6.98 17.28 -14.10
C ALA A 104 -8.44 16.90 -14.24
N VAL A 105 -8.74 15.91 -15.09
CA VAL A 105 -10.11 15.47 -15.28
C VAL A 105 -10.73 14.86 -13.98
N ASP A 106 -9.96 14.05 -13.27
CA ASP A 106 -10.41 13.45 -12.03
C ASP A 106 -10.76 14.50 -10.94
N ILE A 107 -9.96 15.56 -10.85
CA ILE A 107 -10.15 16.58 -9.87
C ILE A 107 -11.42 17.37 -10.22
N ALA A 108 -11.63 17.59 -11.51
CA ALA A 108 -12.84 18.24 -11.99
C ALA A 108 -14.08 17.41 -11.68
N LEU A 109 -14.04 16.11 -11.93
CA LEU A 109 -15.12 15.22 -11.60
C LEU A 109 -15.47 15.13 -10.09
N TRP A 110 -14.46 15.21 -9.23
CA TRP A 110 -14.65 15.19 -7.81
C TRP A 110 -15.20 16.54 -7.34
N ASP A 111 -14.62 17.64 -7.86
CA ASP A 111 -15.20 18.98 -7.66
C ASP A 111 -16.68 18.97 -8.04
N LEU A 112 -16.98 18.49 -9.24
CA LEU A 112 -18.36 18.34 -9.64
C LEU A 112 -19.19 17.50 -8.66
N LYS A 113 -18.71 16.32 -8.26
CA LYS A 113 -19.47 15.52 -7.30
C LYS A 113 -19.74 16.32 -6.01
N ALA A 114 -18.73 17.00 -5.48
CA ALA A 114 -18.85 17.68 -4.21
C ALA A 114 -19.94 18.79 -4.27
N ARG A 115 -19.86 19.61 -5.33
CA ARG A 115 -20.85 20.62 -5.73
C ARG A 115 -22.28 20.09 -5.90
N LEU A 116 -22.47 18.95 -6.57
CA LEU A 116 -23.79 18.31 -6.67
C LEU A 116 -24.33 17.92 -5.31
N LEU A 117 -23.42 17.66 -4.38
CA LEU A 117 -23.80 17.27 -3.03
C LEU A 117 -23.85 18.46 -2.14
N GLY A 118 -23.52 19.63 -2.66
CA GLY A 118 -23.51 20.83 -1.85
C GLY A 118 -22.48 20.82 -0.73
N LEU A 119 -21.31 20.16 -0.93
CA LEU A 119 -20.29 20.05 0.14
C LEU A 119 -18.97 20.67 -0.29
N PRO A 120 -18.23 21.27 0.66
CA PRO A 120 -16.78 21.49 0.40
C PRO A 120 -16.11 20.14 -0.02
N LEU A 121 -15.12 20.18 -0.91
CA LEU A 121 -14.55 18.91 -1.39
C LEU A 121 -14.03 18.03 -0.24
N ALA A 122 -13.35 18.67 0.71
CA ALA A 122 -12.82 17.96 1.85
C ALA A 122 -13.89 17.15 2.56
N ASP A 123 -15.12 17.69 2.61
CA ASP A 123 -16.25 16.97 3.23
C ASP A 123 -16.84 15.86 2.37
N ALA A 124 -16.63 15.91 1.06
CA ALA A 124 -17.10 14.82 0.19
C ALA A 124 -16.14 13.60 0.16
N LEU A 125 -14.92 13.80 0.63
CA LEU A 125 -13.93 12.73 0.72
C LEU A 125 -13.89 12.19 2.15
N PRO A 126 -13.28 11.00 2.36
CA PRO A 126 -13.04 10.52 3.71
C PRO A 126 -12.18 11.55 4.42
N ARG A 127 -12.58 12.04 5.57
CA ARG A 127 -11.84 13.16 6.09
C ARG A 127 -11.21 12.85 7.44
N PHE A 128 -9.89 13.03 7.51
CA PHE A 128 -9.09 12.83 8.72
C PHE A 128 -8.75 14.16 9.35
N HIS A 129 -8.54 15.22 8.54
CA HIS A 129 -8.02 16.48 9.04
C HIS A 129 -8.94 17.65 8.77
N ALA A 130 -9.01 18.56 9.76
CA ALA A 130 -9.81 19.80 9.62
C ALA A 130 -9.06 20.87 8.82
N GLU A 131 -7.81 21.12 9.18
CA GLU A 131 -6.91 21.83 8.29
C GLU A 131 -5.60 21.04 8.10
N VAL A 132 -4.71 21.55 7.23
CA VAL A 132 -3.48 20.84 6.90
C VAL A 132 -2.29 21.76 6.93
N PRO A 133 -1.19 21.29 7.54
CA PRO A 133 -0.01 22.14 7.65
C PRO A 133 0.76 22.26 6.33
N VAL A 134 1.35 23.43 6.12
CA VAL A 134 2.08 23.70 4.89
C VAL A 134 3.53 24.03 5.15
N TYR A 135 4.35 23.93 4.10
CA TYR A 135 5.62 24.66 4.15
C TYR A 135 5.66 25.60 2.95
N GLY A 136 6.25 26.78 3.17
CA GLY A 136 6.49 27.72 2.09
C GLY A 136 7.66 27.23 1.23
N SER A 137 7.46 27.18 -0.09
CA SER A 137 8.47 26.54 -0.96
C SER A 137 8.88 27.46 -2.17
N GLY A 138 10.15 27.85 -2.25
CA GLY A 138 10.67 28.67 -3.32
C GLY A 138 12.19 28.60 -3.29
N GLY A 139 12.85 29.76 -3.13
CA GLY A 139 14.29 29.79 -2.82
C GLY A 139 15.10 29.28 -3.99
N PHE A 140 14.66 29.67 -5.19
CA PHE A 140 15.27 29.23 -6.44
C PHE A 140 16.75 29.62 -6.50
N THR A 141 17.50 28.81 -7.24
CA THR A 141 18.93 28.97 -7.37
C THR A 141 19.31 30.24 -8.14
N SER A 142 18.35 30.78 -8.89
CA SER A 142 18.57 32.06 -9.56
C SER A 142 18.46 33.29 -8.63
N TYR A 143 17.82 33.15 -7.47
CA TYR A 143 17.66 34.30 -6.56
C TYR A 143 19.00 34.82 -6.02
N PRO A 144 19.23 36.14 -6.15
CA PRO A 144 20.36 36.64 -5.33
C PRO A 144 20.01 36.47 -3.85
N LEU A 145 21.02 36.55 -3.00
CA LEU A 145 20.91 36.29 -1.54
C LEU A 145 19.80 37.07 -0.78
N ARG A 146 19.67 38.37 -1.08
CA ARG A 146 18.64 39.26 -0.50
C ARG A 146 17.26 38.79 -0.84
N ARG A 147 17.04 38.40 -2.10
CA ARG A 147 15.72 38.05 -2.52
C ARG A 147 15.32 36.65 -1.93
N LEU A 148 16.31 35.79 -1.80
CA LEU A 148 16.13 34.50 -1.11
C LEU A 148 15.76 34.75 0.37
N GLN A 149 16.51 35.63 1.05
CA GLN A 149 16.20 35.96 2.44
C GLN A 149 14.82 36.58 2.63
N GLU A 150 14.38 37.41 1.68
CA GLU A 150 13.11 38.09 1.82
C GLU A 150 11.96 37.13 1.60
N GLN A 151 12.13 36.21 0.67
CA GLN A 151 11.08 35.25 0.45
C GLN A 151 10.90 34.31 1.66
N LEU A 152 12.00 33.69 2.11
CA LEU A 152 11.94 32.80 3.25
C LEU A 152 11.52 33.54 4.53
N GLY A 153 12.13 34.70 4.80
CA GLY A 153 11.85 35.49 6.02
C GLY A 153 10.39 35.85 5.99
N GLY A 154 9.92 36.23 4.80
CA GLY A 154 8.53 36.63 4.61
C GLY A 154 7.61 35.52 5.05
N TRP A 155 7.88 34.28 4.59
CA TRP A 155 7.04 33.17 5.02
C TRP A 155 7.13 32.89 6.54
N ALA A 156 8.30 33.04 7.15
CA ALA A 156 8.46 32.77 8.59
C ALA A 156 7.70 33.79 9.43
N ALA A 157 7.83 35.05 9.06
CA ALA A 157 7.12 36.19 9.64
C ALA A 157 5.60 36.03 9.58
N ALA A 158 5.11 35.39 8.51
CA ALA A 158 3.70 35.03 8.38
C ALA A 158 3.29 33.84 9.24
N GLY A 159 4.20 33.35 10.09
CA GLY A 159 3.82 32.22 10.95
C GLY A 159 3.89 30.84 10.29
N ILE A 160 4.46 30.75 9.09
CA ILE A 160 4.68 29.43 8.45
C ILE A 160 6.02 28.90 8.96
N PRO A 161 5.98 27.86 9.81
CA PRO A 161 7.16 27.42 10.56
C PRO A 161 8.09 26.42 9.82
N ARG A 162 7.92 26.33 8.50
CA ARG A 162 8.69 25.43 7.64
C ARG A 162 8.86 26.06 6.27
N VAL A 163 10.10 26.11 5.82
CA VAL A 163 10.39 26.66 4.50
C VAL A 163 11.33 25.76 3.73
N LYS A 164 11.09 25.68 2.40
CA LYS A 164 12.01 24.98 1.48
C LYS A 164 12.69 25.86 0.42
N MET A 165 13.96 25.58 0.17
CA MET A 165 14.76 26.28 -0.85
C MET A 165 15.49 25.27 -1.81
N LYS A 166 15.94 25.76 -2.96
CA LYS A 166 16.74 24.98 -3.88
C LYS A 166 18.24 25.05 -3.63
N VAL A 167 18.91 23.93 -3.84
CA VAL A 167 20.37 23.83 -3.75
C VAL A 167 20.86 23.00 -4.94
N GLY A 168 22.16 23.03 -5.17
CA GLY A 168 22.74 22.00 -6.04
C GLY A 168 23.12 22.43 -7.45
N ARG A 169 22.66 23.62 -7.85
CA ARG A 169 22.98 24.16 -9.18
C ARG A 169 24.42 24.69 -9.29
N GLU A 170 24.84 25.48 -8.30
CA GLU A 170 26.24 25.86 -8.12
C GLU A 170 26.74 25.48 -6.72
N PRO A 171 27.15 24.21 -6.55
CA PRO A 171 27.41 23.70 -5.20
C PRO A 171 28.35 24.58 -4.34
N GLU A 172 29.34 25.19 -4.96
CA GLU A 172 30.25 26.14 -4.31
C GLU A 172 29.55 27.28 -3.63
N LYS A 173 28.44 27.74 -4.20
CA LYS A 173 27.73 28.86 -3.59
C LYS A 173 26.74 28.48 -2.49
N ASP A 174 26.38 27.20 -2.41
CA ASP A 174 25.29 26.79 -1.53
C ASP A 174 25.53 26.97 -0.02
N PRO A 175 26.76 26.71 0.48
CA PRO A 175 26.99 26.97 1.90
C PRO A 175 26.64 28.38 2.36
N GLU A 176 27.03 29.42 1.64
CA GLU A 176 26.50 30.73 2.05
C GLU A 176 25.05 30.96 1.77
N ARG A 177 24.47 30.33 0.74
CA ARG A 177 23.04 30.50 0.50
CA ARG A 177 23.04 30.47 0.49
C ARG A 177 22.24 29.87 1.64
N VAL A 178 22.65 28.70 2.13
CA VAL A 178 21.93 28.09 3.27
C VAL A 178 22.17 28.83 4.59
N ARG A 179 23.40 29.31 4.80
CA ARG A 179 23.71 30.18 5.94
C ARG A 179 22.88 31.46 5.95
N ALA A 180 22.73 32.08 4.79
CA ALA A 180 21.87 33.26 4.60
C ALA A 180 20.40 33.00 4.88
N ALA A 181 19.94 31.83 4.43
CA ALA A 181 18.55 31.43 4.70
C ALA A 181 18.33 31.22 6.20
N ARG A 182 19.30 30.61 6.87
CA ARG A 182 19.16 30.38 8.30
C ARG A 182 19.07 31.70 9.10
N GLU A 183 19.84 32.69 8.64
CA GLU A 183 19.91 33.98 9.30
C GLU A 183 18.56 34.66 9.19
N ALA A 184 18.01 34.63 7.97
CA ALA A 184 16.68 35.15 7.72
C ALA A 184 15.53 34.55 8.59
N ILE A 185 15.58 33.28 8.97
CA ILE A 185 14.37 32.66 9.55
C ILE A 185 14.50 32.40 11.05
N GLY A 186 15.73 32.32 11.53
CA GLY A 186 15.96 32.02 12.94
C GLY A 186 16.01 30.52 13.22
N GLU A 187 16.40 30.17 14.44
CA GLU A 187 16.58 28.79 14.85
C GLU A 187 15.31 27.98 15.10
N SER A 188 14.15 28.57 14.91
CA SER A 188 12.93 27.83 15.23
C SER A 188 12.04 27.62 14.00
N VAL A 189 12.56 27.99 12.84
CA VAL A 189 11.92 27.63 11.59
C VAL A 189 12.70 26.46 10.96
N GLU A 190 11.98 25.43 10.57
CA GLU A 190 12.57 24.29 9.89
C GLU A 190 13.06 24.66 8.49
N LEU A 191 14.32 24.35 8.21
CA LEU A 191 14.84 24.64 6.86
C LEU A 191 15.01 23.38 6.02
N MET A 192 14.33 23.33 4.86
CA MET A 192 14.29 22.16 4.02
C MET A 192 14.98 22.49 2.70
N VAL A 193 15.72 21.53 2.11
CA VAL A 193 16.36 21.75 0.79
C VAL A 193 15.89 20.76 -0.30
N ASP A 194 15.93 21.21 -1.54
CA ASP A 194 15.53 20.42 -2.66
C ASP A 194 16.64 20.51 -3.71
N ALA A 195 17.17 19.34 -4.14
CA ALA A 195 18.32 19.31 -5.06
C ALA A 195 17.85 18.99 -6.50
N ASN A 196 16.57 18.59 -6.63
CA ASN A 196 15.99 18.26 -7.92
C ASN A 196 16.92 17.35 -8.74
N GLY A 197 17.46 16.34 -8.07
CA GLY A 197 18.33 15.32 -8.68
C GLY A 197 19.70 15.80 -9.16
N ALA A 198 20.20 16.87 -8.56
CA ALA A 198 21.42 17.49 -9.06
C ALA A 198 22.73 16.76 -8.74
N TYR A 199 22.73 15.90 -7.73
CA TYR A 199 23.95 15.25 -7.24
C TYR A 199 24.16 13.79 -7.67
N THR A 200 25.41 13.36 -7.72
CA THR A 200 25.78 11.95 -7.72
C THR A 200 25.61 11.45 -6.32
N ARG A 201 25.72 10.14 -6.14
CA ARG A 201 25.48 9.49 -4.86
C ARG A 201 26.38 10.03 -3.73
N LYS A 202 27.70 10.00 -3.93
CA LYS A 202 28.67 10.45 -2.92
C LYS A 202 28.66 11.94 -2.74
N GLN A 203 28.28 12.68 -3.79
CA GLN A 203 28.11 14.14 -3.72
C GLN A 203 26.96 14.45 -2.76
N ALA A 204 25.84 13.76 -2.96
CA ALA A 204 24.67 13.94 -2.12
C ALA A 204 24.99 13.56 -0.65
N LEU A 205 25.68 12.45 -0.44
CA LEU A 205 26.06 12.08 0.93
C LEU A 205 26.91 13.19 1.56
N TYR A 206 27.85 13.76 0.82
CA TYR A 206 28.65 14.88 1.37
C TYR A 206 27.73 16.04 1.80
N TRP A 207 26.80 16.43 0.92
CA TRP A 207 25.99 17.62 1.16
C TRP A 207 24.94 17.43 2.23
N ALA A 208 24.36 16.24 2.36
CA ALA A 208 23.46 16.00 3.45
C ALA A 208 24.15 16.37 4.80
N GLY A 209 25.42 15.95 4.97
CA GLY A 209 26.17 16.20 6.20
C GLY A 209 26.60 17.67 6.34
N ALA A 210 27.15 18.22 5.26
CA ALA A 210 27.54 19.61 5.17
C ALA A 210 26.38 20.59 5.48
N PHE A 211 25.26 20.42 4.81
CA PHE A 211 24.10 21.25 5.07
C PHE A 211 23.58 21.08 6.51
N ALA A 212 23.55 19.86 7.05
CA ALA A 212 23.24 19.71 8.47
C ALA A 212 24.12 20.59 9.39
N ARG A 213 25.44 20.57 9.18
CA ARG A 213 26.39 21.33 10.00
C ARG A 213 26.30 22.84 9.75
N GLU A 214 26.23 23.21 8.48
CA GLU A 214 26.22 24.62 8.08
C GLU A 214 24.96 25.34 8.52
N ALA A 215 23.80 24.69 8.44
CA ALA A 215 22.54 25.42 8.71
C ALA A 215 21.49 24.59 9.38
N GLY A 216 21.84 23.40 9.84
CA GLY A 216 20.85 22.62 10.58
C GLY A 216 19.61 22.18 9.80
N ILE A 217 19.79 21.72 8.55
CA ILE A 217 18.61 21.33 7.74
C ILE A 217 17.93 20.04 8.24
N SER A 218 16.64 19.91 7.89
CA SER A 218 15.87 18.78 8.35
C SER A 218 15.32 17.93 7.24
N TYR A 219 15.63 18.30 6.00
CA TYR A 219 14.90 17.68 4.87
C TYR A 219 15.74 17.85 3.63
N LEU A 220 15.97 16.73 2.95
CA LEU A 220 16.77 16.73 1.73
C LEU A 220 15.95 16.01 0.66
N GLU A 221 15.41 16.79 -0.29
CA GLU A 221 14.57 16.27 -1.32
C GLU A 221 15.32 16.00 -2.66
N GLU A 222 15.06 14.83 -3.26
CA GLU A 222 15.62 14.50 -4.56
C GLU A 222 17.12 14.72 -4.68
N PRO A 223 17.88 14.13 -3.73
CA PRO A 223 19.31 14.38 -3.79
C PRO A 223 19.90 13.77 -5.09
N VAL A 224 19.38 12.60 -5.49
CA VAL A 224 19.81 11.99 -6.74
C VAL A 224 18.59 11.85 -7.62
N SER A 225 18.79 11.44 -8.89
CA SER A 225 17.61 11.11 -9.71
C SER A 225 16.66 10.19 -8.99
N SER A 226 15.36 10.51 -8.99
CA SER A 226 14.39 9.68 -8.26
C SER A 226 14.14 8.35 -8.97
N GLU A 227 14.64 8.22 -10.21
CA GLU A 227 14.75 6.89 -10.84
C GLU A 227 15.87 6.09 -10.19
N ASP A 228 16.78 6.76 -9.47
CA ASP A 228 17.91 6.07 -8.85
C ASP A 228 17.59 5.58 -7.45
N ARG A 229 16.84 4.48 -7.33
CA ARG A 229 16.44 3.98 -6.00
C ARG A 229 17.57 3.45 -5.12
N GLU A 230 18.58 2.82 -5.71
CA GLU A 230 19.73 2.40 -4.93
C GLU A 230 20.50 3.60 -4.34
N GLY A 231 20.59 4.69 -5.11
CA GLY A 231 21.14 5.93 -4.56
C GLY A 231 20.35 6.53 -3.40
N LEU A 232 19.02 6.52 -3.51
CA LEU A 232 18.14 7.03 -2.49
C LEU A 232 18.26 6.20 -1.23
N ARG A 233 18.30 4.89 -1.42
CA ARG A 233 18.35 3.91 -0.33
C ARG A 233 19.65 4.09 0.40
N LEU A 234 20.73 4.33 -0.37
CA LEU A 234 22.03 4.61 0.22
C LEU A 234 21.96 5.85 1.13
N LEU A 235 21.34 6.91 0.63
CA LEU A 235 21.25 8.14 1.41
C LEU A 235 20.30 8.01 2.61
N ARG A 236 19.25 7.22 2.44
CA ARG A 236 18.36 6.87 3.56
C ARG A 236 19.18 6.21 4.69
N ASP A 237 19.97 5.20 4.33
CA ASP A 237 20.74 4.46 5.29
C ASP A 237 21.90 5.23 5.88
N ARG A 238 22.55 6.14 5.14
CA ARG A 238 23.83 6.67 5.58
C ARG A 238 23.74 8.14 6.00
N GLY A 239 22.70 8.86 5.55
CA GLY A 239 22.57 10.27 5.84
C GLY A 239 22.42 10.54 7.35
N PRO A 240 22.64 11.78 7.79
CA PRO A 240 22.61 12.18 9.19
C PRO A 240 21.21 12.00 9.82
N GLY A 241 21.20 11.73 11.13
CA GLY A 241 19.95 11.65 11.86
C GLY A 241 19.32 13.02 11.81
N GLY A 242 17.98 13.05 11.75
CA GLY A 242 17.24 14.30 11.69
C GLY A 242 17.19 14.96 10.31
N VAL A 243 17.85 14.39 9.29
CA VAL A 243 17.63 14.92 7.94
C VAL A 243 16.77 13.92 7.16
N ALA A 244 15.52 14.25 6.92
CA ALA A 244 14.67 13.30 6.17
C ALA A 244 14.97 13.26 4.65
N ILE A 245 15.15 12.06 4.12
CA ILE A 245 15.38 11.92 2.68
C ILE A 245 14.04 11.81 2.03
N ALA A 246 13.67 12.74 1.15
CA ALA A 246 12.32 12.72 0.52
C ALA A 246 12.38 12.62 -1.03
N ALA A 247 11.38 11.96 -1.62
CA ALA A 247 11.30 11.85 -3.08
C ALA A 247 9.92 11.45 -3.47
N GLY A 248 9.55 11.62 -4.75
CA GLY A 248 8.29 11.11 -5.21
C GLY A 248 7.42 11.76 -6.26
N GLU A 249 7.72 12.99 -6.68
CA GLU A 249 6.86 13.57 -7.74
C GLU A 249 6.65 12.84 -9.11
N TYR A 250 7.55 11.98 -9.55
CA TYR A 250 7.42 11.50 -10.92
C TYR A 250 6.85 10.10 -11.12
N GLU A 251 6.32 9.46 -10.08
CA GLU A 251 5.85 8.10 -10.24
C GLU A 251 4.47 8.13 -10.81
N TRP A 252 4.10 7.07 -11.54
CA TRP A 252 2.77 7.05 -12.13
CA TRP A 252 2.80 6.96 -12.22
C TRP A 252 2.13 5.61 -11.97
N THR A 253 2.78 4.73 -11.23
CA THR A 253 2.09 3.50 -10.85
C THR A 253 2.15 3.39 -9.31
N LEU A 254 1.26 2.61 -8.72
CA LEU A 254 1.30 2.38 -7.30
C LEU A 254 2.41 1.42 -6.95
N PRO A 255 2.75 0.48 -7.87
CA PRO A 255 3.94 -0.33 -7.60
C PRO A 255 5.22 0.51 -7.63
N GLN A 256 5.22 1.59 -8.42
CA GLN A 256 6.32 2.58 -8.38
C GLN A 256 6.43 3.30 -7.03
N LEU A 257 5.31 3.82 -6.54
CA LEU A 257 5.23 4.39 -5.18
C LEU A 257 5.61 3.36 -4.12
N HIS A 258 5.14 2.13 -4.32
CA HIS A 258 5.50 1.03 -3.47
C HIS A 258 7.03 0.73 -3.48
N ASP A 259 7.67 0.78 -4.65
CA ASP A 259 9.13 0.64 -4.72
C ASP A 259 9.80 1.84 -4.03
N LEU A 260 9.33 3.05 -4.32
CA LEU A 260 9.93 4.24 -3.67
C LEU A 260 9.80 4.21 -2.14
N ALA A 261 8.63 3.77 -1.62
CA ALA A 261 8.38 3.74 -0.18
C ALA A 261 9.45 2.95 0.54
N GLY A 262 10.02 1.94 -0.10
CA GLY A 262 11.11 1.21 0.57
C GLY A 262 12.47 1.90 0.56
N CYS A 263 12.56 3.15 0.04
CA CYS A 263 13.87 3.77 -0.20
C CYS A 263 14.06 5.10 0.44
N VAL A 264 12.97 5.70 0.92
CA VAL A 264 12.98 7.08 1.45
C VAL A 264 12.50 7.16 2.88
N ASP A 265 12.73 8.31 3.53
CA ASP A 265 12.12 8.60 4.82
C ASP A 265 10.73 9.25 4.64
N ILE A 266 10.55 10.01 3.56
CA ILE A 266 9.30 10.71 3.32
C ILE A 266 8.84 10.56 1.86
N LEU A 267 7.61 10.09 1.67
CA LEU A 267 7.09 9.86 0.34
C LEU A 267 6.32 11.08 -0.12
N GLN A 268 6.50 11.46 -1.39
CA GLN A 268 5.82 12.60 -1.94
C GLN A 268 5.00 12.17 -3.12
N ALA A 269 3.87 12.85 -3.33
CA ALA A 269 3.18 12.76 -4.61
C ALA A 269 2.51 14.11 -4.92
N ASP A 270 2.16 14.30 -6.19
CA ASP A 270 1.60 15.55 -6.66
C ASP A 270 0.22 15.22 -7.17
N VAL A 271 -0.79 15.76 -6.51
CA VAL A 271 -2.18 15.46 -6.89
C VAL A 271 -2.49 15.72 -8.40
N THR A 272 -1.70 16.57 -9.04
CA THR A 272 -1.95 16.87 -10.45
C THR A 272 -1.19 15.94 -11.39
N ARG A 273 -0.57 14.90 -10.82
CA ARG A 273 0.22 13.99 -11.64
C ARG A 273 -0.04 12.54 -11.32
N CYS A 274 -0.36 12.26 -10.05
CA CYS A 274 -0.38 10.90 -9.55
C CYS A 274 -1.74 10.30 -9.74
N GLY A 275 -2.58 10.93 -10.54
CA GLY A 275 -3.89 10.32 -10.81
C GLY A 275 -5.03 11.03 -10.13
N GLY A 276 -4.76 12.25 -9.68
CA GLY A 276 -5.81 13.09 -9.17
C GLY A 276 -6.21 12.68 -7.76
N ILE A 277 -7.45 12.98 -7.41
CA ILE A 277 -7.93 12.70 -6.09
C ILE A 277 -8.06 11.19 -5.94
N THR A 278 -8.64 10.54 -6.95
CA THR A 278 -8.77 9.10 -6.90
C THR A 278 -7.38 8.46 -6.68
N GLY A 279 -6.36 8.93 -7.41
CA GLY A 279 -5.01 8.41 -7.23
C GLY A 279 -4.50 8.66 -5.82
N LEU A 280 -4.69 9.88 -5.32
CA LEU A 280 -4.19 10.26 -4.02
C LEU A 280 -4.73 9.42 -2.88
N LEU A 281 -5.94 8.92 -3.00
CA LEU A 281 -6.64 8.16 -1.96
C LEU A 281 -5.94 6.84 -1.66
N ARG A 282 -5.14 6.40 -2.61
CA ARG A 282 -4.44 5.14 -2.46
C ARG A 282 -3.12 5.31 -1.71
N VAL A 283 -2.74 6.55 -1.46
CA VAL A 283 -1.40 6.84 -1.00
C VAL A 283 -1.22 6.53 0.46
N ASP A 284 -2.26 6.78 1.26
CA ASP A 284 -2.29 6.33 2.67
C ASP A 284 -1.95 4.85 2.87
N GLY A 285 -2.58 4.00 2.06
CA GLY A 285 -2.33 2.58 2.10
C GLY A 285 -0.88 2.27 1.84
N ILE A 286 -0.24 3.01 0.93
CA ILE A 286 1.19 2.79 0.75
C ILE A 286 1.96 3.29 1.95
N CYS A 287 1.63 4.49 2.38
CA CYS A 287 2.37 5.13 3.46
C CYS A 287 2.16 4.45 4.80
N ARG A 288 0.91 4.15 5.17
CA ARG A 288 0.66 3.45 6.46
C ARG A 288 1.22 2.00 6.41
N GLY A 289 1.09 1.34 5.26
CA GLY A 289 1.68 0.00 5.08
C GLY A 289 3.19 -0.06 5.29
N HIS A 290 3.90 1.01 4.93
CA HIS A 290 5.34 1.10 5.04
C HIS A 290 5.75 1.92 6.26
N GLN A 291 4.79 2.52 6.95
CA GLN A 291 5.04 3.37 8.14
C GLN A 291 5.91 4.63 7.92
N ILE A 292 5.65 5.33 6.82
CA ILE A 292 6.36 6.55 6.59
C ILE A 292 5.35 7.68 6.40
N PRO A 293 5.73 8.91 6.78
CA PRO A 293 4.93 10.09 6.47
C PRO A 293 4.83 10.41 4.97
N PHE A 294 3.81 11.17 4.60
CA PHE A 294 3.57 11.60 3.24
C PHE A 294 3.72 13.14 3.13
N SER A 295 4.11 13.65 1.96
CA SER A 295 4.13 15.10 1.80
C SER A 295 3.64 15.43 0.39
N ALA A 296 2.64 16.30 0.29
CA ALA A 296 2.11 16.66 -1.02
C ALA A 296 2.98 17.67 -1.74
N HIS A 297 3.16 17.42 -3.02
CA HIS A 297 4.04 18.23 -3.85
C HIS A 297 3.17 19.10 -4.79
N CYS A 298 3.43 20.44 -4.78
CA CYS A 298 2.85 21.45 -5.69
C CYS A 298 1.29 21.65 -5.58
N ALA A 299 0.75 22.60 -6.36
CA ALA A 299 -0.72 22.82 -6.49
C ALA A 299 -1.48 22.95 -5.14
N PRO A 300 -1.12 23.98 -4.34
CA PRO A 300 -1.64 24.06 -3.00
C PRO A 300 -3.15 24.09 -2.97
N ALA A 301 -3.79 24.75 -3.94
CA ALA A 301 -5.24 24.92 -3.92
C ALA A 301 -6.03 23.62 -3.99
N VAL A 302 -5.65 22.70 -4.88
CA VAL A 302 -6.27 21.36 -4.83
C VAL A 302 -5.82 20.55 -3.59
N SER A 303 -4.54 20.64 -3.27
CA SER A 303 -3.97 19.82 -2.23
C SER A 303 -4.58 20.13 -0.84
N ALA A 304 -4.92 21.39 -0.55
CA ALA A 304 -5.62 21.76 0.67
C ALA A 304 -6.87 20.91 0.92
N HIS A 305 -7.62 20.57 -0.13
CA HIS A 305 -8.76 19.67 0.09
C HIS A 305 -8.37 18.20 0.11
N ALA A 306 -7.61 17.81 -0.91
CA ALA A 306 -7.26 16.40 -1.14
C ALA A 306 -6.50 15.84 0.07
N CYS A 307 -5.61 16.62 0.62
CA CYS A 307 -4.76 16.18 1.72
C CYS A 307 -5.49 16.02 3.05
N CYS A 308 -6.74 16.50 3.14
CA CYS A 308 -7.53 16.35 4.36
C CYS A 308 -7.92 14.89 4.46
N ALA A 309 -7.80 14.22 3.33
CA ALA A 309 -8.24 12.82 3.29
C ALA A 309 -7.12 11.80 3.55
N VAL A 310 -5.90 12.33 3.77
CA VAL A 310 -4.67 11.50 3.85
C VAL A 310 -4.20 11.46 5.30
N GLU A 311 -4.36 10.32 5.96
CA GLU A 311 -3.96 10.23 7.35
C GLU A 311 -2.46 10.47 7.59
N SER A 312 -1.66 9.88 6.72
CA SER A 312 -0.20 9.93 6.87
C SER A 312 0.42 11.31 6.49
N LEU A 313 -0.43 12.30 6.20
CA LEU A 313 0.08 13.66 5.88
C LEU A 313 1.01 14.30 6.93
N LEU A 314 2.22 14.66 6.52
CA LEU A 314 3.12 15.48 7.32
C LEU A 314 2.85 16.95 7.00
N HIS A 315 2.87 17.28 5.71
CA HIS A 315 2.63 18.66 5.24
C HIS A 315 2.44 18.69 3.74
N LEU A 316 2.01 19.86 3.28
CA LEU A 316 1.84 20.09 1.86
C LEU A 316 2.71 21.27 1.48
N GLU A 317 3.19 21.24 0.24
CA GLU A 317 4.07 22.25 -0.30
C GLU A 317 3.27 23.45 -0.80
N TYR A 318 3.53 24.59 -0.17
CA TYR A 318 2.95 25.86 -0.61
C TYR A 318 3.87 26.44 -1.65
N PHE A 319 3.73 25.96 -2.88
CA PHE A 319 4.73 26.25 -3.91
C PHE A 319 4.54 27.63 -4.52
N HIS A 320 5.58 28.45 -4.46
CA HIS A 320 5.50 29.83 -4.93
C HIS A 320 4.83 29.97 -6.28
N ASP A 321 5.41 29.41 -7.34
CA ASP A 321 4.81 29.55 -8.69
C ASP A 321 3.31 29.34 -8.68
N HIS A 322 2.88 28.32 -7.94
CA HIS A 322 1.53 27.82 -8.04
C HIS A 322 0.58 28.60 -7.21
N ALA A 323 0.95 28.85 -5.96
CA ALA A 323 0.20 29.76 -5.11
C ALA A 323 -0.10 31.07 -5.88
N ARG A 324 0.93 31.66 -6.44
CA ARG A 324 0.78 32.92 -7.19
C ARG A 324 -0.15 32.79 -8.41
N VAL A 325 0.06 31.78 -9.26
CA VAL A 325 -0.84 31.54 -10.39
C VAL A 325 -2.29 31.25 -9.95
N GLU A 326 -2.46 30.55 -8.83
CA GLU A 326 -3.80 30.23 -8.35
C GLU A 326 -4.55 31.51 -7.85
N ARG A 327 -3.86 32.41 -7.13
CA ARG A 327 -4.46 33.65 -6.63
C ARG A 327 -4.78 34.60 -7.78
N LEU A 328 -3.95 34.58 -8.81
CA LEU A 328 -4.11 35.39 -9.97
C LEU A 328 -5.29 34.92 -10.81
N LEU A 329 -5.50 33.59 -10.89
CA LEU A 329 -6.53 33.05 -11.79
C LEU A 329 -7.86 32.67 -11.14
N PHE A 330 -7.86 32.42 -9.84
CA PHE A 330 -9.08 32.01 -9.17
C PHE A 330 -9.45 32.95 -8.05
N ASP A 331 -10.75 33.09 -7.81
CA ASP A 331 -11.24 33.58 -6.53
C ASP A 331 -11.37 32.37 -5.65
N GLY A 332 -11.12 32.55 -4.35
CA GLY A 332 -11.39 31.49 -3.38
C GLY A 332 -10.16 30.81 -2.85
N THR A 333 -8.98 31.34 -3.16
CA THR A 333 -7.75 30.72 -2.72
C THR A 333 -7.57 30.99 -1.21
N LEU A 334 -6.91 30.07 -0.52
CA LEU A 334 -6.87 30.07 0.92
C LEU A 334 -5.60 30.74 1.41
N ASP A 335 -5.67 31.37 2.57
CA ASP A 335 -4.49 31.99 3.21
C ASP A 335 -3.76 30.99 4.13
N PRO A 336 -2.43 30.88 3.98
CA PRO A 336 -1.58 29.96 4.75
C PRO A 336 -0.99 30.60 6.03
N GLU A 337 -1.42 31.82 6.30
CA GLU A 337 -1.09 32.51 7.56
C GLU A 337 -1.14 31.58 8.80
N GLY A 338 -0.05 31.52 9.54
CA GLY A 338 -0.03 30.73 10.77
C GLY A 338 0.30 29.25 10.53
N GLY A 339 0.48 28.86 9.26
CA GLY A 339 1.15 27.60 8.94
C GLY A 339 0.29 26.52 8.34
N SER A 340 -1.02 26.77 8.25
CA SER A 340 -1.94 25.77 7.76
C SER A 340 -2.89 26.33 6.69
N LEU A 341 -3.48 25.42 5.91
CA LEU A 341 -4.59 25.74 5.06
C LEU A 341 -5.84 25.05 5.55
N ARG A 342 -6.93 25.80 5.73
CA ARG A 342 -8.21 25.22 6.11
C ARG A 342 -9.22 25.37 4.99
N PRO A 343 -9.78 24.26 4.52
CA PRO A 343 -10.87 24.43 3.59
C PRO A 343 -11.97 25.36 4.16
N ASP A 344 -12.58 26.12 3.24
CA ASP A 344 -13.65 27.04 3.63
C ASP A 344 -14.93 26.23 3.76
N PRO A 345 -15.50 26.11 4.98
CA PRO A 345 -16.74 25.33 5.15
C PRO A 345 -17.95 26.04 4.48
N ASP A 346 -17.83 27.32 4.17
CA ASP A 346 -18.94 28.00 3.51
C ASP A 346 -18.95 27.93 2.00
N ARG A 347 -17.91 27.36 1.37
CA ARG A 347 -17.90 27.14 -0.11
C ARG A 347 -17.95 25.63 -0.51
N PRO A 348 -18.70 25.29 -1.57
CA PRO A 348 -18.73 23.92 -1.99
C PRO A 348 -17.60 23.59 -3.00
N GLY A 349 -17.36 22.30 -3.17
CA GLY A 349 -16.21 21.80 -3.91
C GLY A 349 -14.92 22.40 -3.39
N LEU A 350 -14.02 22.70 -4.34
CA LEU A 350 -12.74 23.33 -4.07
C LEU A 350 -12.88 24.78 -3.67
N GLY A 351 -14.09 25.33 -3.87
CA GLY A 351 -14.37 26.73 -3.55
C GLY A 351 -13.64 27.67 -4.50
N LEU A 352 -13.28 27.18 -5.68
CA LEU A 352 -12.50 27.96 -6.64
C LEU A 352 -13.33 28.40 -7.86
N GLU A 353 -13.22 29.67 -8.22
CA GLU A 353 -13.93 30.21 -9.39
C GLU A 353 -12.97 30.95 -10.30
N LEU A 354 -13.04 30.68 -11.61
CA LEU A 354 -12.08 31.32 -12.52
C LEU A 354 -12.41 32.81 -12.63
N LYS A 355 -11.42 33.68 -12.45
CA LYS A 355 -11.58 35.08 -12.77
C LYS A 355 -11.47 35.19 -14.30
N ARG A 356 -12.61 35.21 -14.98
CA ARG A 356 -12.63 35.15 -16.47
C ARG A 356 -11.92 36.33 -17.19
N SER A 357 -11.72 37.45 -16.49
CA SER A 357 -10.96 38.59 -17.04
C SER A 357 -9.46 38.36 -17.11
N GLU A 358 -8.87 38.01 -15.97
CA GLU A 358 -7.47 37.59 -15.90
C GLU A 358 -7.25 36.32 -16.75
N ALA A 359 -8.19 35.39 -16.70
CA ALA A 359 -8.11 34.22 -17.57
C ALA A 359 -7.70 34.61 -19.01
N GLY A 360 -8.46 35.51 -19.62
CA GLY A 360 -8.29 35.93 -21.00
C GLY A 360 -6.94 36.56 -21.24
N LYS A 361 -6.47 37.31 -20.27
CA LYS A 361 -5.18 37.92 -20.38
C LYS A 361 -4.08 36.85 -20.63
N TYR A 362 -4.22 35.68 -20.00
CA TYR A 362 -3.16 34.64 -20.00
C TYR A 362 -3.52 33.40 -20.77
N ALA A 363 -4.65 33.43 -21.47
CA ALA A 363 -4.99 32.39 -22.41
C ALA A 363 -3.76 31.97 -23.23
N ALA A 364 -3.54 30.66 -23.38
CA ALA A 364 -2.33 30.13 -24.05
C ALA A 364 -2.25 30.42 -25.56
N PRO B 6 26.51 21.80 -40.91
CA PRO B 6 25.04 21.87 -41.13
C PRO B 6 24.24 21.78 -39.82
N ARG B 7 23.23 22.61 -39.73
CA ARG B 7 22.43 22.80 -38.56
C ARG B 7 21.06 22.34 -38.90
N VAL B 8 20.33 21.94 -37.86
CA VAL B 8 18.92 21.63 -37.99
C VAL B 8 18.13 22.93 -38.13
N GLU B 9 17.45 23.06 -39.26
CA GLU B 9 16.81 24.32 -39.61
C GLU B 9 15.39 24.37 -39.09
N ARG B 10 14.65 23.28 -39.31
CA ARG B 10 13.29 23.24 -38.82
C ARG B 10 12.66 21.83 -38.74
N LEU B 11 11.79 21.65 -37.76
CA LEU B 11 10.97 20.43 -37.67
C LEU B 11 9.58 20.73 -38.17
N GLU B 12 9.05 19.87 -39.04
CA GLU B 12 7.64 19.97 -39.36
C GLU B 12 6.95 18.73 -38.81
N VAL B 13 5.85 18.95 -38.10
CA VAL B 13 5.11 17.85 -37.50
C VAL B 13 3.73 17.70 -38.15
N SER B 14 3.32 16.45 -38.36
CA SER B 14 1.97 16.17 -38.84
C SER B 14 1.53 14.83 -38.31
N ALA B 15 0.22 14.58 -38.38
CA ALA B 15 -0.34 13.34 -37.88
C ALA B 15 -1.38 12.74 -38.85
N TYR B 16 -1.48 11.43 -38.83
CA TYR B 16 -2.39 10.67 -39.68
C TYR B 16 -3.11 9.61 -38.82
N THR B 17 -4.38 9.39 -39.09
CA THR B 17 -5.11 8.31 -38.45
C THR B 17 -5.59 7.37 -39.54
N VAL B 18 -5.23 6.09 -39.46
CA VAL B 18 -5.55 5.07 -40.44
C VAL B 18 -6.39 3.95 -39.82
N PRO B 19 -7.62 3.73 -40.36
CA PRO B 19 -8.49 2.64 -39.92
C PRO B 19 -7.78 1.31 -40.08
N THR B 20 -8.03 0.39 -39.17
CA THR B 20 -7.51 -0.96 -39.32
C THR B 20 -8.30 -1.59 -40.45
N ASP B 21 -7.83 -2.69 -41.03
CA ASP B 21 -8.61 -3.32 -42.10
C ASP B 21 -9.75 -4.24 -41.55
N TYR B 22 -9.80 -4.42 -40.21
CA TYR B 22 -10.74 -5.31 -39.52
C TYR B 22 -10.82 -4.82 -38.07
N PRO B 23 -11.99 -4.94 -37.41
CA PRO B 23 -11.93 -4.43 -36.02
C PRO B 23 -10.94 -5.28 -35.22
N GLU B 24 -10.13 -4.66 -34.36
CA GLU B 24 -9.08 -5.42 -33.67
C GLU B 24 -9.19 -5.34 -32.20
N SER B 25 -8.68 -6.38 -31.54
CA SER B 25 -8.63 -6.40 -30.10
C SER B 25 -7.52 -7.36 -29.62
N ASP B 26 -7.17 -7.25 -28.35
CA ASP B 26 -6.22 -8.16 -27.68
C ASP B 26 -6.73 -8.36 -26.24
N GLY B 27 -5.93 -8.97 -25.36
CA GLY B 27 -6.38 -9.28 -24.05
C GLY B 27 -6.89 -8.09 -23.28
N THR B 28 -6.33 -6.90 -23.48
CA THR B 28 -6.82 -5.78 -22.65
C THR B 28 -7.31 -4.52 -23.38
N LEU B 29 -7.41 -4.55 -24.73
CA LEU B 29 -7.88 -3.37 -25.44
C LEU B 29 -8.63 -3.74 -26.72
N GLN B 30 -9.48 -2.80 -27.18
CA GLN B 30 -10.12 -2.81 -28.52
C GLN B 30 -9.78 -1.49 -29.23
N TRP B 31 -9.60 -1.55 -30.56
CA TRP B 31 -9.30 -0.33 -31.35
C TRP B 31 -9.61 -0.57 -32.83
N ASP B 32 -9.78 0.50 -33.62
CA ASP B 32 -10.05 0.28 -35.02
C ASP B 32 -9.36 1.28 -35.89
N SER B 33 -8.32 1.88 -35.36
CA SER B 33 -7.48 2.75 -36.16
C SER B 33 -6.10 2.84 -35.51
N THR B 34 -5.17 3.50 -36.19
CA THR B 34 -3.81 3.71 -35.72
C THR B 34 -3.53 5.15 -36.01
N THR B 35 -2.91 5.85 -35.08
CA THR B 35 -2.46 7.18 -35.34
C THR B 35 -0.91 7.26 -35.41
N MET B 36 -0.40 7.74 -36.56
CA MET B 36 1.05 8.03 -36.73
C MET B 36 1.35 9.49 -36.59
N ILE B 37 2.34 9.81 -35.77
CA ILE B 37 2.85 11.20 -35.69
C ILE B 37 4.21 11.31 -36.42
N LEU B 38 4.25 12.15 -37.46
CA LEU B 38 5.44 12.26 -38.32
C LEU B 38 6.26 13.54 -38.04
N VAL B 39 7.56 13.35 -37.88
CA VAL B 39 8.46 14.47 -37.79
C VAL B 39 9.38 14.48 -39.00
N GLU B 40 9.46 15.63 -39.64
CA GLU B 40 10.48 15.87 -40.65
C GLU B 40 11.40 16.98 -40.21
N ALA B 41 12.68 16.66 -40.18
CA ALA B 41 13.72 17.61 -39.82
C ALA B 41 14.50 18.04 -41.11
N HIS B 42 14.58 19.35 -41.35
CA HIS B 42 15.36 19.87 -42.51
C HIS B 42 16.65 20.47 -42.02
N GLY B 43 17.71 20.25 -42.76
CA GLY B 43 18.97 20.88 -42.40
C GLY B 43 19.99 20.55 -43.45
N GLY B 44 20.86 21.53 -43.71
CA GLY B 44 21.94 21.36 -44.68
C GLY B 44 21.46 21.02 -46.08
N GLY B 45 20.27 21.46 -46.47
CA GLY B 45 19.76 21.12 -47.78
C GLY B 45 19.22 19.70 -47.96
N ARG B 46 19.20 18.88 -46.87
CA ARG B 46 18.57 17.54 -46.88
C ARG B 46 17.36 17.49 -45.94
N LYS B 47 16.67 16.35 -45.86
CA LYS B 47 15.73 16.17 -44.80
C LYS B 47 15.56 14.71 -44.31
N GLY B 48 15.31 14.55 -43.03
CA GLY B 48 15.16 13.23 -42.40
C GLY B 48 13.72 13.10 -41.92
N LEU B 49 13.24 11.88 -41.86
CA LEU B 49 11.93 11.72 -41.31
C LEU B 49 11.92 10.66 -40.19
N GLY B 50 11.01 10.83 -39.22
CA GLY B 50 10.90 9.89 -38.10
C GLY B 50 9.49 9.97 -37.61
N TYR B 51 9.01 8.89 -36.98
CA TYR B 51 7.63 8.84 -36.53
C TYR B 51 7.46 8.05 -35.19
N THR B 52 6.30 8.19 -34.58
CA THR B 52 5.87 7.33 -33.48
C THR B 52 4.39 6.98 -33.71
N TYR B 53 3.86 6.06 -32.92
CA TYR B 53 2.39 5.78 -32.89
C TYR B 53 1.89 6.06 -31.49
N GLY B 54 0.77 6.76 -31.36
CA GLY B 54 0.28 7.17 -30.01
C GLY B 54 -0.80 8.21 -30.25
N ASP B 55 -1.08 9.04 -29.25
CA ASP B 55 -2.14 10.05 -29.40
C ASP B 55 -1.68 11.25 -30.26
N VAL B 56 -2.66 11.88 -30.89
CA VAL B 56 -2.43 13.07 -31.67
C VAL B 56 -1.71 14.16 -30.85
N SER B 57 -1.91 14.21 -29.54
CA SER B 57 -1.24 15.22 -28.74
C SER B 57 0.28 15.12 -28.74
N VAL B 58 0.83 14.00 -29.20
CA VAL B 58 2.29 13.89 -29.35
C VAL B 58 2.81 15.02 -30.27
N GLY B 59 2.05 15.34 -31.33
CA GLY B 59 2.47 16.35 -32.29
C GLY B 59 2.57 17.70 -31.62
N ARG B 60 1.56 18.04 -30.80
CA ARG B 60 1.59 19.32 -30.08
C ARG B 60 2.79 19.37 -29.12
N PHE B 61 3.12 18.25 -28.49
CA PHE B 61 4.27 18.15 -27.60
C PHE B 61 5.59 18.38 -28.36
N VAL B 62 5.79 17.71 -29.52
CA VAL B 62 6.98 17.99 -30.34
C VAL B 62 7.07 19.51 -30.58
N GLU B 63 5.98 20.12 -31.03
CA GLU B 63 6.01 21.55 -31.44
C GLU B 63 6.23 22.42 -30.23
N SER B 64 5.61 22.04 -29.13
CA SER B 64 5.69 22.87 -27.94
C SER B 64 7.06 22.77 -27.23
N LYS B 65 7.61 21.55 -27.04
CA LYS B 65 8.84 21.39 -26.20
C LYS B 65 10.10 21.11 -27.03
N LEU B 66 9.94 20.49 -28.18
CA LEU B 66 11.14 19.87 -28.75
C LEU B 66 11.70 20.60 -29.95
N ALA B 67 10.81 21.27 -30.71
CA ALA B 67 11.22 22.02 -31.91
C ALA B 67 12.32 23.04 -31.59
N GLY B 68 12.16 23.80 -30.50
CA GLY B 68 13.13 24.86 -30.14
C GLY B 68 14.46 24.31 -29.64
N VAL B 69 14.43 23.07 -29.16
CA VAL B 69 15.65 22.42 -28.75
C VAL B 69 16.37 21.87 -30.00
N ALA B 70 15.60 21.20 -30.86
CA ALA B 70 16.25 20.62 -32.05
C ALA B 70 16.74 21.69 -33.03
N GLU B 71 15.95 22.73 -33.28
CA GLU B 71 16.31 23.77 -34.22
C GLU B 71 17.56 24.52 -33.78
N GLY B 72 18.50 24.64 -34.72
CA GLY B 72 19.72 25.32 -34.47
C GLY B 72 20.85 24.42 -34.09
N SER B 73 20.57 23.14 -33.93
CA SER B 73 21.53 22.20 -33.41
C SER B 73 22.39 21.68 -34.55
N ASP B 74 23.57 21.21 -34.19
CA ASP B 74 24.42 20.47 -35.11
C ASP B 74 23.65 19.27 -35.69
N ALA B 75 23.55 19.19 -37.02
CA ALA B 75 22.75 18.12 -37.66
C ALA B 75 23.50 16.81 -37.74
N LEU B 76 24.72 16.83 -37.28
CA LEU B 76 25.56 15.65 -37.43
C LEU B 76 25.70 14.83 -36.16
N SER B 77 25.00 15.21 -35.10
CA SER B 77 25.13 14.54 -33.82
C SER B 77 23.78 14.36 -33.10
N PRO B 78 22.88 13.49 -33.60
CA PRO B 78 21.54 13.37 -32.94
C PRO B 78 21.54 13.07 -31.42
N PRO B 79 22.47 12.21 -30.91
CA PRO B 79 22.45 11.95 -29.48
C PRO B 79 22.66 13.19 -28.55
N ALA B 80 23.46 14.18 -28.98
CA ALA B 80 23.61 15.43 -28.24
C ALA B 80 22.29 16.21 -28.11
N VAL B 81 21.51 16.24 -29.19
CA VAL B 81 20.17 16.84 -29.11
C VAL B 81 19.26 15.99 -28.23
N TRP B 82 19.38 14.67 -28.35
CA TRP B 82 18.59 13.76 -27.56
C TRP B 82 18.75 14.06 -26.06
N ALA B 83 19.98 14.29 -25.63
CA ALA B 83 20.33 14.56 -24.22
C ALA B 83 19.69 15.87 -23.75
N ARG B 84 19.68 16.87 -24.63
CA ARG B 84 19.14 18.15 -24.30
C ARG B 84 17.61 18.11 -24.26
N MET B 85 17.02 17.32 -25.16
CA MET B 85 15.58 17.08 -25.19
C MET B 85 15.11 16.43 -23.87
N GLN B 86 15.74 15.31 -23.44
CA GLN B 86 15.42 14.65 -22.17
C GLN B 86 15.51 15.61 -20.96
N ALA B 87 16.47 16.55 -20.98
CA ALA B 87 16.63 17.49 -19.85
C ALA B 87 15.49 18.49 -19.88
N ALA B 88 15.13 18.91 -21.08
CA ALA B 88 14.15 19.96 -21.25
C ALA B 88 12.75 19.56 -20.83
N ILE B 89 12.43 18.28 -20.88
CA ILE B 89 11.06 17.91 -20.62
C ILE B 89 10.87 17.32 -19.19
N ARG B 90 11.79 17.61 -18.26
CA ARG B 90 11.63 17.11 -16.88
C ARG B 90 10.23 17.39 -16.32
N ASN B 91 9.82 18.65 -16.30
CA ASN B 91 8.48 19.01 -15.83
C ASN B 91 7.38 18.62 -16.82
N ALA B 92 7.66 18.68 -18.11
CA ALA B 92 6.62 18.45 -19.11
C ALA B 92 6.18 16.98 -19.14
N GLY B 93 7.05 16.06 -18.69
CA GLY B 93 6.65 14.64 -18.61
C GLY B 93 7.48 13.82 -19.59
N ARG B 94 8.48 13.14 -19.05
CA ARG B 94 9.41 12.34 -19.81
C ARG B 94 8.79 11.06 -20.38
N PRO B 95 8.02 10.29 -19.57
CA PRO B 95 7.56 9.00 -20.11
C PRO B 95 6.25 9.16 -20.86
N GLY B 96 5.83 8.14 -21.60
CA GLY B 96 4.56 8.23 -22.35
C GLY B 96 4.67 9.19 -23.53
N VAL B 97 3.74 10.15 -23.62
CA VAL B 97 3.69 11.10 -24.74
C VAL B 97 5.03 11.78 -25.01
N GLY B 98 5.67 12.29 -23.97
CA GLY B 98 6.95 12.95 -24.11
C GLY B 98 8.01 12.04 -24.71
N ALA B 99 8.07 10.78 -24.29
CA ALA B 99 9.08 9.84 -24.76
C ALA B 99 8.80 9.45 -26.21
N MET B 100 7.51 9.37 -26.58
CA MET B 100 7.12 9.10 -27.97
C MET B 100 7.52 10.28 -28.87
N ALA B 101 7.31 11.49 -28.37
CA ALA B 101 7.71 12.72 -29.06
C ALA B 101 9.23 12.71 -29.30
N VAL B 102 10.02 12.48 -28.24
CA VAL B 102 11.49 12.45 -28.34
C VAL B 102 11.90 11.35 -29.33
N SER B 103 11.30 10.15 -29.21
CA SER B 103 11.69 9.05 -30.12
C SER B 103 11.51 9.45 -31.59
N ALA B 104 10.40 10.14 -31.90
CA ALA B 104 10.10 10.53 -33.31
C ALA B 104 11.13 11.52 -33.88
N VAL B 105 11.39 12.58 -33.11
CA VAL B 105 12.38 13.54 -33.45
C VAL B 105 13.78 12.93 -33.60
N ASP B 106 14.19 12.08 -32.65
CA ASP B 106 15.51 11.45 -32.69
C ASP B 106 15.66 10.60 -33.98
N ILE B 107 14.62 9.84 -34.31
CA ILE B 107 14.63 9.00 -35.51
C ILE B 107 14.80 9.93 -36.73
N ALA B 108 14.00 11.02 -36.79
CA ALA B 108 14.14 12.01 -37.85
C ALA B 108 15.54 12.58 -37.90
N LEU B 109 16.13 12.86 -36.74
CA LEU B 109 17.46 13.48 -36.72
C LEU B 109 18.54 12.49 -37.16
N TRP B 110 18.39 11.22 -36.78
CA TRP B 110 19.27 10.18 -37.27
C TRP B 110 19.11 9.96 -38.81
N ASP B 111 17.88 9.96 -39.31
CA ASP B 111 17.66 9.88 -40.76
C ASP B 111 18.31 11.08 -41.45
N LEU B 112 18.23 12.27 -40.82
CA LEU B 112 18.83 13.48 -41.39
C LEU B 112 20.39 13.37 -41.42
N LYS B 113 20.99 12.98 -40.29
CA LYS B 113 22.42 12.71 -40.26
C LYS B 113 22.87 11.71 -41.33
N ALA B 114 22.25 10.52 -41.40
CA ALA B 114 22.57 9.55 -42.45
C ALA B 114 22.51 10.18 -43.90
N ARG B 115 21.43 10.89 -44.21
CA ARG B 115 21.28 11.56 -45.48
C ARG B 115 22.33 12.68 -45.76
N LEU B 116 22.70 13.49 -44.77
CA LEU B 116 23.77 14.46 -44.95
C LEU B 116 25.11 13.78 -45.27
N LEU B 117 25.31 12.58 -44.73
CA LEU B 117 26.48 11.79 -45.11
C LEU B 117 26.33 10.96 -46.40
N GLY B 118 25.12 10.88 -46.94
CA GLY B 118 24.85 10.01 -48.09
C GLY B 118 24.92 8.54 -47.74
N LEU B 119 24.56 8.17 -46.51
CA LEU B 119 24.61 6.74 -46.19
C LEU B 119 23.27 6.13 -45.83
N PRO B 120 23.09 4.82 -46.14
CA PRO B 120 21.99 4.08 -45.51
C PRO B 120 22.14 4.19 -43.97
N LEU B 121 21.04 4.37 -43.25
CA LEU B 121 21.11 4.53 -41.80
C LEU B 121 21.91 3.37 -41.10
N ALA B 122 21.60 2.13 -41.46
CA ALA B 122 22.30 0.94 -41.00
C ALA B 122 23.85 0.99 -41.16
N ASP B 123 24.36 1.71 -42.16
CA ASP B 123 25.79 1.91 -42.30
C ASP B 123 26.30 3.16 -41.56
N ALA B 124 25.40 4.01 -41.12
CA ALA B 124 25.78 5.12 -40.21
C ALA B 124 25.75 4.62 -38.76
N LEU B 125 25.29 3.40 -38.54
CA LEU B 125 25.25 2.90 -37.19
C LEU B 125 26.27 1.75 -37.03
N PRO B 126 26.72 1.48 -35.80
CA PRO B 126 27.46 0.24 -35.58
C PRO B 126 26.66 -0.90 -36.18
N ARG B 127 27.26 -1.82 -36.92
CA ARG B 127 26.46 -2.84 -37.60
C ARG B 127 26.96 -4.25 -37.33
N PHE B 128 26.11 -5.05 -36.68
CA PHE B 128 26.36 -6.43 -36.43
C PHE B 128 25.69 -7.31 -37.51
N HIS B 129 24.58 -6.83 -38.06
CA HIS B 129 23.77 -7.73 -38.92
C HIS B 129 23.57 -7.16 -40.32
N ALA B 130 23.72 -8.02 -41.31
CA ALA B 130 23.41 -7.64 -42.69
C ALA B 130 21.89 -7.54 -42.86
N GLU B 131 21.18 -8.48 -42.24
CA GLU B 131 19.73 -8.43 -42.21
C GLU B 131 19.25 -8.91 -40.88
N VAL B 132 18.00 -8.61 -40.57
CA VAL B 132 17.43 -8.99 -39.26
C VAL B 132 16.18 -9.88 -39.36
N PRO B 133 16.09 -10.91 -38.50
CA PRO B 133 14.95 -11.85 -38.58
C PRO B 133 13.68 -11.25 -38.00
N VAL B 134 12.54 -11.61 -38.59
CA VAL B 134 11.26 -11.08 -38.15
C VAL B 134 10.38 -12.23 -37.71
N TYR B 135 9.38 -11.89 -36.91
CA TYR B 135 8.21 -12.76 -36.72
C TYR B 135 6.95 -12.01 -37.18
N GLY B 136 6.08 -12.73 -37.90
CA GLY B 136 4.81 -12.13 -38.34
C GLY B 136 3.89 -12.00 -37.10
N SER B 137 3.33 -10.80 -36.90
CA SER B 137 2.58 -10.55 -35.68
C SER B 137 1.19 -9.92 -35.93
N GLY B 138 0.15 -10.64 -35.49
CA GLY B 138 -1.19 -10.07 -35.42
C GLY B 138 -2.06 -11.05 -34.67
N GLY B 139 -2.94 -11.73 -35.43
CA GLY B 139 -3.78 -12.78 -34.88
C GLY B 139 -4.63 -12.30 -33.72
N PHE B 140 -5.36 -11.24 -33.96
CA PHE B 140 -6.11 -10.55 -32.94
C PHE B 140 -7.27 -11.34 -32.40
N THR B 141 -7.64 -11.05 -31.13
CA THR B 141 -8.66 -11.86 -30.48
C THR B 141 -10.03 -11.66 -31.12
N SER B 142 -10.13 -10.64 -31.96
CA SER B 142 -11.35 -10.35 -32.74
C SER B 142 -11.54 -11.18 -34.03
N TYR B 143 -10.49 -11.85 -34.48
CA TYR B 143 -10.53 -12.69 -35.67
C TYR B 143 -11.29 -14.00 -35.43
N PRO B 144 -12.21 -14.35 -36.37
CA PRO B 144 -12.76 -15.72 -36.42
C PRO B 144 -11.63 -16.69 -36.69
N LEU B 145 -11.84 -17.96 -36.41
CA LEU B 145 -10.80 -18.97 -36.68
C LEU B 145 -10.20 -18.89 -38.10
N ARG B 146 -11.08 -18.83 -39.11
CA ARG B 146 -10.61 -18.83 -40.47
C ARG B 146 -9.59 -17.68 -40.69
N ARG B 147 -9.93 -16.48 -40.26
CA ARG B 147 -9.09 -15.33 -40.51
C ARG B 147 -7.74 -15.41 -39.73
N LEU B 148 -7.82 -15.86 -38.47
CA LEU B 148 -6.62 -16.25 -37.71
C LEU B 148 -5.71 -17.21 -38.46
N GLN B 149 -6.28 -18.30 -38.97
CA GLN B 149 -5.51 -19.32 -39.69
C GLN B 149 -4.93 -18.82 -40.96
N GLU B 150 -5.72 -18.04 -41.68
CA GLU B 150 -5.31 -17.35 -42.91
C GLU B 150 -4.11 -16.44 -42.77
N GLN B 151 -4.20 -15.52 -41.82
CA GLN B 151 -3.15 -14.57 -41.57
C GLN B 151 -1.82 -15.22 -41.17
N LEU B 152 -1.88 -16.17 -40.23
CA LEU B 152 -0.65 -16.78 -39.80
C LEU B 152 -0.09 -17.74 -40.85
N GLY B 153 -0.98 -18.55 -41.45
CA GLY B 153 -0.62 -19.37 -42.61
C GLY B 153 0.03 -18.58 -43.74
N GLY B 154 -0.55 -17.44 -44.07
CA GLY B 154 0.03 -16.54 -45.09
C GLY B 154 1.49 -16.19 -44.79
N TRP B 155 1.75 -15.74 -43.56
CA TRP B 155 3.12 -15.42 -43.22
C TRP B 155 4.05 -16.64 -43.35
N ALA B 156 3.59 -17.79 -42.85
CA ALA B 156 4.37 -19.03 -42.98
C ALA B 156 4.77 -19.38 -44.41
N ALA B 157 3.81 -19.33 -45.32
CA ALA B 157 4.07 -19.70 -46.69
C ALA B 157 5.02 -18.66 -47.35
N ALA B 158 4.93 -17.40 -46.93
CA ALA B 158 5.87 -16.33 -47.35
C ALA B 158 7.29 -16.50 -46.73
N GLY B 159 7.54 -17.64 -46.10
CA GLY B 159 8.87 -17.93 -45.58
C GLY B 159 9.21 -17.24 -44.24
N ILE B 160 8.22 -16.72 -43.54
CA ILE B 160 8.41 -16.29 -42.14
C ILE B 160 8.10 -17.41 -41.12
N PRO B 161 9.14 -18.06 -40.57
CA PRO B 161 9.02 -19.31 -39.78
C PRO B 161 8.66 -19.09 -38.28
N ARG B 162 8.14 -17.88 -38.00
CA ARG B 162 7.78 -17.47 -36.64
C ARG B 162 6.56 -16.57 -36.74
N VAL B 163 5.54 -16.89 -35.99
CA VAL B 163 4.34 -16.03 -35.97
C VAL B 163 3.81 -15.86 -34.53
N LYS B 164 3.24 -14.70 -34.24
CA LYS B 164 2.64 -14.41 -32.94
C LYS B 164 1.13 -14.06 -33.09
N MET B 165 0.31 -14.55 -32.16
CA MET B 165 -1.12 -14.25 -32.09
C MET B 165 -1.45 -13.73 -30.66
N LYS B 166 -2.65 -13.20 -30.46
CA LYS B 166 -3.09 -12.70 -29.15
C LYS B 166 -3.87 -13.77 -28.44
N VAL B 167 -3.77 -13.78 -27.10
CA VAL B 167 -4.62 -14.61 -26.23
C VAL B 167 -5.12 -13.79 -25.03
N GLY B 168 -6.08 -14.36 -24.30
CA GLY B 168 -6.41 -13.89 -23.01
C GLY B 168 -7.61 -12.99 -22.94
N ARG B 169 -8.18 -12.61 -24.07
CA ARG B 169 -9.42 -11.82 -24.00
C ARG B 169 -10.65 -12.68 -23.52
N GLU B 170 -10.76 -13.90 -24.06
CA GLU B 170 -11.80 -14.85 -23.61
C GLU B 170 -11.17 -16.19 -23.39
N PRO B 171 -10.62 -16.41 -22.19
CA PRO B 171 -9.70 -17.54 -21.96
C PRO B 171 -10.25 -18.92 -22.34
N GLU B 172 -11.55 -19.13 -22.13
CA GLU B 172 -12.26 -20.36 -22.51
C GLU B 172 -12.23 -20.70 -24.01
N LYS B 173 -12.18 -19.66 -24.85
CA LYS B 173 -12.07 -19.82 -26.30
C LYS B 173 -10.60 -20.05 -26.77
N ASP B 174 -9.60 -19.69 -25.96
CA ASP B 174 -8.19 -19.78 -26.39
C ASP B 174 -7.63 -21.18 -26.77
N PRO B 175 -8.02 -22.25 -26.05
CA PRO B 175 -7.54 -23.57 -26.48
C PRO B 175 -7.84 -23.89 -27.94
N GLU B 176 -9.08 -23.66 -28.37
CA GLU B 176 -9.43 -23.89 -29.75
C GLU B 176 -8.68 -22.95 -30.73
N ARG B 177 -8.45 -21.72 -30.32
CA ARG B 177 -7.77 -20.76 -31.16
CA ARG B 177 -7.75 -20.73 -31.13
C ARG B 177 -6.28 -21.17 -31.39
N VAL B 178 -5.58 -21.60 -30.31
CA VAL B 178 -4.17 -21.96 -30.46
C VAL B 178 -4.01 -23.25 -31.23
N ARG B 179 -4.98 -24.14 -31.05
CA ARG B 179 -4.98 -25.41 -31.81
C ARG B 179 -5.20 -25.16 -33.27
N ALA B 180 -6.11 -24.25 -33.60
CA ALA B 180 -6.40 -23.87 -34.99
C ALA B 180 -5.18 -23.27 -35.67
N ALA B 181 -4.53 -22.34 -34.97
CA ALA B 181 -3.30 -21.72 -35.44
C ALA B 181 -2.24 -22.78 -35.71
N ARG B 182 -2.04 -23.68 -34.73
CA ARG B 182 -1.02 -24.70 -34.89
C ARG B 182 -1.38 -25.64 -36.07
N GLU B 183 -2.67 -25.98 -36.22
CA GLU B 183 -3.01 -26.87 -37.32
C GLU B 183 -2.73 -26.20 -38.65
N ALA B 184 -3.02 -24.89 -38.76
CA ALA B 184 -2.79 -24.18 -40.03
C ALA B 184 -1.32 -24.07 -40.39
N ILE B 185 -0.41 -23.91 -39.42
CA ILE B 185 1.00 -23.65 -39.73
C ILE B 185 1.88 -24.90 -39.72
N GLY B 186 1.43 -25.93 -39.01
CA GLY B 186 2.20 -27.20 -38.92
C GLY B 186 3.32 -27.12 -37.88
N GLU B 187 4.11 -28.19 -37.78
CA GLU B 187 5.09 -28.31 -36.72
C GLU B 187 6.36 -27.51 -36.94
N SER B 188 6.60 -27.01 -38.14
CA SER B 188 7.90 -26.46 -38.40
C SER B 188 7.96 -24.93 -38.19
N VAL B 189 6.88 -24.32 -37.74
CA VAL B 189 6.83 -22.87 -37.63
C VAL B 189 6.74 -22.55 -36.15
N GLU B 190 7.45 -21.53 -35.70
CA GLU B 190 7.33 -21.17 -34.30
C GLU B 190 5.99 -20.43 -34.00
N LEU B 191 5.33 -20.88 -32.92
CA LEU B 191 4.06 -20.29 -32.48
C LEU B 191 4.23 -19.50 -31.17
N MET B 192 3.91 -18.20 -31.21
CA MET B 192 4.24 -17.28 -30.13
C MET B 192 2.90 -16.71 -29.70
N VAL B 193 2.75 -16.38 -28.42
CA VAL B 193 1.50 -15.68 -27.98
C VAL B 193 1.78 -14.46 -27.11
N ASP B 194 0.79 -13.56 -27.08
CA ASP B 194 0.89 -12.32 -26.38
C ASP B 194 -0.42 -12.18 -25.62
N ALA B 195 -0.34 -12.01 -24.30
CA ALA B 195 -1.54 -11.90 -23.47
C ALA B 195 -1.89 -10.41 -23.21
N ASN B 196 -1.01 -9.49 -23.61
CA ASN B 196 -1.18 -8.09 -23.33
C ASN B 196 -1.68 -7.80 -21.91
N GLY B 197 -1.10 -8.45 -20.92
CA GLY B 197 -1.35 -8.10 -19.50
C GLY B 197 -2.67 -8.63 -18.94
N ALA B 198 -3.30 -9.57 -19.64
CA ALA B 198 -4.66 -10.03 -19.33
C ALA B 198 -4.82 -10.94 -18.10
N TYR B 199 -3.74 -11.59 -17.67
CA TYR B 199 -3.89 -12.61 -16.68
C TYR B 199 -3.43 -12.14 -15.30
N THR B 200 -3.96 -12.80 -14.25
CA THR B 200 -3.36 -12.74 -12.93
C THR B 200 -2.19 -13.70 -12.93
N ARG B 201 -1.36 -13.64 -11.90
CA ARG B 201 -0.19 -14.53 -11.80
C ARG B 201 -0.43 -16.03 -11.89
N LYS B 202 -1.34 -16.56 -11.08
CA LYS B 202 -1.63 -17.97 -11.10
C LYS B 202 -2.39 -18.39 -12.37
N GLN B 203 -3.15 -17.46 -12.93
CA GLN B 203 -3.85 -17.75 -14.18
C GLN B 203 -2.82 -17.84 -15.31
N ALA B 204 -1.93 -16.85 -15.37
CA ALA B 204 -0.77 -16.86 -16.30
C ALA B 204 0.00 -18.16 -16.20
N LEU B 205 0.24 -18.60 -14.96
CA LEU B 205 0.97 -19.80 -14.77
C LEU B 205 0.21 -20.99 -15.31
N TYR B 206 -1.10 -21.04 -15.10
CA TYR B 206 -1.91 -22.13 -15.69
C TYR B 206 -1.74 -22.15 -17.24
N TRP B 207 -1.96 -20.98 -17.85
CA TRP B 207 -1.98 -20.83 -19.34
C TRP B 207 -0.66 -21.08 -20.05
N ALA B 208 0.43 -20.72 -19.40
CA ALA B 208 1.73 -21.01 -19.97
C ALA B 208 1.87 -22.54 -20.19
N GLY B 209 1.53 -23.34 -19.15
CA GLY B 209 1.51 -24.80 -19.22
C GLY B 209 0.57 -25.38 -20.23
N ALA B 210 -0.70 -24.93 -20.22
CA ALA B 210 -1.77 -25.35 -21.11
C ALA B 210 -1.44 -25.09 -22.58
N PHE B 211 -1.07 -23.85 -22.91
CA PHE B 211 -0.66 -23.51 -24.26
C PHE B 211 0.51 -24.34 -24.76
N ALA B 212 1.51 -24.55 -23.90
CA ALA B 212 2.61 -25.45 -24.25
C ALA B 212 2.10 -26.89 -24.61
N ARG B 213 1.29 -27.49 -23.73
CA ARG B 213 0.70 -28.81 -24.00
C ARG B 213 -0.22 -28.79 -25.23
N GLU B 214 -1.04 -27.75 -25.39
CA GLU B 214 -2.08 -27.73 -26.44
C GLU B 214 -1.48 -27.51 -27.86
N ALA B 215 -0.51 -26.60 -27.96
CA ALA B 215 -0.05 -26.14 -29.30
C ALA B 215 1.46 -25.92 -29.36
N GLY B 216 2.18 -26.31 -28.31
CA GLY B 216 3.62 -26.25 -28.32
C GLY B 216 4.16 -24.83 -28.51
N ILE B 217 3.53 -23.82 -27.88
CA ILE B 217 4.04 -22.48 -27.93
C ILE B 217 5.46 -22.35 -27.34
N SER B 218 6.20 -21.36 -27.79
CA SER B 218 7.57 -21.25 -27.37
C SER B 218 7.83 -19.85 -26.82
N TYR B 219 6.77 -19.03 -26.66
CA TYR B 219 6.95 -17.65 -26.33
C TYR B 219 5.69 -17.11 -25.70
N LEU B 220 5.82 -16.46 -24.54
CA LEU B 220 4.63 -15.87 -23.94
C LEU B 220 4.89 -14.46 -23.45
N GLU B 221 4.21 -13.52 -24.07
CA GLU B 221 4.51 -12.12 -23.91
C GLU B 221 3.51 -11.48 -22.98
N GLU B 222 4.01 -10.61 -22.09
CA GLU B 222 3.16 -9.83 -21.21
C GLU B 222 2.08 -10.74 -20.54
N PRO B 223 2.50 -11.84 -19.92
CA PRO B 223 1.49 -12.69 -19.24
C PRO B 223 0.67 -11.92 -18.25
N VAL B 224 1.32 -11.03 -17.47
CA VAL B 224 0.68 -10.29 -16.41
C VAL B 224 0.79 -8.83 -16.70
N SER B 225 0.10 -8.02 -15.90
CA SER B 225 0.09 -6.59 -16.06
C SER B 225 1.43 -5.88 -16.33
N SER B 226 2.55 -6.40 -15.85
CA SER B 226 3.82 -5.82 -16.33
C SER B 226 4.26 -4.49 -15.66
N GLU B 227 3.33 -3.74 -15.08
CA GLU B 227 3.74 -2.95 -13.92
C GLU B 227 4.21 -4.01 -12.91
N ASP B 228 3.73 -5.23 -13.11
CA ASP B 228 3.89 -6.33 -12.15
C ASP B 228 5.21 -7.09 -12.37
N ARG B 229 6.30 -6.45 -11.96
CA ARG B 229 7.63 -7.00 -12.19
C ARG B 229 7.81 -8.28 -11.43
N GLU B 230 7.28 -8.33 -10.22
CA GLU B 230 7.39 -9.51 -9.38
C GLU B 230 6.61 -10.71 -9.95
N GLY B 231 5.47 -10.48 -10.56
CA GLY B 231 4.75 -11.56 -11.21
C GLY B 231 5.46 -12.05 -12.45
N LEU B 232 6.11 -11.13 -13.19
CA LEU B 232 6.92 -11.53 -14.32
C LEU B 232 8.01 -12.48 -13.86
N ARG B 233 8.78 -12.04 -12.85
CA ARG B 233 9.86 -12.83 -12.26
CA ARG B 233 9.85 -12.85 -12.25
C ARG B 233 9.37 -14.20 -11.79
N LEU B 234 8.18 -14.26 -11.18
CA LEU B 234 7.63 -15.56 -10.81
C LEU B 234 7.34 -16.45 -12.00
N LEU B 235 6.83 -15.86 -13.09
CA LEU B 235 6.59 -16.65 -14.29
C LEU B 235 7.86 -17.08 -15.00
N ARG B 236 8.85 -16.21 -15.02
CA ARG B 236 10.19 -16.58 -15.44
C ARG B 236 10.72 -17.78 -14.62
N ASP B 237 10.61 -17.70 -13.30
CA ASP B 237 11.18 -18.74 -12.43
C ASP B 237 10.40 -20.05 -12.47
N ARG B 238 9.07 -20.00 -12.67
CA ARG B 238 8.19 -21.18 -12.56
CA ARG B 238 8.21 -21.18 -12.56
C ARG B 238 7.59 -21.70 -13.87
N GLY B 239 7.68 -20.90 -14.95
CA GLY B 239 7.14 -21.27 -16.24
C GLY B 239 7.72 -22.54 -16.82
N PRO B 240 7.08 -23.12 -17.82
CA PRO B 240 7.57 -24.35 -18.41
C PRO B 240 8.82 -24.19 -19.29
N GLY B 241 9.65 -25.23 -19.35
CA GLY B 241 10.79 -25.24 -20.24
C GLY B 241 10.36 -24.99 -21.69
N GLY B 242 11.13 -24.22 -22.43
CA GLY B 242 10.82 -24.00 -23.84
C GLY B 242 9.81 -22.87 -24.10
N VAL B 243 9.25 -22.27 -23.06
CA VAL B 243 8.33 -21.16 -23.23
C VAL B 243 9.04 -19.90 -22.70
N ALA B 244 9.55 -19.06 -23.61
CA ALA B 244 10.22 -17.82 -23.18
C ALA B 244 9.23 -16.84 -22.67
N ILE B 245 9.53 -16.28 -21.52
CA ILE B 245 8.70 -15.22 -20.94
C ILE B 245 9.22 -13.86 -21.42
N ALA B 246 8.37 -13.08 -22.09
CA ALA B 246 8.84 -11.83 -22.72
C ALA B 246 8.04 -10.60 -22.26
N ALA B 247 8.74 -9.47 -22.10
CA ALA B 247 8.08 -8.20 -21.81
C ALA B 247 9.01 -7.03 -22.10
N GLY B 248 8.45 -5.81 -22.01
CA GLY B 248 9.22 -4.59 -22.26
C GLY B 248 8.63 -3.50 -23.16
N GLU B 249 7.56 -3.71 -23.88
CA GLU B 249 7.00 -2.58 -24.70
C GLU B 249 6.69 -1.26 -23.98
N TYR B 250 6.34 -1.27 -22.69
CA TYR B 250 6.02 0.01 -21.97
C TYR B 250 7.15 0.64 -21.15
N GLU B 251 8.35 0.17 -21.39
CA GLU B 251 9.48 0.72 -20.72
C GLU B 251 9.90 2.03 -21.43
N TRP B 252 9.91 3.12 -20.69
CA TRP B 252 10.12 4.40 -21.34
C TRP B 252 11.59 4.79 -21.18
N THR B 253 12.22 4.32 -20.09
CA THR B 253 13.62 4.64 -19.83
C THR B 253 14.59 3.48 -19.63
N LEU B 254 15.87 3.85 -19.72
CA LEU B 254 16.94 2.87 -19.56
C LEU B 254 16.98 2.25 -18.16
N PRO B 255 16.75 3.04 -17.13
CA PRO B 255 16.68 2.39 -15.80
C PRO B 255 15.55 1.37 -15.66
N GLN B 256 14.46 1.54 -16.40
CA GLN B 256 13.29 0.62 -16.27
C GLN B 256 13.63 -0.66 -16.97
N LEU B 257 14.27 -0.50 -18.11
CA LEU B 257 14.79 -1.64 -18.90
C LEU B 257 15.77 -2.49 -18.10
N HIS B 258 16.72 -1.82 -17.44
CA HIS B 258 17.60 -2.51 -16.50
C HIS B 258 16.87 -3.36 -15.46
N ASP B 259 15.84 -2.80 -14.83
CA ASP B 259 15.01 -3.57 -13.83
C ASP B 259 14.33 -4.75 -14.51
N LEU B 260 13.70 -4.48 -15.66
CA LEU B 260 12.97 -5.52 -16.35
C LEU B 260 13.88 -6.69 -16.71
N ALA B 261 15.11 -6.40 -17.16
CA ALA B 261 16.02 -7.46 -17.61
C ALA B 261 16.26 -8.57 -16.59
N GLY B 262 16.05 -8.28 -15.30
CA GLY B 262 16.18 -9.37 -14.31
C GLY B 262 14.94 -10.22 -14.11
N CYS B 263 13.85 -9.89 -14.80
CA CYS B 263 12.58 -10.60 -14.62
C CYS B 263 12.06 -11.39 -15.84
N VAL B 264 12.77 -11.36 -16.97
CA VAL B 264 12.20 -11.98 -18.19
C VAL B 264 13.22 -12.87 -18.81
N ASP B 265 12.76 -13.75 -19.73
CA ASP B 265 13.65 -14.56 -20.60
C ASP B 265 14.13 -13.78 -21.81
N ILE B 266 13.29 -12.90 -22.34
CA ILE B 266 13.60 -12.06 -23.54
C ILE B 266 13.13 -10.67 -23.19
N LEU B 267 13.99 -9.68 -23.44
CA LEU B 267 13.67 -8.25 -23.19
C LEU B 267 13.22 -7.57 -24.46
N GLN B 268 12.20 -6.73 -24.36
CA GLN B 268 11.67 -6.06 -25.50
C GLN B 268 11.74 -4.57 -25.29
N ALA B 269 11.73 -3.81 -26.38
CA ALA B 269 11.64 -2.35 -26.32
C ALA B 269 11.09 -1.95 -27.68
N ASP B 270 10.44 -0.81 -27.74
CA ASP B 270 9.83 -0.33 -28.96
C ASP B 270 10.61 0.92 -29.38
N VAL B 271 11.23 0.91 -30.56
CA VAL B 271 12.07 2.07 -30.94
C VAL B 271 11.31 3.41 -30.95
N THR B 272 9.98 3.34 -30.99
CA THR B 272 9.11 4.58 -31.11
C THR B 272 8.69 5.10 -29.75
N ARG B 273 9.09 4.40 -28.69
CA ARG B 273 8.74 4.78 -27.31
C ARG B 273 9.98 4.92 -26.42
N CYS B 274 10.99 4.05 -26.62
CA CYS B 274 12.14 4.00 -25.72
C CYS B 274 13.23 5.07 -26.02
N GLY B 275 12.92 6.06 -26.83
CA GLY B 275 13.94 7.08 -27.08
C GLY B 275 14.55 7.05 -28.47
N GLY B 276 13.93 6.33 -29.43
CA GLY B 276 14.35 6.44 -30.80
C GLY B 276 15.57 5.56 -30.99
N ILE B 277 16.32 5.79 -32.08
CA ILE B 277 17.62 5.11 -32.33
C ILE B 277 18.60 5.30 -31.14
N THR B 278 18.76 6.54 -30.68
CA THR B 278 19.71 6.83 -29.61
C THR B 278 19.38 5.94 -28.39
N GLY B 279 18.10 5.85 -28.00
CA GLY B 279 17.74 5.03 -26.82
C GLY B 279 17.95 3.57 -27.09
N LEU B 280 17.55 3.09 -28.27
CA LEU B 280 17.66 1.68 -28.59
C LEU B 280 19.12 1.20 -28.66
N LEU B 281 20.04 2.10 -29.01
CA LEU B 281 21.45 1.79 -29.01
C LEU B 281 21.95 1.40 -27.61
N ARG B 282 21.24 1.81 -26.59
CA ARG B 282 21.66 1.44 -25.26
C ARG B 282 21.14 0.05 -24.78
N VAL B 283 20.12 -0.54 -25.44
CA VAL B 283 19.53 -1.81 -24.92
C VAL B 283 20.52 -2.95 -25.03
N ASP B 284 21.44 -2.80 -25.96
CA ASP B 284 22.40 -3.84 -26.22
C ASP B 284 23.27 -4.14 -25.05
N GLY B 285 23.74 -3.10 -24.37
CA GLY B 285 24.61 -3.30 -23.24
C GLY B 285 23.83 -3.87 -22.07
N ILE B 286 22.56 -3.51 -21.94
CA ILE B 286 21.70 -4.09 -20.91
C ILE B 286 21.52 -5.58 -21.16
N CYS B 287 21.27 -5.98 -22.40
CA CYS B 287 21.02 -7.36 -22.72
C CYS B 287 22.27 -8.25 -22.74
N ARG B 288 23.39 -7.72 -23.20
CA ARG B 288 24.66 -8.47 -23.15
C ARG B 288 25.12 -8.56 -21.71
N GLY B 289 24.87 -7.49 -20.95
CA GLY B 289 25.22 -7.44 -19.56
C GLY B 289 24.49 -8.52 -18.79
N HIS B 290 23.16 -8.65 -19.03
CA HIS B 290 22.38 -9.68 -18.34
C HIS B 290 22.40 -10.99 -19.06
N GLN B 291 23.02 -11.04 -20.21
CA GLN B 291 23.08 -12.24 -21.00
C GLN B 291 21.73 -12.81 -21.45
N ILE B 292 20.82 -11.92 -21.85
CA ILE B 292 19.51 -12.37 -22.34
C ILE B 292 19.32 -11.87 -23.78
N PRO B 293 18.43 -12.51 -24.57
CA PRO B 293 18.09 -12.00 -25.89
C PRO B 293 17.24 -10.73 -25.90
N PHE B 294 17.29 -10.00 -27.01
CA PHE B 294 16.46 -8.80 -27.20
C PHE B 294 15.46 -8.98 -28.37
N SER B 295 14.25 -8.49 -28.23
CA SER B 295 13.30 -8.52 -29.38
C SER B 295 12.60 -7.19 -29.55
N ALA B 296 12.67 -6.64 -30.77
CA ALA B 296 12.15 -5.29 -31.00
C ALA B 296 10.62 -5.39 -31.16
N HIS B 297 9.93 -4.40 -30.66
CA HIS B 297 8.50 -4.40 -30.66
C HIS B 297 7.91 -3.30 -31.58
N CYS B 298 7.15 -3.70 -32.62
CA CYS B 298 6.38 -2.78 -33.48
C CYS B 298 7.27 -1.89 -34.37
N ALA B 299 6.61 -1.00 -35.12
CA ALA B 299 7.28 -0.12 -36.05
C ALA B 299 8.34 -0.78 -36.93
N PRO B 300 7.96 -1.81 -37.72
CA PRO B 300 9.01 -2.56 -38.43
C PRO B 300 9.96 -1.73 -39.31
N ALA B 301 9.45 -0.69 -39.97
CA ALA B 301 10.24 0.06 -40.94
C ALA B 301 11.39 0.82 -40.24
N VAL B 302 11.16 1.38 -39.08
CA VAL B 302 12.34 1.98 -38.42
C VAL B 302 13.23 0.91 -37.73
N SER B 303 12.58 -0.06 -37.11
CA SER B 303 13.28 -1.08 -36.38
C SER B 303 14.24 -1.86 -37.25
N ALA B 304 13.94 -2.00 -38.54
CA ALA B 304 14.82 -2.80 -39.40
C ALA B 304 16.25 -2.26 -39.49
N HIS B 305 16.36 -0.93 -39.50
CA HIS B 305 17.66 -0.29 -39.51
C HIS B 305 18.36 -0.33 -38.13
N ALA B 306 17.63 0.13 -37.11
CA ALA B 306 18.10 0.23 -35.75
C ALA B 306 18.59 -1.11 -35.22
N CYS B 307 17.85 -2.16 -35.51
CA CYS B 307 18.19 -3.50 -35.02
C CYS B 307 19.39 -4.12 -35.67
N CYS B 308 19.88 -3.56 -36.80
CA CYS B 308 21.14 -4.06 -37.38
C CYS B 308 22.32 -3.78 -36.48
N ALA B 309 22.13 -2.86 -35.54
CA ALA B 309 23.16 -2.46 -34.55
C ALA B 309 23.06 -3.21 -33.22
N VAL B 310 22.08 -4.11 -33.04
CA VAL B 310 21.89 -4.73 -31.72
C VAL B 310 22.41 -6.17 -31.79
N GLU B 311 23.52 -6.43 -31.13
CA GLU B 311 24.12 -7.75 -31.16
C GLU B 311 23.18 -8.81 -30.59
N SER B 312 22.40 -8.43 -29.59
CA SER B 312 21.65 -9.43 -28.86
C SER B 312 20.31 -9.70 -29.52
N LEU B 313 20.10 -9.15 -30.73
CA LEU B 313 18.77 -9.27 -31.37
C LEU B 313 18.41 -10.73 -31.57
N LEU B 314 17.20 -11.11 -31.18
CA LEU B 314 16.70 -12.44 -31.52
C LEU B 314 15.79 -12.29 -32.76
N HIS B 315 14.85 -11.35 -32.71
CA HIS B 315 14.03 -11.01 -33.90
C HIS B 315 13.37 -9.64 -33.66
N LEU B 316 12.86 -9.02 -34.72
CA LEU B 316 11.96 -7.89 -34.58
C LEU B 316 10.49 -8.24 -34.89
N GLU B 317 9.55 -7.45 -34.41
CA GLU B 317 8.17 -7.76 -34.62
C GLU B 317 7.63 -7.16 -35.95
N TYR B 318 7.18 -8.02 -36.87
CA TYR B 318 6.52 -7.51 -38.07
C TYR B 318 5.05 -7.29 -37.73
N PHE B 319 4.75 -6.21 -37.02
CA PHE B 319 3.40 -6.00 -36.52
C PHE B 319 2.43 -5.58 -37.61
N HIS B 320 1.33 -6.35 -37.74
CA HIS B 320 0.37 -6.17 -38.85
C HIS B 320 -0.06 -4.73 -39.01
N ASP B 321 -0.56 -4.09 -37.94
CA ASP B 321 -1.08 -2.71 -38.06
C ASP B 321 -0.05 -1.76 -38.68
N HIS B 322 1.19 -1.87 -38.24
CA HIS B 322 2.24 -0.93 -38.61
C HIS B 322 2.84 -1.25 -39.97
N ALA B 323 3.05 -2.53 -40.27
CA ALA B 323 3.53 -2.90 -41.60
C ALA B 323 2.54 -2.38 -42.65
N ARG B 324 1.25 -2.56 -42.38
CA ARG B 324 0.22 -2.00 -43.26
C ARG B 324 0.21 -0.45 -43.32
N VAL B 325 0.19 0.25 -42.18
CA VAL B 325 0.19 1.74 -42.19
C VAL B 325 1.47 2.29 -42.88
N GLU B 326 2.58 1.59 -42.70
CA GLU B 326 3.85 2.12 -43.18
C GLU B 326 3.94 1.94 -44.71
N ARG B 327 3.40 0.81 -45.19
CA ARG B 327 3.30 0.53 -46.60
C ARG B 327 2.38 1.52 -47.35
N LEU B 328 1.40 2.01 -46.63
CA LEU B 328 0.43 2.90 -47.18
C LEU B 328 0.90 4.34 -47.25
N LEU B 329 1.70 4.77 -46.26
CA LEU B 329 2.13 6.16 -46.12
C LEU B 329 3.51 6.42 -46.68
N PHE B 330 4.28 5.36 -46.87
CA PHE B 330 5.68 5.52 -47.27
C PHE B 330 6.02 4.75 -48.51
N ASP B 331 6.85 5.34 -49.31
CA ASP B 331 7.56 4.58 -50.30
C ASP B 331 8.87 4.18 -49.58
N GLY B 332 9.35 2.97 -49.84
CA GLY B 332 10.66 2.54 -49.39
C GLY B 332 10.65 1.46 -48.31
N THR B 333 9.49 0.98 -47.89
CA THR B 333 9.47 -0.05 -46.83
C THR B 333 10.04 -1.39 -47.34
N LEU B 334 10.36 -2.28 -46.39
CA LEU B 334 11.04 -3.47 -46.76
C LEU B 334 10.15 -4.69 -46.71
N ASP B 335 10.44 -5.65 -47.56
CA ASP B 335 9.60 -6.83 -47.71
C ASP B 335 10.19 -7.92 -46.80
N PRO B 336 9.37 -8.52 -45.91
CA PRO B 336 9.84 -9.58 -44.99
C PRO B 336 9.93 -10.99 -45.59
N GLU B 337 9.64 -11.13 -46.89
CA GLU B 337 9.62 -12.47 -47.53
C GLU B 337 10.93 -13.20 -47.26
N GLY B 338 10.85 -14.47 -46.87
CA GLY B 338 12.05 -15.22 -46.49
C GLY B 338 12.35 -15.13 -45.00
N GLY B 339 11.61 -14.29 -44.28
CA GLY B 339 11.76 -14.24 -42.81
C GLY B 339 12.65 -13.18 -42.17
N SER B 340 13.26 -12.31 -42.99
CA SER B 340 14.17 -11.24 -42.56
C SER B 340 13.87 -9.93 -43.28
N LEU B 341 14.25 -8.81 -42.67
CA LEU B 341 14.29 -7.53 -43.37
C LEU B 341 15.77 -7.13 -43.65
N ARG B 342 16.05 -6.65 -44.87
CA ARG B 342 17.41 -6.30 -45.30
C ARG B 342 17.48 -4.83 -45.71
N PRO B 343 18.09 -3.97 -44.88
CA PRO B 343 18.11 -2.54 -45.31
C PRO B 343 18.64 -2.41 -46.76
N ASP B 344 18.05 -1.49 -47.52
CA ASP B 344 18.44 -1.32 -48.94
C ASP B 344 19.74 -0.51 -48.91
N PRO B 345 20.86 -1.10 -49.40
CA PRO B 345 22.15 -0.35 -49.47
C PRO B 345 22.21 0.83 -50.44
N ASP B 346 21.21 1.01 -51.29
CA ASP B 346 21.26 2.11 -52.28
C ASP B 346 20.38 3.30 -51.88
N ARG B 347 19.64 3.17 -50.77
CA ARG B 347 18.87 4.26 -50.29
C ARG B 347 19.51 4.83 -49.02
N PRO B 348 19.79 6.13 -49.04
CA PRO B 348 20.33 6.75 -47.81
C PRO B 348 19.31 6.89 -46.67
N GLY B 349 19.82 7.02 -45.44
CA GLY B 349 18.98 7.13 -44.28
C GLY B 349 18.04 5.96 -44.20
N LEU B 350 16.78 6.22 -43.84
CA LEU B 350 15.83 5.13 -43.67
C LEU B 350 15.29 4.62 -44.98
N GLY B 351 15.52 5.34 -46.10
CA GLY B 351 15.01 4.82 -47.37
C GLY B 351 13.53 5.09 -47.54
N LEU B 352 12.93 5.87 -46.61
CA LEU B 352 11.47 6.13 -46.56
C LEU B 352 11.08 7.52 -47.02
N GLU B 353 10.10 7.59 -47.92
CA GLU B 353 9.55 8.85 -48.44
C GLU B 353 8.05 8.89 -48.21
N LEU B 354 7.57 9.96 -47.61
CA LEU B 354 6.14 10.12 -47.40
C LEU B 354 5.41 10.17 -48.76
N LYS B 355 4.35 9.38 -48.94
CA LYS B 355 3.47 9.54 -50.13
C LYS B 355 2.44 10.59 -49.76
N ARG B 356 2.71 11.85 -50.15
CA ARG B 356 1.97 13.04 -49.68
C ARG B 356 0.47 13.06 -49.93
N SER B 357 0.05 12.76 -51.14
CA SER B 357 -1.37 12.73 -51.48
C SER B 357 -2.11 11.57 -50.79
N GLU B 358 -1.46 10.43 -50.69
CA GLU B 358 -2.05 9.31 -50.00
C GLU B 358 -2.24 9.64 -48.52
N ALA B 359 -1.20 10.16 -47.89
CA ALA B 359 -1.28 10.53 -46.51
C ALA B 359 -2.25 11.68 -46.22
N GLY B 360 -2.34 12.68 -47.12
CA GLY B 360 -3.28 13.83 -46.98
C GLY B 360 -4.67 13.28 -46.79
N LYS B 361 -4.93 12.14 -47.41
CA LYS B 361 -6.18 11.46 -47.27
C LYS B 361 -6.49 11.10 -45.80
N TYR B 362 -5.44 10.82 -44.99
CA TYR B 362 -5.60 10.29 -43.61
C TYR B 362 -5.17 11.30 -42.51
N ALA B 363 -5.04 12.58 -42.87
CA ALA B 363 -4.62 13.60 -41.90
C ALA B 363 -5.51 13.58 -40.67
N ALA B 364 -4.93 13.59 -39.48
CA ALA B 364 -5.69 13.32 -38.25
C ALA B 364 -6.73 14.43 -37.99
N PRO C 6 -23.59 18.93 12.71
CA PRO C 6 -24.15 17.71 13.31
C PRO C 6 -23.10 16.90 14.05
N ARG C 7 -23.42 16.57 15.29
CA ARG C 7 -22.52 15.86 16.17
C ARG C 7 -23.01 14.44 16.45
N VAL C 8 -22.09 13.56 16.83
CA VAL C 8 -22.50 12.25 17.23
C VAL C 8 -23.06 12.42 18.61
N GLU C 9 -24.36 12.26 18.74
CA GLU C 9 -25.00 12.49 20.03
C GLU C 9 -24.79 11.27 20.92
N ARG C 10 -25.21 10.09 20.49
CA ARG C 10 -24.95 8.93 21.34
C ARG C 10 -24.72 7.65 20.56
N LEU C 11 -23.99 6.73 21.20
CA LEU C 11 -23.80 5.39 20.70
C LEU C 11 -24.51 4.37 21.55
N GLU C 12 -25.33 3.53 20.97
CA GLU C 12 -25.81 2.38 21.72
C GLU C 12 -25.33 1.08 21.13
N VAL C 13 -25.11 0.13 22.03
CA VAL C 13 -24.43 -1.10 21.75
C VAL C 13 -25.35 -2.20 22.23
N SER C 14 -25.56 -3.21 21.39
CA SER C 14 -26.26 -4.44 21.85
C SER C 14 -25.68 -5.66 21.17
N ALA C 15 -25.99 -6.84 21.71
CA ALA C 15 -25.48 -8.08 21.14
C ALA C 15 -26.56 -9.15 20.97
N TYR C 16 -26.35 -10.02 19.99
CA TYR C 16 -27.34 -11.03 19.62
C TYR C 16 -26.64 -12.33 19.33
N THR C 17 -27.18 -13.41 19.87
CA THR C 17 -26.71 -14.75 19.54
C THR C 17 -27.75 -15.58 18.79
N VAL C 18 -27.35 -16.06 17.63
CA VAL C 18 -28.20 -16.81 16.77
C VAL C 18 -27.61 -18.18 16.54
N PRO C 19 -28.32 -19.23 16.94
CA PRO C 19 -27.80 -20.57 16.67
C PRO C 19 -27.64 -20.80 15.17
N THR C 20 -26.72 -21.66 14.80
CA THR C 20 -26.59 -22.06 13.41
C THR C 20 -27.76 -22.98 13.07
N ASP C 21 -28.11 -23.08 11.78
CA ASP C 21 -29.19 -23.97 11.40
C ASP C 21 -28.76 -25.45 11.35
N TYR C 22 -27.44 -25.68 11.52
CA TYR C 22 -26.90 -27.04 11.60
C TYR C 22 -25.60 -26.92 12.38
N PRO C 23 -25.15 -28.00 13.06
CA PRO C 23 -23.86 -27.91 13.74
C PRO C 23 -22.69 -27.71 12.74
N GLU C 24 -21.79 -26.78 13.03
CA GLU C 24 -20.77 -26.36 12.07
C GLU C 24 -19.31 -26.58 12.49
N SER C 25 -18.47 -26.85 11.49
CA SER C 25 -17.06 -26.96 11.74
C SER C 25 -16.28 -26.68 10.46
N ASP C 26 -14.98 -26.40 10.65
CA ASP C 26 -14.06 -26.30 9.56
C ASP C 26 -12.76 -27.02 10.02
N GLY C 27 -11.65 -26.87 9.29
CA GLY C 27 -10.47 -27.66 9.65
C GLY C 27 -9.96 -27.46 11.08
N THR C 28 -10.26 -26.32 11.71
CA THR C 28 -9.66 -26.06 13.03
C THR C 28 -10.61 -25.59 14.14
N LEU C 29 -11.91 -25.61 13.90
CA LEU C 29 -12.87 -25.09 14.88
C LEU C 29 -14.22 -25.77 14.69
N GLN C 30 -15.00 -25.86 15.78
CA GLN C 30 -16.41 -26.25 15.76
C GLN C 30 -17.19 -25.18 16.48
N TRP C 31 -18.39 -24.88 15.98
CA TRP C 31 -19.23 -23.84 16.59
C TRP C 31 -20.70 -24.16 16.29
N ASP C 32 -21.64 -23.58 17.04
CA ASP C 32 -23.05 -23.79 16.72
C ASP C 32 -23.93 -22.55 16.92
N SER C 33 -23.28 -21.40 17.11
CA SER C 33 -24.00 -20.15 17.08
C SER C 33 -23.15 -19.08 16.47
N THR C 34 -23.76 -17.92 16.25
CA THR C 34 -23.05 -16.71 15.81
C THR C 34 -23.46 -15.57 16.76
N THR C 35 -22.51 -14.74 17.19
CA THR C 35 -22.83 -13.56 17.98
C THR C 35 -22.51 -12.28 17.19
N MET C 36 -23.53 -11.43 16.97
CA MET C 36 -23.36 -10.12 16.31
C MET C 36 -23.34 -9.03 17.39
N ILE C 37 -22.38 -8.12 17.32
CA ILE C 37 -22.40 -6.95 18.18
C ILE C 37 -22.78 -5.78 17.32
N LEU C 38 -23.88 -5.15 17.70
CA LEU C 38 -24.49 -4.07 16.91
C LEU C 38 -24.28 -2.74 17.60
N VAL C 39 -23.74 -1.78 16.85
CA VAL C 39 -23.56 -0.40 17.34
C VAL C 39 -24.55 0.49 16.57
N GLU C 40 -25.25 1.38 17.30
CA GLU C 40 -26.13 2.36 16.66
C GLU C 40 -25.68 3.71 17.07
N ALA C 41 -25.42 4.55 16.06
CA ALA C 41 -24.96 5.92 16.29
C ALA C 41 -26.01 6.93 15.84
N HIS C 42 -26.35 7.86 16.74
CA HIS C 42 -27.40 8.86 16.50
C HIS C 42 -26.77 10.22 16.41
N GLY C 43 -27.18 10.99 15.40
CA GLY C 43 -26.78 12.39 15.33
C GLY C 43 -27.55 13.09 14.22
N GLY C 44 -27.74 14.41 14.33
CA GLY C 44 -28.43 15.20 13.30
C GLY C 44 -29.77 14.61 12.83
N GLY C 45 -30.55 14.08 13.78
CA GLY C 45 -31.85 13.49 13.45
C GLY C 45 -31.79 12.20 12.66
N ARG C 46 -30.58 11.61 12.55
CA ARG C 46 -30.40 10.35 11.85
C ARG C 46 -29.75 9.26 12.70
N LYS C 47 -29.77 8.03 12.17
CA LYS C 47 -29.26 6.85 12.86
C LYS C 47 -28.40 5.89 11.99
N GLY C 48 -27.13 5.74 12.37
CA GLY C 48 -26.26 4.82 11.69
C GLY C 48 -26.15 3.50 12.41
N LEU C 49 -26.00 2.43 11.65
CA LEU C 49 -25.95 1.14 12.25
C LEU C 49 -24.67 0.44 11.78
N GLY C 50 -24.01 -0.30 12.66
CA GLY C 50 -22.73 -1.00 12.31
C GLY C 50 -22.56 -2.23 13.18
N TYR C 51 -21.85 -3.24 12.71
CA TYR C 51 -21.76 -4.47 13.49
C TYR C 51 -20.49 -5.26 13.20
N THR C 52 -20.26 -6.25 14.08
CA THR C 52 -19.17 -7.15 13.91
C THR C 52 -19.62 -8.49 14.49
N TYR C 53 -18.91 -9.57 14.15
CA TYR C 53 -19.17 -10.87 14.71
C TYR C 53 -17.98 -11.23 15.58
N GLY C 54 -18.24 -11.72 16.78
CA GLY C 54 -17.19 -12.13 17.66
C GLY C 54 -17.72 -12.34 19.07
N ASP C 55 -16.89 -12.05 20.08
CA ASP C 55 -17.31 -12.39 21.40
C ASP C 55 -18.18 -11.28 21.94
N VAL C 56 -19.08 -11.66 22.82
CA VAL C 56 -19.90 -10.66 23.48
C VAL C 56 -19.05 -9.55 24.11
N SER C 57 -17.84 -9.86 24.59
CA SER C 57 -17.03 -8.85 25.22
C SER C 57 -16.67 -7.66 24.30
N VAL C 58 -16.76 -7.82 22.97
CA VAL C 58 -16.67 -6.67 22.04
C VAL C 58 -17.59 -5.54 22.46
N GLY C 59 -18.82 -5.91 22.86
CA GLY C 59 -19.80 -4.92 23.36
C GLY C 59 -19.29 -4.05 24.46
N ARG C 60 -18.68 -4.70 25.43
CA ARG C 60 -18.15 -4.02 26.63
C ARG C 60 -16.99 -3.09 26.32
N PHE C 61 -16.13 -3.54 25.40
CA PHE C 61 -15.03 -2.73 24.91
C PHE C 61 -15.56 -1.45 24.22
N VAL C 62 -16.56 -1.57 23.36
CA VAL C 62 -17.13 -0.35 22.74
C VAL C 62 -17.54 0.64 23.85
N GLU C 63 -18.36 0.15 24.78
CA GLU C 63 -18.84 0.96 25.94
C GLU C 63 -17.71 1.54 26.73
N SER C 64 -16.72 0.71 27.05
CA SER C 64 -15.64 1.15 27.94
C SER C 64 -14.68 2.12 27.24
N LYS C 65 -14.34 1.83 25.99
CA LYS C 65 -13.27 2.61 25.37
C LYS C 65 -13.69 3.55 24.23
N LEU C 66 -14.77 3.23 23.54
CA LEU C 66 -15.02 3.89 22.26
C LEU C 66 -16.16 4.92 22.27
N ALA C 67 -17.22 4.69 23.05
CA ALA C 67 -18.41 5.56 23.01
C ALA C 67 -18.03 6.97 23.46
N GLY C 68 -17.15 7.07 24.43
CA GLY C 68 -16.74 8.40 24.88
C GLY C 68 -15.89 9.15 23.89
N VAL C 69 -15.30 8.43 22.94
CA VAL C 69 -14.50 9.08 21.95
C VAL C 69 -15.43 9.54 20.81
N ALA C 70 -16.32 8.65 20.38
CA ALA C 70 -17.20 8.91 19.27
C ALA C 70 -18.18 10.01 19.65
N GLU C 71 -18.78 9.93 20.86
CA GLU C 71 -19.77 10.95 21.29
C GLU C 71 -19.23 12.37 21.31
N GLY C 72 -20.02 13.31 20.81
CA GLY C 72 -19.56 14.68 20.67
C GLY C 72 -18.79 15.01 19.38
N SER C 73 -18.58 14.01 18.53
CA SER C 73 -17.68 14.21 17.37
C SER C 73 -18.40 14.74 16.14
N ASP C 74 -17.66 15.36 15.24
CA ASP C 74 -18.23 15.78 13.98
C ASP C 74 -18.76 14.57 13.15
N ALA C 75 -20.07 14.50 12.93
CA ALA C 75 -20.65 13.31 12.28
C ALA C 75 -20.43 13.22 10.78
N LEU C 76 -19.66 14.15 10.24
CA LEU C 76 -19.36 14.07 8.81
C LEU C 76 -17.95 13.53 8.55
N SER C 77 -17.22 13.20 9.61
CA SER C 77 -15.84 12.81 9.47
C SER C 77 -15.52 11.54 10.23
N PRO C 78 -16.12 10.41 9.83
CA PRO C 78 -15.78 9.15 10.54
C PRO C 78 -14.27 8.88 10.69
N PRO C 79 -13.45 9.11 9.63
CA PRO C 79 -12.03 8.76 9.75
C PRO C 79 -11.31 9.49 10.86
N ALA C 80 -11.68 10.75 11.15
CA ALA C 80 -11.02 11.49 12.25
C ALA C 80 -11.35 10.87 13.64
N VAL C 81 -12.55 10.32 13.77
CA VAL C 81 -12.92 9.61 14.96
C VAL C 81 -12.16 8.29 15.04
N TRP C 82 -12.07 7.58 13.92
CA TRP C 82 -11.34 6.34 13.83
C TRP C 82 -9.87 6.52 14.28
N ALA C 83 -9.19 7.56 13.77
CA ALA C 83 -7.82 7.86 14.21
C ALA C 83 -7.69 8.09 15.71
N ARG C 84 -8.61 8.88 16.28
CA ARG C 84 -8.64 9.07 17.72
C ARG C 84 -9.01 7.78 18.47
N MET C 85 -9.88 6.93 17.90
CA MET C 85 -10.15 5.63 18.58
C MET C 85 -8.87 4.77 18.68
N GLN C 86 -8.14 4.68 17.57
CA GLN C 86 -6.96 3.86 17.51
C GLN C 86 -5.92 4.39 18.51
N ALA C 87 -5.72 5.70 18.57
CA ALA C 87 -4.75 6.24 19.49
C ALA C 87 -5.14 5.89 20.94
N ALA C 88 -6.44 6.04 21.26
CA ALA C 88 -6.97 5.81 22.61
C ALA C 88 -6.78 4.37 23.17
N ILE C 89 -6.72 3.36 22.32
CA ILE C 89 -6.79 1.98 22.81
C ILE C 89 -5.44 1.26 22.77
N ARG C 90 -4.35 2.02 22.67
CA ARG C 90 -2.97 1.47 22.67
C ARG C 90 -2.65 0.53 23.84
N ASN C 91 -2.95 0.93 25.09
CA ASN C 91 -2.82 0.04 26.20
C ASN C 91 -3.99 -0.97 26.30
N ALA C 92 -5.17 -0.64 25.78
CA ALA C 92 -6.31 -1.60 25.92
C ALA C 92 -6.29 -2.76 24.93
N GLY C 93 -5.52 -2.63 23.85
CA GLY C 93 -5.30 -3.73 22.91
C GLY C 93 -5.95 -3.45 21.58
N ARG C 94 -5.17 -2.97 20.61
CA ARG C 94 -5.66 -2.68 19.27
C ARG C 94 -6.14 -3.88 18.46
N PRO C 95 -5.42 -5.01 18.49
CA PRO C 95 -5.91 -6.12 17.65
C PRO C 95 -7.02 -6.98 18.30
N GLY C 96 -7.66 -7.81 17.50
CA GLY C 96 -8.67 -8.75 17.99
C GLY C 96 -9.96 -8.02 18.35
N VAL C 97 -10.41 -8.26 19.57
CA VAL C 97 -11.57 -7.62 20.16
C VAL C 97 -11.54 -6.12 19.96
N GLY C 98 -10.39 -5.54 20.23
CA GLY C 98 -10.21 -4.11 20.04
C GLY C 98 -10.56 -3.72 18.63
N ALA C 99 -10.03 -4.45 17.63
CA ALA C 99 -10.23 -4.09 16.21
C ALA C 99 -11.67 -4.31 15.76
N MET C 100 -12.26 -5.39 16.24
CA MET C 100 -13.63 -5.68 15.88
C MET C 100 -14.60 -4.57 16.37
N ALA C 101 -14.32 -4.05 17.57
CA ALA C 101 -15.06 -2.99 18.21
C ALA C 101 -14.92 -1.69 17.44
N VAL C 102 -13.68 -1.33 17.13
CA VAL C 102 -13.42 -0.15 16.31
C VAL C 102 -14.13 -0.28 14.96
N SER C 103 -14.08 -1.50 14.39
CA SER C 103 -14.67 -1.71 13.08
C SER C 103 -16.16 -1.41 13.14
N ALA C 104 -16.84 -1.90 14.18
CA ALA C 104 -18.30 -1.84 14.27
C ALA C 104 -18.71 -0.36 14.45
N VAL C 105 -18.03 0.35 15.33
CA VAL C 105 -18.26 1.78 15.50
C VAL C 105 -18.05 2.55 14.15
N ASP C 106 -17.02 2.19 13.39
CA ASP C 106 -16.66 2.91 12.16
C ASP C 106 -17.73 2.68 11.10
N ILE C 107 -18.19 1.43 11.02
CA ILE C 107 -19.27 1.15 10.11
C ILE C 107 -20.56 2.01 10.44
N ALA C 108 -20.93 2.05 11.72
CA ALA C 108 -22.04 2.83 12.24
C ALA C 108 -21.92 4.29 11.89
N LEU C 109 -20.74 4.84 12.15
CA LEU C 109 -20.46 6.23 11.80
C LEU C 109 -20.46 6.52 10.29
N TRP C 110 -19.95 5.60 9.48
CA TRP C 110 -20.14 5.69 8.02
C TRP C 110 -21.63 5.62 7.58
N ASP C 111 -22.39 4.70 8.17
CA ASP C 111 -23.84 4.60 7.92
C ASP C 111 -24.55 5.92 8.27
N LEU C 112 -24.18 6.49 9.40
CA LEU C 112 -24.67 7.79 9.81
C LEU C 112 -24.29 8.91 8.79
N LYS C 113 -23.04 8.99 8.37
CA LYS C 113 -22.70 10.03 7.41
C LYS C 113 -23.56 9.89 6.14
N ALA C 114 -23.73 8.68 5.63
CA ALA C 114 -24.38 8.50 4.37
C ALA C 114 -25.85 8.96 4.52
N ARG C 115 -26.46 8.59 5.64
CA ARG C 115 -27.82 8.95 5.95
C ARG C 115 -28.05 10.45 6.09
N LEU C 116 -27.16 11.14 6.80
CA LEU C 116 -27.23 12.58 6.90
C LEU C 116 -27.03 13.25 5.52
N LEU C 117 -26.46 12.55 4.55
CA LEU C 117 -26.41 13.09 3.21
C LEU C 117 -27.54 12.56 2.37
N GLY C 118 -28.43 11.77 2.96
CA GLY C 118 -29.42 11.07 2.17
C GLY C 118 -28.85 10.22 1.04
N LEU C 119 -27.68 9.59 1.24
CA LEU C 119 -27.15 8.72 0.19
C LEU C 119 -27.05 7.27 0.63
N PRO C 120 -27.20 6.34 -0.34
CA PRO C 120 -26.76 4.96 -0.16
C PRO C 120 -25.29 4.93 0.19
N LEU C 121 -24.87 4.07 1.13
CA LEU C 121 -23.51 4.17 1.64
C LEU C 121 -22.48 4.14 0.49
N ALA C 122 -22.64 3.19 -0.43
CA ALA C 122 -21.78 3.05 -1.61
C ALA C 122 -21.61 4.38 -2.41
N ASP C 123 -22.63 5.24 -2.43
CA ASP C 123 -22.51 6.56 -3.06
C ASP C 123 -21.82 7.60 -2.20
N ALA C 124 -21.76 7.37 -0.90
CA ALA C 124 -21.10 8.27 0.03
C ALA C 124 -19.58 7.96 0.07
N LEU C 125 -19.19 6.83 -0.51
CA LEU C 125 -17.79 6.45 -0.58
C LEU C 125 -17.24 6.71 -2.00
N PRO C 126 -15.92 6.89 -2.13
CA PRO C 126 -15.43 6.79 -3.51
C PRO C 126 -15.97 5.48 -4.13
N ARG C 127 -16.57 5.52 -5.31
CA ARG C 127 -17.22 4.33 -5.81
C ARG C 127 -16.67 3.86 -7.15
N PHE C 128 -16.21 2.60 -7.23
CA PHE C 128 -15.71 2.06 -8.47
C PHE C 128 -16.75 1.18 -9.14
N HIS C 129 -17.55 0.47 -8.34
CA HIS C 129 -18.36 -0.58 -8.88
C HIS C 129 -19.84 -0.31 -8.64
N ALA C 130 -20.64 -0.56 -9.68
CA ALA C 130 -22.10 -0.44 -9.61
C ALA C 130 -22.62 -1.56 -8.73
N GLU C 131 -22.18 -2.79 -9.00
CA GLU C 131 -22.50 -3.93 -8.13
C GLU C 131 -21.25 -4.77 -7.88
N VAL C 132 -21.34 -5.79 -7.02
CA VAL C 132 -20.15 -6.60 -6.69
C VAL C 132 -20.36 -8.10 -6.72
N PRO C 133 -19.40 -8.84 -7.32
CA PRO C 133 -19.61 -10.27 -7.48
C PRO C 133 -19.33 -11.00 -6.15
N VAL C 134 -19.99 -12.13 -5.96
CA VAL C 134 -20.00 -12.80 -4.68
C VAL C 134 -19.72 -14.25 -4.99
N TYR C 135 -19.29 -14.97 -3.96
CA TYR C 135 -19.29 -16.40 -4.06
C TYR C 135 -20.03 -16.92 -2.87
N GLY C 136 -20.78 -18.00 -3.05
CA GLY C 136 -21.53 -18.58 -1.96
C GLY C 136 -20.55 -19.37 -1.13
N SER C 137 -20.52 -19.09 0.17
CA SER C 137 -19.49 -19.73 1.01
C SER C 137 -20.07 -20.56 2.17
N GLY C 138 -19.77 -21.85 2.21
CA GLY C 138 -20.22 -22.69 3.31
C GLY C 138 -19.49 -24.01 3.27
N GLY C 139 -20.25 -25.09 3.05
CA GLY C 139 -19.65 -26.40 2.87
C GLY C 139 -18.83 -26.88 4.02
N PHE C 140 -19.38 -26.71 5.23
CA PHE C 140 -18.73 -27.09 6.47
C PHE C 140 -18.45 -28.57 6.55
N THR C 141 -17.36 -28.90 7.23
CA THR C 141 -16.86 -30.26 7.30
C THR C 141 -17.80 -31.19 8.10
N SER C 142 -18.85 -30.65 8.72
CA SER C 142 -19.81 -31.44 9.52
C SER C 142 -20.98 -31.90 8.66
N TYR C 143 -21.00 -31.45 7.42
CA TYR C 143 -22.09 -31.72 6.56
C TYR C 143 -21.88 -33.10 5.95
N PRO C 144 -22.92 -33.95 6.03
CA PRO C 144 -22.90 -35.14 5.18
C PRO C 144 -22.85 -34.71 3.71
N LEU C 145 -22.35 -35.58 2.86
CA LEU C 145 -22.31 -35.32 1.41
C LEU C 145 -23.56 -34.69 0.77
N ARG C 146 -24.76 -35.17 1.13
CA ARG C 146 -26.03 -34.68 0.52
C ARG C 146 -26.31 -33.24 0.95
N ARG C 147 -26.22 -32.98 2.25
CA ARG C 147 -26.22 -31.61 2.76
C ARG C 147 -25.18 -30.72 2.02
N LEU C 148 -24.00 -31.27 1.81
CA LEU C 148 -22.95 -30.52 1.16
C LEU C 148 -23.38 -30.15 -0.28
N GLN C 149 -23.76 -31.18 -1.05
CA GLN C 149 -24.15 -31.02 -2.43
C GLN C 149 -25.38 -30.09 -2.62
N GLU C 150 -26.35 -30.19 -1.73
CA GLU C 150 -27.53 -29.36 -1.78
C GLU C 150 -27.24 -27.87 -1.65
N GLN C 151 -26.43 -27.50 -0.64
CA GLN C 151 -26.07 -26.08 -0.45
C GLN C 151 -25.33 -25.48 -1.64
N LEU C 152 -24.38 -26.22 -2.19
CA LEU C 152 -23.49 -25.65 -3.17
C LEU C 152 -24.21 -25.62 -4.48
N GLY C 153 -24.89 -26.74 -4.79
CA GLY C 153 -25.78 -26.86 -5.96
C GLY C 153 -26.87 -25.80 -5.97
N GLY C 154 -27.43 -25.50 -4.79
CA GLY C 154 -28.43 -24.44 -4.71
C GLY C 154 -27.86 -23.07 -5.10
N TRP C 155 -26.62 -22.80 -4.65
CA TRP C 155 -25.95 -21.55 -5.02
C TRP C 155 -25.72 -21.51 -6.51
N ALA C 156 -25.24 -22.61 -7.07
CA ALA C 156 -25.06 -22.72 -8.52
C ALA C 156 -26.35 -22.51 -9.28
N ALA C 157 -27.42 -23.20 -8.87
CA ALA C 157 -28.71 -23.05 -9.56
C ALA C 157 -29.35 -21.66 -9.39
N ALA C 158 -28.90 -20.90 -8.37
CA ALA C 158 -29.31 -19.51 -8.21
C ALA C 158 -28.45 -18.53 -9.05
N GLY C 159 -27.65 -19.08 -9.95
CA GLY C 159 -26.82 -18.26 -10.83
C GLY C 159 -25.55 -17.68 -10.19
N ILE C 160 -25.13 -18.23 -9.04
CA ILE C 160 -23.84 -17.87 -8.44
C ILE C 160 -22.77 -18.84 -8.92
N PRO C 161 -21.83 -18.33 -9.72
CA PRO C 161 -20.88 -19.19 -10.45
C PRO C 161 -19.57 -19.54 -9.73
N ARG C 162 -19.50 -19.23 -8.43
CA ARG C 162 -18.34 -19.51 -7.62
C ARG C 162 -18.81 -19.90 -6.24
N VAL C 163 -18.24 -20.97 -5.70
CA VAL C 163 -18.60 -21.45 -4.35
C VAL C 163 -17.38 -21.95 -3.59
N LYS C 164 -17.41 -21.77 -2.28
CA LYS C 164 -16.32 -22.23 -1.44
C LYS C 164 -16.83 -23.25 -0.43
N MET C 165 -16.04 -24.31 -0.20
CA MET C 165 -16.31 -25.26 0.86
C MET C 165 -15.06 -25.38 1.80
N LYS C 166 -15.23 -26.09 2.92
CA LYS C 166 -14.18 -26.34 3.90
C LYS C 166 -13.54 -27.69 3.66
N VAL C 167 -12.22 -27.75 3.83
CA VAL C 167 -11.47 -29.02 3.73
C VAL C 167 -10.50 -29.10 4.90
N GLY C 168 -9.93 -30.28 5.13
CA GLY C 168 -8.76 -30.43 6.02
C GLY C 168 -9.04 -30.95 7.41
N ARG C 169 -10.32 -31.01 7.78
CA ARG C 169 -10.66 -31.48 9.11
C ARG C 169 -10.46 -32.99 9.22
N GLU C 170 -10.87 -33.74 8.19
CA GLU C 170 -10.63 -35.19 8.09
C GLU C 170 -10.06 -35.51 6.69
N PRO C 171 -8.76 -35.25 6.48
CA PRO C 171 -8.17 -35.22 5.12
C PRO C 171 -8.52 -36.43 4.23
N GLU C 172 -8.48 -37.63 4.80
CA GLU C 172 -8.95 -38.87 4.17
C GLU C 172 -10.31 -38.78 3.47
N LYS C 173 -11.21 -37.99 4.01
CA LYS C 173 -12.58 -37.94 3.53
C LYS C 173 -12.74 -36.91 2.39
N ASP C 174 -11.77 -36.02 2.23
CA ASP C 174 -11.91 -34.83 1.40
C ASP C 174 -11.92 -35.13 -0.11
N PRO C 175 -11.12 -36.11 -0.60
CA PRO C 175 -11.30 -36.46 -2.04
C PRO C 175 -12.77 -36.74 -2.45
N GLU C 176 -13.49 -37.54 -1.66
CA GLU C 176 -14.89 -37.86 -1.97
C GLU C 176 -15.78 -36.63 -1.83
N ARG C 177 -15.48 -35.80 -0.83
CA ARG C 177 -16.24 -34.58 -0.59
CA ARG C 177 -16.22 -34.56 -0.59
C ARG C 177 -16.07 -33.59 -1.75
N VAL C 178 -14.81 -33.37 -2.21
CA VAL C 178 -14.59 -32.42 -3.31
C VAL C 178 -15.16 -32.94 -4.63
N ARG C 179 -15.11 -34.27 -4.83
CA ARG C 179 -15.71 -34.93 -6.01
C ARG C 179 -17.23 -34.82 -5.96
N ALA C 180 -17.80 -34.98 -4.76
CA ALA C 180 -19.24 -34.77 -4.56
C ALA C 180 -19.68 -33.33 -4.85
N ALA C 181 -18.89 -32.36 -4.39
CA ALA C 181 -19.17 -30.93 -4.66
C ALA C 181 -19.10 -30.57 -6.16
N ARG C 182 -18.13 -31.14 -6.88
CA ARG C 182 -17.95 -30.86 -8.29
C ARG C 182 -19.12 -31.47 -9.10
N GLU C 183 -19.51 -32.71 -8.76
CA GLU C 183 -20.71 -33.32 -9.31
C GLU C 183 -21.95 -32.43 -9.17
N ALA C 184 -22.16 -31.87 -7.98
CA ALA C 184 -23.33 -31.01 -7.67
C ALA C 184 -23.41 -29.71 -8.45
N ILE C 185 -22.26 -29.11 -8.71
CA ILE C 185 -22.24 -27.80 -9.37
C ILE C 185 -21.92 -27.84 -10.89
N GLY C 186 -21.28 -28.91 -11.34
CA GLY C 186 -20.94 -29.06 -12.77
C GLY C 186 -19.69 -28.32 -13.15
N GLU C 187 -19.34 -28.35 -14.44
CA GLU C 187 -17.99 -27.92 -14.80
C GLU C 187 -17.82 -26.40 -14.98
N SER C 188 -18.91 -25.66 -15.02
CA SER C 188 -18.80 -24.23 -15.30
C SER C 188 -18.71 -23.40 -14.01
N VAL C 189 -18.95 -24.01 -12.85
CA VAL C 189 -18.91 -23.28 -11.58
C VAL C 189 -17.50 -23.42 -10.97
N GLU C 190 -16.93 -22.29 -10.58
CA GLU C 190 -15.62 -22.29 -9.94
C GLU C 190 -15.73 -22.94 -8.53
N LEU C 191 -14.85 -23.88 -8.23
CA LEU C 191 -14.86 -24.54 -6.92
C LEU C 191 -13.66 -24.10 -6.10
N MET C 192 -13.93 -23.45 -4.98
CA MET C 192 -12.93 -22.88 -4.08
C MET C 192 -12.92 -23.69 -2.78
N VAL C 193 -11.76 -23.85 -2.15
CA VAL C 193 -11.68 -24.50 -0.83
C VAL C 193 -10.93 -23.69 0.26
N ASP C 194 -11.31 -23.94 1.50
CA ASP C 194 -10.79 -23.21 2.62
C ASP C 194 -10.36 -24.29 3.61
N ALA C 195 -9.10 -24.21 4.07
CA ALA C 195 -8.53 -25.17 5.01
C ALA C 195 -8.42 -24.55 6.41
N ASN C 196 -8.72 -23.26 6.55
CA ASN C 196 -8.71 -22.68 7.90
C ASN C 196 -7.47 -23.03 8.73
N GLY C 197 -6.36 -23.13 8.05
CA GLY C 197 -5.06 -23.30 8.66
C GLY C 197 -4.78 -24.72 9.11
N ALA C 198 -5.47 -25.71 8.52
CA ALA C 198 -5.40 -27.08 8.96
C ALA C 198 -4.12 -27.85 8.57
N TYR C 199 -3.41 -27.43 7.54
CA TYR C 199 -2.27 -28.25 7.10
C TYR C 199 -0.88 -27.78 7.55
N THR C 200 0.06 -28.71 7.63
CA THR C 200 1.49 -28.38 7.56
C THR C 200 1.89 -27.93 6.13
N ARG C 201 3.06 -27.30 6.00
CA ARG C 201 3.57 -26.91 4.68
C ARG C 201 3.51 -27.99 3.59
N LYS C 202 4.17 -29.14 3.81
CA LYS C 202 4.24 -30.17 2.80
C LYS C 202 2.90 -30.92 2.60
N GLN C 203 2.10 -30.98 3.66
CA GLN C 203 0.76 -31.50 3.55
C GLN C 203 -0.08 -30.59 2.64
N ALA C 204 0.05 -29.27 2.84
CA ALA C 204 -0.66 -28.29 2.07
C ALA C 204 -0.23 -28.35 0.58
N LEU C 205 1.06 -28.59 0.34
CA LEU C 205 1.55 -28.75 -0.99
C LEU C 205 0.94 -29.99 -1.64
N TYR C 206 0.86 -31.11 -0.92
CA TYR C 206 0.21 -32.30 -1.45
C TYR C 206 -1.25 -32.00 -1.89
N TRP C 207 -2.01 -31.39 -0.99
CA TRP C 207 -3.44 -31.16 -1.21
C TRP C 207 -3.74 -30.15 -2.29
N ALA C 208 -2.87 -29.16 -2.45
CA ALA C 208 -3.08 -28.22 -3.56
C ALA C 208 -3.11 -28.97 -4.92
N GLY C 209 -2.13 -29.86 -5.15
CA GLY C 209 -2.08 -30.65 -6.39
C GLY C 209 -3.26 -31.64 -6.40
N ALA C 210 -3.53 -32.27 -5.26
CA ALA C 210 -4.51 -33.34 -5.20
C ALA C 210 -5.92 -32.81 -5.52
N PHE C 211 -6.28 -31.72 -4.88
CA PHE C 211 -7.55 -31.11 -5.20
C PHE C 211 -7.69 -30.60 -6.64
N ALA C 212 -6.60 -30.11 -7.22
CA ALA C 212 -6.65 -29.67 -8.62
C ALA C 212 -6.92 -30.87 -9.59
N ARG C 213 -6.23 -31.98 -9.42
CA ARG C 213 -6.50 -33.18 -10.18
C ARG C 213 -7.87 -33.77 -9.87
N GLU C 214 -8.32 -33.66 -8.64
CA GLU C 214 -9.51 -34.35 -8.19
C GLU C 214 -10.79 -33.65 -8.61
N ALA C 215 -10.86 -32.33 -8.43
CA ALA C 215 -12.07 -31.57 -8.71
C ALA C 215 -11.83 -30.25 -9.37
N GLY C 216 -10.64 -30.04 -9.91
CA GLY C 216 -10.40 -28.76 -10.59
C GLY C 216 -10.56 -27.48 -9.76
N ILE C 217 -10.22 -27.50 -8.48
CA ILE C 217 -10.30 -26.30 -7.61
C ILE C 217 -9.40 -25.20 -8.14
N SER C 218 -9.78 -23.95 -7.92
CA SER C 218 -9.02 -22.86 -8.43
C SER C 218 -8.67 -21.91 -7.27
N TYR C 219 -8.95 -22.33 -6.04
CA TYR C 219 -8.74 -21.43 -4.90
C TYR C 219 -8.46 -22.21 -3.67
N LEU C 220 -7.35 -21.89 -2.97
CA LEU C 220 -6.98 -22.59 -1.77
C LEU C 220 -6.71 -21.57 -0.68
N GLU C 221 -7.65 -21.43 0.26
CA GLU C 221 -7.56 -20.42 1.34
C GLU C 221 -6.92 -20.98 2.62
N GLU C 222 -6.02 -20.19 3.20
CA GLU C 222 -5.38 -20.52 4.52
C GLU C 222 -4.95 -21.92 4.64
N PRO C 223 -4.16 -22.42 3.67
CA PRO C 223 -3.67 -23.82 3.72
C PRO C 223 -2.83 -24.10 4.97
N VAL C 224 -2.07 -23.11 5.43
CA VAL C 224 -1.30 -23.19 6.65
C VAL C 224 -1.75 -22.07 7.59
N SER C 225 -1.31 -22.06 8.83
CA SER C 225 -1.58 -20.86 9.66
C SER C 225 -1.17 -19.58 8.94
N SER C 226 -2.10 -18.62 8.90
CA SER C 226 -1.87 -17.32 8.19
C SER C 226 -0.88 -16.47 8.95
N GLU C 227 -0.55 -16.92 10.16
CA GLU C 227 0.63 -16.41 10.86
C GLU C 227 1.97 -16.91 10.25
N ASP C 228 1.91 -17.99 9.50
CA ASP C 228 3.09 -18.62 8.88
C ASP C 228 3.30 -18.11 7.45
N ARG C 229 3.88 -16.93 7.33
CA ARG C 229 4.09 -16.30 6.00
C ARG C 229 5.10 -17.07 5.14
N GLU C 230 6.10 -17.67 5.77
CA GLU C 230 7.07 -18.43 5.00
C GLU C 230 6.42 -19.60 4.25
N GLY C 231 5.50 -20.29 4.92
CA GLY C 231 4.77 -21.36 4.30
C GLY C 231 3.75 -20.90 3.28
N LEU C 232 3.10 -19.77 3.48
CA LEU C 232 2.21 -19.25 2.44
C LEU C 232 3.00 -18.95 1.16
N ARG C 233 4.14 -18.27 1.33
CA ARG C 233 5.06 -17.93 0.25
C ARG C 233 5.54 -19.21 -0.44
N LEU C 234 5.85 -20.24 0.34
CA LEU C 234 6.17 -21.52 -0.24
C LEU C 234 5.04 -22.08 -1.10
N LEU C 235 3.79 -21.96 -0.63
CA LEU C 235 2.70 -22.50 -1.43
C LEU C 235 2.35 -21.62 -2.65
N ARG C 236 2.64 -20.33 -2.54
CA ARG C 236 2.42 -19.38 -3.59
C ARG C 236 3.44 -19.73 -4.67
N ASP C 237 4.70 -19.92 -4.27
CA ASP C 237 5.79 -20.21 -5.23
C ASP C 237 5.73 -21.60 -5.86
N ARG C 238 5.22 -22.58 -5.14
CA ARG C 238 5.27 -23.95 -5.60
C ARG C 238 3.90 -24.51 -5.96
N GLY C 239 2.82 -23.83 -5.57
CA GLY C 239 1.47 -24.37 -5.85
C GLY C 239 1.19 -24.59 -7.34
N PRO C 240 0.17 -25.42 -7.67
CA PRO C 240 -0.18 -25.66 -9.08
C PRO C 240 -0.71 -24.38 -9.75
N GLY C 241 -0.45 -24.23 -11.06
CA GLY C 241 -0.92 -23.06 -11.77
C GLY C 241 -2.43 -23.10 -11.74
N GLY C 242 -3.04 -21.93 -11.65
CA GLY C 242 -4.51 -21.84 -11.61
C GLY C 242 -5.15 -22.11 -10.26
N VAL C 243 -4.38 -22.37 -9.23
CA VAL C 243 -4.95 -22.51 -7.90
C VAL C 243 -4.41 -21.31 -7.13
N ALA C 244 -5.24 -20.30 -6.92
CA ALA C 244 -4.81 -19.12 -6.21
C ALA C 244 -4.71 -19.40 -4.72
N ILE C 245 -3.65 -18.89 -4.12
CA ILE C 245 -3.41 -19.05 -2.68
C ILE C 245 -3.89 -17.78 -2.01
N ALA C 246 -4.86 -17.91 -1.13
CA ALA C 246 -5.50 -16.76 -0.56
C ALA C 246 -5.35 -16.79 0.97
N ALA C 247 -5.17 -15.63 1.57
CA ALA C 247 -5.25 -15.54 3.04
C ALA C 247 -5.51 -14.09 3.46
N GLY C 248 -5.91 -13.91 4.72
CA GLY C 248 -5.92 -12.58 5.34
C GLY C 248 -7.04 -12.19 6.28
N GLU C 249 -7.98 -13.06 6.55
CA GLU C 249 -8.94 -12.66 7.62
C GLU C 249 -8.41 -12.10 8.96
N TYR C 250 -7.19 -12.41 9.42
CA TYR C 250 -6.83 -11.97 10.82
C TYR C 250 -5.86 -10.81 10.92
N GLU C 251 -5.54 -10.12 9.84
CA GLU C 251 -4.56 -9.04 10.06
C GLU C 251 -5.31 -7.87 10.65
N TRP C 252 -4.64 -7.15 11.55
CA TRP C 252 -5.29 -6.01 12.12
CA TRP C 252 -5.22 -5.97 12.20
C TRP C 252 -4.55 -4.66 11.76
N THR C 253 -3.19 -4.63 11.74
CA THR C 253 -2.42 -3.45 11.23
C THR C 253 -2.14 -3.45 9.69
N LEU C 254 -2.06 -2.27 9.08
CA LEU C 254 -1.82 -2.21 7.63
C LEU C 254 -0.45 -2.71 7.20
N PRO C 255 0.57 -2.55 8.07
CA PRO C 255 1.82 -3.24 7.69
C PRO C 255 1.74 -4.78 7.72
N GLN C 256 0.79 -5.32 8.44
CA GLN C 256 0.50 -6.76 8.43
C GLN C 256 0.01 -7.17 7.09
N LEU C 257 -0.97 -6.40 6.62
CA LEU C 257 -1.51 -6.54 5.27
C LEU C 257 -0.43 -6.28 4.24
N HIS C 258 0.41 -5.29 4.45
CA HIS C 258 1.57 -5.08 3.61
C HIS C 258 2.46 -6.32 3.57
N ASP C 259 2.68 -6.97 4.74
CA ASP C 259 3.49 -8.21 4.74
C ASP C 259 2.81 -9.36 4.03
N LEU C 260 1.53 -9.58 4.30
CA LEU C 260 0.84 -10.71 3.72
C LEU C 260 0.74 -10.58 2.21
N ALA C 261 0.59 -9.37 1.70
CA ALA C 261 0.51 -9.08 0.28
C ALA C 261 1.70 -9.63 -0.49
N GLY C 262 2.83 -9.79 0.20
CA GLY C 262 4.02 -10.34 -0.47
C GLY C 262 4.04 -11.86 -0.48
N CYS C 263 3.02 -12.52 0.09
CA CYS C 263 3.00 -13.99 0.30
C CYS C 263 1.87 -14.73 -0.40
N VAL C 264 0.86 -14.02 -0.87
CA VAL C 264 -0.30 -14.72 -1.40
C VAL C 264 -0.60 -14.36 -2.87
N ASP C 265 -1.49 -15.11 -3.51
CA ASP C 265 -2.01 -14.74 -4.83
C ASP C 265 -3.16 -13.77 -4.66
N ILE C 266 -3.96 -13.98 -3.60
CA ILE C 266 -5.12 -13.15 -3.39
C ILE C 266 -5.13 -12.72 -1.94
N LEU C 267 -5.29 -11.40 -1.71
CA LEU C 267 -5.30 -10.88 -0.33
C LEU C 267 -6.75 -10.77 0.18
N GLN C 268 -6.99 -11.12 1.43
CA GLN C 268 -8.30 -10.98 2.00
C GLN C 268 -8.30 -10.08 3.25
N ALA C 269 -9.42 -9.42 3.48
CA ALA C 269 -9.68 -8.73 4.71
C ALA C 269 -11.18 -8.84 5.01
N ASP C 270 -11.55 -8.73 6.29
CA ASP C 270 -12.95 -8.69 6.79
C ASP C 270 -13.16 -7.26 7.25
N VAL C 271 -14.05 -6.52 6.56
CA VAL C 271 -14.48 -5.17 6.99
C VAL C 271 -14.89 -5.08 8.50
N THR C 272 -15.31 -6.20 9.09
CA THR C 272 -15.72 -6.12 10.53
C THR C 272 -14.55 -6.35 11.52
N ARG C 273 -13.34 -6.56 10.97
CA ARG C 273 -12.12 -6.79 11.76
C ARG C 273 -11.02 -5.79 11.43
N CYS C 274 -10.96 -5.33 10.18
CA CYS C 274 -9.79 -4.63 9.72
C CYS C 274 -9.85 -3.11 9.95
N GLY C 275 -10.73 -2.65 10.83
CA GLY C 275 -10.83 -1.21 11.08
C GLY C 275 -12.03 -0.60 10.37
N GLY C 276 -12.99 -1.46 9.97
CA GLY C 276 -14.20 -0.99 9.34
C GLY C 276 -14.04 -0.44 7.93
N ILE C 277 -14.85 0.57 7.61
CA ILE C 277 -14.85 1.17 6.27
C ILE C 277 -13.59 2.04 6.07
N THR C 278 -13.23 2.75 7.12
CA THR C 278 -12.02 3.55 7.09
C THR C 278 -10.78 2.64 6.87
N GLY C 279 -10.69 1.52 7.60
CA GLY C 279 -9.63 0.56 7.32
C GLY C 279 -9.70 -0.09 5.92
N LEU C 280 -10.88 -0.46 5.45
CA LEU C 280 -10.98 -1.03 4.11
C LEU C 280 -10.57 -0.08 3.00
N LEU C 281 -10.80 1.22 3.15
CA LEU C 281 -10.47 2.16 2.09
C LEU C 281 -8.95 2.22 1.77
N ARG C 282 -8.14 1.55 2.57
CA ARG C 282 -6.68 1.58 2.42
C ARG C 282 -6.17 0.35 1.73
N VAL C 283 -7.03 -0.65 1.65
CA VAL C 283 -6.64 -1.95 1.11
C VAL C 283 -6.28 -1.87 -0.37
N ASP C 284 -6.96 -1.03 -1.13
CA ASP C 284 -6.64 -0.85 -2.57
C ASP C 284 -5.21 -0.43 -2.76
N GLY C 285 -4.71 0.46 -1.88
CA GLY C 285 -3.35 0.94 -2.02
C GLY C 285 -2.40 -0.22 -1.86
N ILE C 286 -2.72 -1.13 -0.92
CA ILE C 286 -1.88 -2.30 -0.71
C ILE C 286 -1.98 -3.24 -1.90
N CYS C 287 -3.18 -3.51 -2.37
CA CYS C 287 -3.34 -4.56 -3.35
C CYS C 287 -2.83 -4.09 -4.70
N ARG C 288 -3.19 -2.86 -5.08
CA ARG C 288 -2.75 -2.31 -6.35
C ARG C 288 -1.25 -2.13 -6.34
N GLY C 289 -0.69 -1.76 -5.17
CA GLY C 289 0.75 -1.60 -4.99
C GLY C 289 1.51 -2.90 -5.19
N HIS C 290 0.87 -4.05 -4.94
CA HIS C 290 1.52 -5.34 -5.19
C HIS C 290 0.93 -6.02 -6.39
N GLN C 291 0.04 -5.35 -7.09
CA GLN C 291 -0.63 -5.98 -8.22
C GLN C 291 -1.29 -7.33 -7.90
N ILE C 292 -1.96 -7.45 -6.75
CA ILE C 292 -2.75 -8.64 -6.50
C ILE C 292 -4.23 -8.29 -6.32
N PRO C 293 -5.13 -9.27 -6.51
CA PRO C 293 -6.58 -9.04 -6.32
C PRO C 293 -6.96 -8.97 -4.82
N PHE C 294 -8.11 -8.38 -4.55
CA PHE C 294 -8.65 -8.38 -3.23
C PHE C 294 -9.98 -9.18 -3.16
N SER C 295 -10.15 -9.93 -2.07
CA SER C 295 -11.37 -10.63 -1.80
C SER C 295 -11.74 -10.35 -0.35
N ALA C 296 -12.97 -9.84 -0.18
CA ALA C 296 -13.59 -9.58 1.14
C ALA C 296 -14.11 -10.87 1.81
N HIS C 297 -13.87 -10.94 3.10
CA HIS C 297 -14.24 -12.09 3.90
C HIS C 297 -15.39 -11.75 4.88
N CYS C 298 -16.52 -12.46 4.80
CA CYS C 298 -17.64 -12.38 5.76
C CYS C 298 -18.46 -11.09 5.71
N ALA C 299 -19.53 -11.05 6.53
CA ALA C 299 -20.40 -9.89 6.65
C ALA C 299 -20.87 -9.27 5.32
N PRO C 300 -21.66 -10.04 4.55
CA PRO C 300 -22.05 -9.56 3.19
C PRO C 300 -22.89 -8.30 3.15
N ALA C 301 -23.75 -8.09 4.15
CA ALA C 301 -24.55 -6.88 4.21
C ALA C 301 -23.71 -5.57 4.12
N VAL C 302 -22.63 -5.48 4.91
CA VAL C 302 -21.74 -4.29 4.89
C VAL C 302 -20.81 -4.22 3.68
N SER C 303 -20.32 -5.40 3.29
CA SER C 303 -19.34 -5.52 2.21
C SER C 303 -19.92 -5.17 0.86
N ALA C 304 -21.21 -5.50 0.65
CA ALA C 304 -21.87 -5.18 -0.63
C ALA C 304 -21.66 -3.71 -0.91
N HIS C 305 -21.77 -2.92 0.15
CA HIS C 305 -21.49 -1.50 0.07
C HIS C 305 -19.99 -1.18 0.07
N ALA C 306 -19.26 -1.67 1.09
CA ALA C 306 -17.86 -1.26 1.27
C ALA C 306 -17.01 -1.64 0.04
N CYS C 307 -17.26 -2.81 -0.54
CA CYS C 307 -16.46 -3.28 -1.62
C CYS C 307 -16.68 -2.51 -2.93
N CYS C 308 -17.73 -1.69 -2.98
CA CYS C 308 -17.94 -0.84 -4.16
C CYS C 308 -16.83 0.20 -4.26
N ALA C 309 -16.15 0.46 -3.14
CA ALA C 309 -15.08 1.44 -3.08
C ALA C 309 -13.69 0.83 -3.37
N VAL C 310 -13.65 -0.47 -3.68
CA VAL C 310 -12.39 -1.18 -3.76
C VAL C 310 -12.11 -1.65 -5.18
N GLU C 311 -11.23 -0.94 -5.84
CA GLU C 311 -10.99 -1.16 -7.25
C GLU C 311 -10.46 -2.56 -7.51
N SER C 312 -9.56 -3.04 -6.63
CA SER C 312 -8.94 -4.33 -6.82
C SER C 312 -9.82 -5.51 -6.47
N LEU C 313 -11.10 -5.25 -6.19
CA LEU C 313 -12.00 -6.31 -5.78
C LEU C 313 -12.14 -7.43 -6.80
N LEU C 314 -11.94 -8.68 -6.38
CA LEU C 314 -12.23 -9.83 -7.24
C LEU C 314 -13.62 -10.36 -6.89
N HIS C 315 -13.89 -10.50 -5.59
CA HIS C 315 -15.20 -10.92 -5.11
C HIS C 315 -15.31 -10.77 -3.65
N LEU C 316 -16.56 -10.81 -3.17
CA LEU C 316 -16.87 -10.88 -1.73
C LEU C 316 -17.49 -12.24 -1.35
N GLU C 317 -17.29 -12.59 -0.08
CA GLU C 317 -17.78 -13.85 0.45
C GLU C 317 -19.21 -13.76 0.92
N TYR C 318 -20.07 -14.56 0.31
CA TYR C 318 -21.48 -14.59 0.73
C TYR C 318 -21.59 -15.65 1.77
N PHE C 319 -21.14 -15.35 2.97
CA PHE C 319 -20.92 -16.41 3.98
C PHE C 319 -22.23 -16.89 4.59
N HIS C 320 -22.48 -18.20 4.46
CA HIS C 320 -23.72 -18.80 4.94
C HIS C 320 -24.22 -18.24 6.28
N ASP C 321 -23.46 -18.44 7.37
CA ASP C 321 -23.88 -17.99 8.70
C ASP C 321 -24.37 -16.56 8.69
N HIS C 322 -23.64 -15.73 7.98
CA HIS C 322 -23.83 -14.30 8.11
C HIS C 322 -24.99 -13.82 7.24
N ALA C 323 -25.05 -14.31 6.00
CA ALA C 323 -26.24 -14.07 5.13
C ALA C 323 -27.53 -14.46 5.89
N ARG C 324 -27.51 -15.64 6.49
CA ARG C 324 -28.62 -16.08 7.34
C ARG C 324 -28.92 -15.16 8.55
N VAL C 325 -27.92 -14.84 9.36
CA VAL C 325 -28.14 -13.94 10.49
C VAL C 325 -28.61 -12.57 10.05
N GLU C 326 -28.02 -12.03 8.98
CA GLU C 326 -28.40 -10.69 8.57
C GLU C 326 -29.83 -10.67 8.06
N ARG C 327 -30.23 -11.72 7.32
CA ARG C 327 -31.64 -11.83 6.88
C ARG C 327 -32.57 -11.84 8.13
N LEU C 328 -32.29 -12.71 9.09
CA LEU C 328 -33.06 -12.78 10.34
C LEU C 328 -33.26 -11.46 11.08
N LEU C 329 -32.17 -10.72 11.33
CA LEU C 329 -32.22 -9.55 12.21
C LEU C 329 -32.48 -8.23 11.53
N PHE C 330 -32.40 -8.21 10.21
CA PHE C 330 -32.44 -6.96 9.45
C PHE C 330 -33.50 -6.89 8.33
N ASP C 331 -34.15 -5.74 8.25
CA ASP C 331 -34.85 -5.38 7.04
C ASP C 331 -33.83 -4.78 6.09
N GLY C 332 -33.91 -5.17 4.82
CA GLY C 332 -33.17 -4.48 3.78
C GLY C 332 -31.99 -5.23 3.16
N THR C 333 -31.92 -6.54 3.34
CA THR C 333 -30.78 -7.28 2.83
C THR C 333 -30.90 -7.50 1.31
N LEU C 334 -29.76 -7.65 0.66
CA LEU C 334 -29.76 -7.80 -0.77
C LEU C 334 -29.77 -9.27 -1.17
N ASP C 335 -30.28 -9.55 -2.35
CA ASP C 335 -30.33 -10.87 -2.85
C ASP C 335 -29.18 -11.08 -3.88
N PRO C 336 -28.45 -12.19 -3.74
CA PRO C 336 -27.33 -12.52 -4.60
C PRO C 336 -27.66 -13.33 -5.87
N GLU C 337 -28.94 -13.56 -6.17
CA GLU C 337 -29.31 -14.32 -7.37
C GLU C 337 -28.61 -13.72 -8.59
N GLY C 338 -27.99 -14.57 -9.41
CA GLY C 338 -27.24 -14.07 -10.57
C GLY C 338 -25.74 -13.77 -10.35
N GLY C 339 -25.32 -13.70 -9.09
CA GLY C 339 -23.90 -13.76 -8.79
C GLY C 339 -23.31 -12.50 -8.19
N SER C 340 -24.11 -11.46 -8.06
CA SER C 340 -23.61 -10.19 -7.61
C SER C 340 -24.56 -9.67 -6.55
N LEU C 341 -24.07 -8.71 -5.74
CA LEU C 341 -24.96 -7.88 -4.92
C LEU C 341 -24.94 -6.44 -5.38
N ARG C 342 -26.13 -5.86 -5.47
CA ARG C 342 -26.27 -4.48 -5.89
C ARG C 342 -26.90 -3.66 -4.79
N PRO C 343 -26.15 -2.69 -4.24
CA PRO C 343 -26.72 -1.76 -3.28
C PRO C 343 -27.99 -1.13 -3.86
N ASP C 344 -28.99 -0.95 -3.02
CA ASP C 344 -30.26 -0.39 -3.42
C ASP C 344 -30.13 1.15 -3.51
N PRO C 345 -30.27 1.72 -4.72
CA PRO C 345 -30.19 3.18 -4.91
C PRO C 345 -31.33 3.96 -4.22
N ASP C 346 -32.43 3.27 -3.89
CA ASP C 346 -33.58 3.95 -3.27
C ASP C 346 -33.50 4.04 -1.77
N ARG C 347 -32.51 3.39 -1.15
CA ARG C 347 -32.39 3.35 0.32
C ARG C 347 -31.07 3.97 0.77
N PRO C 348 -31.13 4.85 1.77
CA PRO C 348 -29.89 5.48 2.15
C PRO C 348 -29.08 4.65 3.17
N GLY C 349 -27.82 5.08 3.37
CA GLY C 349 -26.86 4.33 4.17
C GLY C 349 -26.79 2.89 3.69
N LEU C 350 -26.73 1.96 4.65
CA LEU C 350 -26.55 0.53 4.34
C LEU C 350 -27.85 -0.16 3.90
N GLY C 351 -28.96 0.55 4.09
CA GLY C 351 -30.28 0.02 3.71
C GLY C 351 -30.84 -0.98 4.71
N LEU C 352 -30.31 -0.96 5.93
CA LEU C 352 -30.63 -1.99 6.91
C LEU C 352 -31.31 -1.43 8.13
N GLU C 353 -32.37 -2.11 8.58
CA GLU C 353 -33.04 -1.67 9.80
C GLU C 353 -33.32 -2.91 10.64
N LEU C 354 -33.04 -2.79 11.91
CA LEU C 354 -33.20 -3.90 12.83
C LEU C 354 -34.68 -4.26 12.93
N LYS C 355 -34.97 -5.55 12.84
CA LYS C 355 -36.28 -6.07 13.15
C LYS C 355 -36.33 -6.28 14.66
N ARG C 356 -37.05 -5.39 15.35
CA ARG C 356 -36.97 -5.29 16.81
C ARG C 356 -37.48 -6.54 17.53
N SER C 357 -38.59 -7.09 17.01
CA SER C 357 -39.15 -8.33 17.54
C SER C 357 -38.20 -9.51 17.49
N GLU C 358 -37.68 -9.80 16.30
CA GLU C 358 -36.64 -10.83 16.09
C GLU C 358 -35.41 -10.61 16.98
N ALA C 359 -34.89 -9.40 16.98
CA ALA C 359 -33.75 -9.03 17.81
C ALA C 359 -33.98 -9.39 19.25
N GLY C 360 -35.19 -9.13 19.77
CA GLY C 360 -35.51 -9.44 21.15
C GLY C 360 -35.39 -10.91 21.49
N LYS C 361 -35.85 -11.75 20.57
CA LYS C 361 -35.71 -13.20 20.73
C LYS C 361 -34.23 -13.69 20.83
N TYR C 362 -33.33 -12.98 20.14
CA TYR C 362 -31.91 -13.40 20.09
C TYR C 362 -31.00 -12.55 20.97
N ALA C 363 -31.59 -11.65 21.74
CA ALA C 363 -30.81 -10.84 22.68
C ALA C 363 -29.84 -11.70 23.52
N ALA C 364 -28.58 -11.25 23.63
CA ALA C 364 -27.52 -12.10 24.16
C ALA C 364 -27.55 -12.19 25.69
N PRO D 6 -6.94 -33.83 40.92
CA PRO D 6 -7.37 -32.43 41.14
C PRO D 6 -7.70 -31.76 39.81
N ARG D 7 -8.91 -31.24 39.75
CA ARG D 7 -9.42 -30.60 38.57
C ARG D 7 -9.70 -29.14 38.86
N VAL D 8 -9.63 -28.32 37.83
CA VAL D 8 -10.11 -26.96 37.95
C VAL D 8 -11.65 -26.93 38.10
N GLU D 9 -12.14 -26.34 39.18
CA GLU D 9 -13.56 -26.34 39.50
C GLU D 9 -14.29 -25.09 39.05
N ARG D 10 -13.63 -23.96 39.20
CA ARG D 10 -14.30 -22.66 39.06
C ARG D 10 -13.20 -21.62 38.72
N LEU D 11 -13.48 -20.78 37.72
CA LEU D 11 -12.78 -19.52 37.63
C LEU D 11 -13.61 -18.38 38.20
N GLU D 12 -13.06 -17.56 39.08
CA GLU D 12 -13.75 -16.31 39.38
C GLU D 12 -12.99 -15.07 38.86
N VAL D 13 -13.74 -14.14 38.28
CA VAL D 13 -13.14 -12.95 37.63
C VAL D 13 -13.62 -11.67 38.26
N SER D 14 -12.68 -10.77 38.52
CA SER D 14 -13.03 -9.47 39.05
C SER D 14 -12.08 -8.41 38.44
N ALA D 15 -12.44 -7.12 38.55
CA ALA D 15 -11.60 -6.03 38.05
C ALA D 15 -11.53 -4.84 39.01
N TYR D 16 -10.40 -4.13 38.96
CA TYR D 16 -10.04 -3.08 39.89
C TYR D 16 -9.49 -1.89 39.12
N THR D 17 -9.99 -0.69 39.41
CA THR D 17 -9.39 0.48 38.82
C THR D 17 -8.78 1.35 39.89
N VAL D 18 -7.48 1.61 39.76
CA VAL D 18 -6.70 2.35 40.74
C VAL D 18 -6.08 3.59 40.10
N PRO D 19 -6.50 4.79 40.59
CA PRO D 19 -5.94 6.06 40.13
C PRO D 19 -4.45 6.01 40.35
N THR D 20 -3.73 6.62 39.40
CA THR D 20 -2.31 6.82 39.48
C THR D 20 -2.11 7.83 40.61
N ASP D 21 -0.92 7.89 41.20
CA ASP D 21 -0.71 8.88 42.26
C ASP D 21 -0.41 10.29 41.71
N TYR D 22 -0.31 10.39 40.40
CA TYR D 22 0.05 11.66 39.75
C TYR D 22 -0.42 11.46 38.33
N PRO D 23 -0.87 12.55 37.69
CA PRO D 23 -1.27 12.45 36.29
C PRO D 23 -0.07 11.96 35.45
N GLU D 24 -0.31 10.96 34.62
CA GLU D 24 0.81 10.32 33.94
C GLU D 24 0.74 10.44 32.41
N SER D 25 1.91 10.57 31.76
CA SER D 25 1.89 10.51 30.31
C SER D 25 3.22 9.98 29.82
N ASP D 26 3.26 9.62 28.52
CA ASP D 26 4.47 9.20 27.82
C ASP D 26 4.40 9.79 26.38
N GLY D 27 5.27 9.33 25.48
CA GLY D 27 5.39 9.94 24.18
C GLY D 27 4.11 9.95 23.38
N THR D 28 3.28 8.91 23.51
CA THR D 28 2.02 8.83 22.77
C THR D 28 0.74 8.57 23.58
N LEU D 29 0.76 8.73 24.89
CA LEU D 29 -0.43 8.54 25.67
C LEU D 29 -0.41 9.33 27.02
N GLN D 30 -1.61 9.68 27.51
CA GLN D 30 -1.85 10.21 28.87
C GLN D 30 -2.87 9.32 29.53
N TRP D 31 -2.69 9.11 30.84
CA TRP D 31 -3.63 8.29 31.62
C TRP D 31 -3.57 8.68 33.08
N ASP D 32 -4.62 8.40 33.83
CA ASP D 32 -4.61 8.74 35.27
C ASP D 32 -5.19 7.63 36.18
N SER D 33 -5.23 6.39 35.68
CA SER D 33 -5.57 5.20 36.47
C SER D 33 -5.06 3.93 35.78
N THR D 34 -5.20 2.78 36.46
CA THR D 34 -4.77 1.49 35.99
C THR D 34 -5.92 0.56 36.27
N THR D 35 -6.30 -0.27 35.29
CA THR D 35 -7.23 -1.34 35.50
C THR D 35 -6.57 -2.74 35.50
N MET D 36 -6.71 -3.48 36.61
CA MET D 36 -6.23 -4.85 36.72
C MET D 36 -7.42 -5.82 36.65
N ILE D 37 -7.27 -6.88 35.87
CA ILE D 37 -8.30 -7.92 35.75
C ILE D 37 -7.75 -9.16 36.42
N LEU D 38 -8.38 -9.57 37.51
CA LEU D 38 -7.88 -10.66 38.35
C LEU D 38 -8.71 -11.94 38.10
N VAL D 39 -8.02 -13.04 37.79
CA VAL D 39 -8.65 -14.36 37.75
C VAL D 39 -8.25 -15.16 39.01
N GLU D 40 -9.22 -15.86 39.57
CA GLU D 40 -8.95 -16.86 40.61
C GLU D 40 -9.44 -18.21 40.18
N ALA D 41 -8.52 -19.15 40.21
CA ALA D 41 -8.78 -20.53 39.83
C ALA D 41 -8.83 -21.42 41.07
N HIS D 42 -9.96 -22.06 41.28
CA HIS D 42 -10.19 -22.98 42.40
C HIS D 42 -10.08 -24.45 41.97
N GLY D 43 -9.31 -25.23 42.72
CA GLY D 43 -9.23 -26.66 42.44
C GLY D 43 -8.50 -27.45 43.51
N GLY D 44 -8.95 -28.68 43.78
CA GLY D 44 -8.27 -29.57 44.70
C GLY D 44 -8.11 -29.01 46.11
N GLY D 45 -9.01 -28.12 46.49
CA GLY D 45 -8.92 -27.49 47.79
C GLY D 45 -7.97 -26.32 47.86
N ARG D 46 -7.41 -25.91 46.72
CA ARG D 46 -6.51 -24.74 46.70
C ARG D 46 -7.06 -23.64 45.78
N LYS D 47 -6.42 -22.49 45.80
CA LYS D 47 -6.80 -21.38 44.95
C LYS D 47 -5.53 -20.77 44.31
N GLY D 48 -5.59 -20.51 43.01
CA GLY D 48 -4.47 -19.79 42.37
C GLY D 48 -4.99 -18.48 41.83
N LEU D 49 -4.12 -17.47 41.80
CA LEU D 49 -4.49 -16.20 41.22
C LEU D 49 -3.54 -15.76 40.11
N GLY D 50 -4.09 -15.04 39.14
CA GLY D 50 -3.31 -14.45 38.07
C GLY D 50 -4.01 -13.21 37.58
N TYR D 51 -3.29 -12.31 36.95
CA TYR D 51 -3.92 -11.06 36.52
C TYR D 51 -3.29 -10.51 35.22
N THR D 52 -3.98 -9.53 34.63
CA THR D 52 -3.42 -8.76 33.55
C THR D 52 -3.85 -7.31 33.74
N TYR D 53 -3.32 -6.41 32.95
CA TYR D 53 -3.72 -5.00 33.05
C TYR D 53 -4.29 -4.59 31.67
N GLY D 54 -5.42 -3.90 31.63
CA GLY D 54 -6.07 -3.65 30.35
C GLY D 54 -7.50 -3.20 30.54
N ASP D 55 -8.35 -3.39 29.54
CA ASP D 55 -9.72 -2.94 29.65
C ASP D 55 -10.54 -3.94 30.46
N VAL D 56 -11.55 -3.45 31.18
CA VAL D 56 -12.50 -4.30 31.89
C VAL D 56 -13.07 -5.40 31.01
N SER D 57 -13.13 -5.16 29.69
CA SER D 57 -13.70 -6.16 28.78
C SER D 57 -12.95 -7.47 28.83
N VAL D 58 -11.67 -7.42 29.27
CA VAL D 58 -10.90 -8.64 29.44
C VAL D 58 -11.69 -9.62 30.33
N GLY D 59 -12.30 -9.09 31.37
CA GLY D 59 -12.97 -9.99 32.33
C GLY D 59 -14.17 -10.65 31.75
N ARG D 60 -14.90 -9.93 30.91
CA ARG D 60 -16.02 -10.52 30.23
C ARG D 60 -15.55 -11.64 29.29
N PHE D 61 -14.43 -11.38 28.59
CA PHE D 61 -13.81 -12.34 27.65
C PHE D 61 -13.38 -13.61 28.40
N VAL D 62 -12.75 -13.47 29.57
CA VAL D 62 -12.43 -14.67 30.41
C VAL D 62 -13.71 -15.48 30.66
N GLU D 63 -14.76 -14.82 31.15
CA GLU D 63 -16.06 -15.51 31.44
C GLU D 63 -16.69 -16.16 30.23
N SER D 64 -16.69 -15.44 29.12
CA SER D 64 -17.45 -15.90 27.97
C SER D 64 -16.71 -16.98 27.23
N LYS D 65 -15.37 -16.84 27.07
CA LYS D 65 -14.58 -17.79 26.23
C LYS D 65 -13.74 -18.80 27.02
N LEU D 66 -13.26 -18.40 28.20
CA LEU D 66 -12.16 -19.15 28.77
C LEU D 66 -12.58 -20.03 29.94
N ALA D 67 -13.55 -19.59 30.76
CA ALA D 67 -13.95 -20.36 32.00
C ALA D 67 -14.35 -21.77 31.62
N GLY D 68 -15.15 -21.90 30.56
CA GLY D 68 -15.65 -23.20 30.05
C GLY D 68 -14.56 -24.16 29.54
N VAL D 69 -13.42 -23.62 29.14
CA VAL D 69 -12.29 -24.43 28.75
C VAL D 69 -11.46 -24.86 29.96
N ALA D 70 -11.16 -23.90 30.84
CA ALA D 70 -10.36 -24.17 32.03
C ALA D 70 -11.10 -25.12 33.01
N GLU D 71 -12.38 -24.89 33.20
CA GLU D 71 -13.19 -25.68 34.16
C GLU D 71 -13.29 -27.16 33.74
N GLY D 72 -13.08 -28.05 34.71
CA GLY D 72 -13.06 -29.48 34.44
C GLY D 72 -11.70 -30.02 33.98
N SER D 73 -10.76 -29.12 33.67
CA SER D 73 -9.40 -29.52 33.24
C SER D 73 -8.53 -30.09 34.36
N ASP D 74 -7.51 -30.84 34.00
CA ASP D 74 -6.51 -31.33 34.94
C ASP D 74 -5.77 -30.11 35.55
N ALA D 75 -5.79 -29.96 36.87
CA ALA D 75 -5.22 -28.78 37.53
C ALA D 75 -3.70 -28.85 37.72
N LEU D 76 -3.08 -29.89 37.18
CA LEU D 76 -1.67 -30.08 37.33
C LEU D 76 -0.87 -29.85 36.05
N SER D 77 -1.53 -29.41 34.97
CA SER D 77 -0.87 -29.22 33.68
C SER D 77 -1.38 -27.98 32.99
N PRO D 78 -1.00 -26.79 33.49
CA PRO D 78 -1.50 -25.53 32.86
C PRO D 78 -1.26 -25.39 31.35
N PRO D 79 -0.08 -25.85 30.84
CA PRO D 79 0.13 -25.64 29.42
C PRO D 79 -0.87 -26.38 28.51
N ALA D 80 -1.33 -27.59 28.92
CA ALA D 80 -2.39 -28.34 28.15
C ALA D 80 -3.68 -27.51 27.98
N VAL D 81 -4.02 -26.75 29.03
CA VAL D 81 -5.20 -25.87 28.99
C VAL D 81 -4.97 -24.68 28.08
N TRP D 82 -3.77 -24.10 28.19
CA TRP D 82 -3.38 -22.94 27.41
C TRP D 82 -3.56 -23.26 25.93
N ALA D 83 -3.04 -24.42 25.50
CA ALA D 83 -3.14 -24.81 24.09
C ALA D 83 -4.63 -24.92 23.68
N ARG D 84 -5.50 -25.37 24.58
CA ARG D 84 -6.91 -25.50 24.24
C ARG D 84 -7.60 -24.12 24.21
N MET D 85 -7.15 -23.23 25.09
CA MET D 85 -7.63 -21.86 25.14
C MET D 85 -7.27 -21.13 23.83
N GLN D 86 -6.05 -21.30 23.38
CA GLN D 86 -5.57 -20.67 22.14
C GLN D 86 -6.35 -21.20 20.97
N ALA D 87 -6.66 -22.50 20.96
CA ALA D 87 -7.40 -23.05 19.83
C ALA D 87 -8.82 -22.50 19.82
N ALA D 88 -9.43 -22.45 21.00
CA ALA D 88 -10.82 -22.00 21.22
C ALA D 88 -11.10 -20.57 20.78
N ILE D 89 -10.12 -19.67 20.94
CA ILE D 89 -10.36 -18.29 20.63
C ILE D 89 -10.04 -17.84 19.21
N ARG D 90 -9.94 -18.76 18.26
CA ARG D 90 -9.61 -18.36 16.89
C ARG D 90 -10.56 -17.32 16.29
N ASN D 91 -11.87 -17.52 16.37
CA ASN D 91 -12.80 -16.47 15.89
C ASN D 91 -12.95 -15.30 16.84
N ALA D 92 -12.96 -15.57 18.15
CA ALA D 92 -13.12 -14.53 19.18
C ALA D 92 -11.98 -13.48 19.18
N GLY D 93 -10.84 -13.87 18.63
CA GLY D 93 -9.73 -12.92 18.51
C GLY D 93 -8.58 -13.23 19.49
N ARG D 94 -7.51 -13.79 18.94
CA ARG D 94 -6.40 -14.30 19.73
C ARG D 94 -5.50 -13.20 20.37
N PRO D 95 -5.20 -12.10 19.63
CA PRO D 95 -4.28 -11.11 20.15
C PRO D 95 -5.00 -10.00 20.95
N GLY D 96 -4.28 -9.16 21.70
CA GLY D 96 -4.92 -8.03 22.38
C GLY D 96 -5.68 -8.51 23.62
N VAL D 97 -6.95 -8.12 23.74
CA VAL D 97 -7.82 -8.50 24.84
C VAL D 97 -7.84 -10.03 25.09
N GLY D 98 -8.01 -10.83 24.03
CA GLY D 98 -7.97 -12.28 24.10
C GLY D 98 -6.68 -12.82 24.73
N ALA D 99 -5.53 -12.27 24.35
CA ALA D 99 -4.24 -12.71 24.84
C ALA D 99 -4.06 -12.31 26.26
N MET D 100 -4.57 -11.14 26.62
CA MET D 100 -4.49 -10.65 27.96
C MET D 100 -5.32 -11.53 28.89
N ALA D 101 -6.47 -11.93 28.37
CA ALA D 101 -7.34 -12.85 29.05
C ALA D 101 -6.68 -14.25 29.24
N VAL D 102 -6.13 -14.82 28.17
CA VAL D 102 -5.37 -16.07 28.29
C VAL D 102 -4.18 -15.94 29.25
N SER D 103 -3.47 -14.81 29.21
CA SER D 103 -2.33 -14.61 30.11
C SER D 103 -2.75 -14.68 31.58
N ALA D 104 -3.87 -14.00 31.91
CA ALA D 104 -4.38 -13.97 33.28
C ALA D 104 -4.79 -15.40 33.77
N VAL D 105 -5.60 -16.09 32.99
CA VAL D 105 -5.99 -17.46 33.31
C VAL D 105 -4.75 -18.36 33.45
N ASP D 106 -3.80 -18.32 32.50
CA ASP D 106 -2.59 -19.15 32.58
C ASP D 106 -1.74 -18.93 33.84
N ILE D 107 -1.59 -17.67 34.24
CA ILE D 107 -0.87 -17.40 35.44
C ILE D 107 -1.61 -17.99 36.66
N ALA D 108 -2.93 -17.84 36.70
CA ALA D 108 -3.72 -18.37 37.82
C ALA D 108 -3.59 -19.90 37.85
N LEU D 109 -3.59 -20.52 36.68
CA LEU D 109 -3.45 -22.00 36.64
C LEU D 109 -2.04 -22.47 37.07
N TRP D 110 -1.03 -21.69 36.77
CA TRP D 110 0.29 -22.05 37.26
C TRP D 110 0.41 -21.81 38.78
N ASP D 111 -0.21 -20.73 39.25
CA ASP D 111 -0.24 -20.48 40.67
C ASP D 111 -0.97 -21.66 41.38
N LEU D 112 -2.12 -22.07 40.81
CA LEU D 112 -2.86 -23.19 41.32
C LEU D 112 -2.04 -24.50 41.29
N LYS D 113 -1.39 -24.81 40.17
CA LYS D 113 -0.51 -25.95 40.10
C LYS D 113 0.56 -25.94 41.21
N ALA D 114 1.36 -24.88 41.29
CA ALA D 114 2.41 -24.79 42.31
C ALA D 114 1.85 -25.03 43.75
N ARG D 115 0.72 -24.39 44.05
CA ARG D 115 0.08 -24.46 45.39
C ARG D 115 -0.54 -25.84 45.74
N LEU D 116 -1.05 -26.59 44.72
CA LEU D 116 -1.40 -27.99 44.89
C LEU D 116 -0.17 -28.83 45.14
N LEU D 117 0.99 -28.45 44.64
CA LEU D 117 2.19 -29.20 44.99
C LEU D 117 2.84 -28.70 46.32
N GLY D 118 2.36 -27.59 46.87
CA GLY D 118 3.03 -26.94 48.00
C GLY D 118 4.41 -26.41 47.64
N LEU D 119 4.62 -25.95 46.41
CA LEU D 119 5.95 -25.36 46.03
C LEU D 119 5.78 -23.92 45.64
N PRO D 120 6.82 -23.10 45.87
CA PRO D 120 6.86 -21.75 45.32
C PRO D 120 6.84 -21.87 43.78
N LEU D 121 6.19 -20.96 43.09
CA LEU D 121 6.10 -21.12 41.65
C LEU D 121 7.50 -21.23 40.99
N ALA D 122 8.45 -20.43 41.46
CA ALA D 122 9.76 -20.45 40.84
C ALA D 122 10.42 -21.81 40.97
N ASP D 123 10.05 -22.59 41.98
CA ASP D 123 10.58 -23.95 42.06
C ASP D 123 9.73 -25.00 41.35
N ALA D 124 8.55 -24.64 40.87
CA ALA D 124 7.85 -25.48 39.92
C ALA D 124 8.19 -25.18 38.42
N LEU D 125 9.11 -24.27 38.16
CA LEU D 125 9.51 -23.91 36.83
C LEU D 125 10.98 -24.25 36.73
N PRO D 126 11.50 -24.43 35.50
CA PRO D 126 12.96 -24.57 35.31
C PRO D 126 13.62 -23.31 35.91
N ARG D 127 14.75 -23.42 36.58
CA ARG D 127 15.17 -22.23 37.26
C ARG D 127 16.63 -22.02 37.00
N PHE D 128 16.96 -20.89 36.35
CA PHE D 128 18.33 -20.52 36.07
C PHE D 128 18.82 -19.50 37.13
N HIS D 129 17.91 -18.74 37.75
CA HIS D 129 18.33 -17.65 38.61
C HIS D 129 17.71 -17.73 39.99
N ALA D 130 18.53 -17.54 41.00
CA ALA D 130 18.02 -17.45 42.37
C ALA D 130 17.25 -16.10 42.60
N GLU D 131 17.72 -15.02 42.00
CA GLU D 131 16.94 -13.79 42.02
C GLU D 131 17.19 -13.11 40.70
N VAL D 132 16.38 -12.10 40.37
CA VAL D 132 16.47 -11.44 39.08
C VAL D 132 16.64 -9.90 39.18
N PRO D 133 17.55 -9.34 38.35
CA PRO D 133 17.89 -7.92 38.40
C PRO D 133 16.73 -7.08 37.86
N VAL D 134 16.53 -5.89 38.44
CA VAL D 134 15.49 -4.98 37.96
C VAL D 134 16.04 -3.62 37.55
N TYR D 135 15.28 -2.92 36.72
CA TYR D 135 15.49 -1.50 36.60
C TYR D 135 14.24 -0.78 37.07
N GLY D 136 14.41 0.35 37.74
CA GLY D 136 13.28 1.19 38.19
C GLY D 136 12.74 1.96 37.00
N SER D 137 11.41 1.95 36.83
CA SER D 137 10.81 2.45 35.61
C SER D 137 9.65 3.43 35.90
N GLY D 138 9.85 4.71 35.56
CA GLY D 138 8.76 5.69 35.57
C GLY D 138 9.20 6.94 34.82
N GLY D 139 9.46 8.04 35.51
CA GLY D 139 9.99 9.20 34.86
C GLY D 139 9.05 9.74 33.82
N PHE D 140 7.77 9.87 34.13
CA PHE D 140 6.77 10.19 33.12
C PHE D 140 6.97 11.59 32.57
N THR D 141 6.46 11.85 31.37
CA THR D 141 6.69 13.10 30.71
C THR D 141 5.89 14.23 31.36
N SER D 142 4.94 13.85 32.21
CA SER D 142 4.14 14.81 32.98
C SER D 142 4.88 15.35 34.21
N TYR D 143 5.96 14.70 34.62
CA TYR D 143 6.66 15.08 35.83
C TYR D 143 7.51 16.37 35.68
N PRO D 144 7.34 17.31 36.62
CA PRO D 144 8.30 18.40 36.66
C PRO D 144 9.67 17.81 36.94
N LEU D 145 10.71 18.61 36.69
CA LEU D 145 12.07 18.16 36.81
C LEU D 145 12.40 17.63 38.22
N ARG D 146 11.93 18.34 39.25
CA ARG D 146 12.19 17.91 40.62
C ARG D 146 11.66 16.48 40.83
N ARG D 147 10.41 16.27 40.50
CA ARG D 147 9.77 14.97 40.66
C ARG D 147 10.53 13.89 39.90
N LEU D 148 10.93 14.20 38.67
CA LEU D 148 11.73 13.27 37.87
C LEU D 148 13.01 12.91 38.58
N GLN D 149 13.77 13.89 39.02
CA GLN D 149 15.02 13.63 39.72
C GLN D 149 14.80 12.87 41.01
N GLU D 150 13.72 13.20 41.72
CA GLU D 150 13.36 12.54 42.98
C GLU D 150 13.07 11.05 42.79
N GLN D 151 12.30 10.70 41.76
CA GLN D 151 11.98 9.30 41.59
C GLN D 151 13.18 8.48 41.17
N LEU D 152 13.98 8.98 40.25
CA LEU D 152 15.04 8.15 39.74
C LEU D 152 16.14 8.08 40.77
N GLY D 153 16.45 9.20 41.43
CA GLY D 153 17.46 9.21 42.46
C GLY D 153 17.09 8.32 43.62
N GLY D 154 15.82 8.35 44.01
CA GLY D 154 15.36 7.45 45.08
C GLY D 154 15.61 5.98 44.77
N TRP D 155 15.40 5.60 43.51
CA TRP D 155 15.66 4.21 43.13
C TRP D 155 17.13 3.93 43.21
N ALA D 156 17.94 4.85 42.74
CA ALA D 156 19.40 4.69 42.77
C ALA D 156 19.94 4.53 44.20
N ALA D 157 19.47 5.38 45.12
CA ALA D 157 19.89 5.25 46.53
C ALA D 157 19.38 3.94 47.14
N ALA D 158 18.22 3.46 46.68
CA ALA D 158 17.68 2.19 47.17
C ALA D 158 18.42 0.96 46.64
N GLY D 159 19.47 1.18 45.85
CA GLY D 159 20.33 0.10 45.42
C GLY D 159 19.94 -0.45 44.07
N ILE D 160 19.11 0.29 43.33
CA ILE D 160 18.80 -0.12 41.96
C ILE D 160 19.65 0.70 40.96
N PRO D 161 20.70 0.08 40.38
CA PRO D 161 21.68 0.83 39.56
C PRO D 161 21.27 1.01 38.06
N ARG D 162 19.99 0.90 37.76
CA ARG D 162 19.45 1.04 36.44
C ARG D 162 18.08 1.71 36.53
N VAL D 163 17.83 2.76 35.74
CA VAL D 163 16.51 3.45 35.78
C VAL D 163 16.04 3.83 34.37
N LYS D 164 14.73 3.81 34.15
CA LYS D 164 14.18 4.20 32.89
C LYS D 164 13.19 5.39 33.02
N MET D 165 13.32 6.36 32.11
CA MET D 165 12.40 7.49 32.03
C MET D 165 11.77 7.59 30.67
N LYS D 166 10.72 8.41 30.56
CA LYS D 166 10.00 8.58 29.31
C LYS D 166 10.57 9.76 28.53
N VAL D 167 10.55 9.68 27.20
CA VAL D 167 10.97 10.80 26.36
C VAL D 167 10.01 10.89 25.17
N GLY D 168 9.99 12.03 24.51
CA GLY D 168 9.40 12.07 23.19
C GLY D 168 8.06 12.76 23.08
N ARG D 169 7.49 13.14 24.21
CA ARG D 169 6.25 13.89 24.19
C ARG D 169 6.44 15.33 23.71
N GLU D 170 7.49 16.00 24.19
CA GLU D 170 7.89 17.32 23.74
C GLU D 170 9.39 17.34 23.56
N PRO D 171 9.84 17.04 22.35
CA PRO D 171 11.28 16.77 22.15
C PRO D 171 12.21 17.92 22.51
N GLU D 172 11.75 19.16 22.33
CA GLU D 172 12.54 20.36 22.74
C GLU D 172 12.84 20.36 24.22
N LYS D 173 11.93 19.82 25.01
CA LYS D 173 12.13 19.79 26.48
C LYS D 173 13.07 18.65 26.91
N ASP D 174 13.16 17.57 26.12
CA ASP D 174 13.88 16.36 26.55
C ASP D 174 15.38 16.55 26.91
N PRO D 175 16.14 17.34 26.16
CA PRO D 175 17.57 17.52 26.50
C PRO D 175 17.81 17.94 27.98
N GLU D 176 17.07 18.93 28.47
CA GLU D 176 17.12 19.36 29.86
C GLU D 176 16.65 18.27 30.86
N ARG D 177 15.67 17.48 30.45
CA ARG D 177 15.13 16.42 31.27
CA ARG D 177 15.11 16.39 31.25
C ARG D 177 16.11 15.23 31.43
N VAL D 178 16.77 14.81 30.34
CA VAL D 178 17.79 13.73 30.48
C VAL D 178 19.01 14.18 31.23
N ARG D 179 19.42 15.43 30.98
CA ARG D 179 20.50 16.05 31.75
C ARG D 179 20.17 16.15 33.23
N ALA D 180 18.96 16.55 33.54
CA ALA D 180 18.59 16.64 34.95
C ALA D 180 18.61 15.24 35.59
N ALA D 181 18.10 14.23 34.86
CA ALA D 181 18.17 12.86 35.32
C ALA D 181 19.61 12.37 35.55
N ARG D 182 20.52 12.66 34.62
CA ARG D 182 21.92 12.21 34.76
C ARG D 182 22.54 12.88 35.97
N GLU D 183 22.29 14.17 36.11
CA GLU D 183 22.81 14.93 37.22
C GLU D 183 22.32 14.39 38.56
N ALA D 184 21.05 14.01 38.63
CA ALA D 184 20.54 13.38 39.86
C ALA D 184 21.18 12.02 40.22
N ILE D 185 21.41 11.12 39.26
CA ILE D 185 21.84 9.73 39.59
C ILE D 185 23.37 9.56 39.55
N GLY D 186 24.08 10.48 38.91
CA GLY D 186 25.52 10.28 38.72
C GLY D 186 25.94 9.31 37.60
N GLU D 187 27.25 9.12 37.48
CA GLU D 187 27.83 8.38 36.37
C GLU D 187 27.76 6.87 36.58
N SER D 188 27.54 6.40 37.81
CA SER D 188 27.48 4.97 38.06
C SER D 188 26.07 4.33 37.96
N VAL D 189 25.07 5.05 37.47
CA VAL D 189 23.76 4.44 37.31
C VAL D 189 23.42 4.39 35.83
N GLU D 190 22.90 3.26 35.38
CA GLU D 190 22.48 3.17 34.00
C GLU D 190 21.22 4.02 33.76
N LEU D 191 21.23 4.89 32.74
CA LEU D 191 20.05 5.72 32.39
C LEU D 191 19.41 5.24 31.06
N MET D 192 18.11 4.93 31.06
CA MET D 192 17.52 4.22 29.95
C MET D 192 16.36 5.11 29.58
N VAL D 193 15.97 5.16 28.31
CA VAL D 193 14.80 5.94 27.93
C VAL D 193 13.84 5.14 27.07
N ASP D 194 12.60 5.60 27.06
CA ASP D 194 11.49 4.97 26.39
C ASP D 194 10.72 6.06 25.66
N ALA D 195 10.65 5.91 24.33
CA ALA D 195 9.91 6.86 23.50
C ALA D 195 8.45 6.48 23.32
N ASN D 196 8.06 5.26 23.72
CA ASN D 196 6.70 4.79 23.44
C ASN D 196 6.19 5.08 21.98
N GLY D 197 7.05 4.94 20.98
CA GLY D 197 6.62 5.05 19.60
C GLY D 197 6.45 6.48 19.09
N ALA D 198 7.11 7.44 19.73
CA ALA D 198 6.86 8.88 19.48
C ALA D 198 7.57 9.41 18.25
N TYR D 199 8.60 8.73 17.80
CA TYR D 199 9.43 9.32 16.71
C TYR D 199 9.18 8.72 15.33
N THR D 200 9.49 9.53 14.31
CA THR D 200 9.72 9.02 12.96
C THR D 200 11.10 8.38 12.95
N ARG D 201 11.39 7.63 11.90
CA ARG D 201 12.69 6.99 11.74
C ARG D 201 13.93 7.87 11.87
N LYS D 202 13.99 8.97 11.13
CA LYS D 202 15.16 9.84 11.17
C LYS D 202 15.19 10.67 12.42
N GLN D 203 14.03 11.01 12.94
CA GLN D 203 13.92 11.68 14.25
C GLN D 203 14.52 10.79 15.34
N ALA D 204 14.12 9.51 15.34
CA ALA D 204 14.65 8.55 16.30
C ALA D 204 16.20 8.47 16.22
N LEU D 205 16.75 8.48 15.00
CA LEU D 205 18.18 8.35 14.81
C LEU D 205 18.85 9.59 15.34
N TYR D 206 18.28 10.75 15.05
CA TYR D 206 18.77 11.95 15.65
C TYR D 206 18.86 11.86 17.20
N TRP D 207 17.72 11.51 17.82
CA TRP D 207 17.60 11.51 19.29
C TRP D 207 18.47 10.45 19.92
N ALA D 208 18.62 9.29 19.27
CA ALA D 208 19.47 8.25 19.82
C ALA D 208 20.89 8.82 20.08
N GLY D 209 21.42 9.56 19.09
CA GLY D 209 22.71 10.18 19.19
C GLY D 209 22.71 11.38 20.08
N ALA D 210 21.72 12.27 19.98
CA ALA D 210 21.63 13.39 20.93
C ALA D 210 21.58 12.91 22.41
N PHE D 211 20.78 11.87 22.72
CA PHE D 211 20.69 11.42 24.08
C PHE D 211 21.96 10.75 24.54
N ALA D 212 22.60 9.98 23.65
CA ALA D 212 23.92 9.45 23.98
C ALA D 212 24.91 10.57 24.33
N ARG D 213 24.92 11.67 23.55
CA ARG D 213 25.93 12.73 23.80
C ARG D 213 25.59 13.51 25.07
N GLU D 214 24.30 13.74 25.28
CA GLU D 214 23.84 14.59 26.34
C GLU D 214 23.98 13.93 27.68
N ALA D 215 23.83 12.60 27.75
CA ALA D 215 23.62 11.98 29.06
C ALA D 215 24.06 10.51 29.16
N GLY D 216 24.79 10.05 28.14
CA GLY D 216 25.29 8.68 28.09
C GLY D 216 24.18 7.62 28.24
N ILE D 217 23.01 7.83 27.64
CA ILE D 217 22.02 6.78 27.73
C ILE D 217 22.48 5.44 27.14
N SER D 218 22.06 4.34 27.78
CA SER D 218 22.41 3.01 27.33
C SER D 218 21.33 2.27 26.59
N TYR D 219 20.17 2.85 26.44
CA TYR D 219 19.03 2.01 26.12
C TYR D 219 17.93 2.91 25.58
N LEU D 220 17.36 2.49 24.44
CA LEU D 220 16.29 3.28 23.81
C LEU D 220 15.17 2.36 23.33
N GLU D 221 14.04 2.42 24.04
CA GLU D 221 12.97 1.51 23.79
C GLU D 221 11.91 2.14 22.89
N GLU D 222 11.34 1.33 22.00
CA GLU D 222 10.25 1.73 21.12
C GLU D 222 10.51 3.07 20.47
N PRO D 223 11.67 3.23 19.84
CA PRO D 223 11.87 4.58 19.31
C PRO D 223 10.84 4.99 18.23
N VAL D 224 10.40 4.02 17.42
CA VAL D 224 9.39 4.25 16.41
C VAL D 224 8.12 3.46 16.75
N SER D 225 7.05 3.75 16.01
CA SER D 225 5.84 2.99 16.18
C SER D 225 6.02 1.45 16.26
N SER D 226 5.08 0.81 16.98
CA SER D 226 5.20 -0.57 17.43
C SER D 226 5.24 -1.46 16.20
N GLU D 227 4.34 -1.10 15.30
CA GLU D 227 4.16 -1.88 14.11
C GLU D 227 5.39 -1.77 13.12
N ASP D 228 6.26 -0.77 13.33
CA ASP D 228 7.34 -0.45 12.35
C ASP D 228 8.63 -1.26 12.47
N ARG D 229 8.61 -2.51 12.03
CA ARG D 229 9.79 -3.43 12.18
C ARG D 229 10.97 -3.01 11.34
N GLU D 230 10.67 -2.52 10.15
CA GLU D 230 11.69 -2.05 9.25
C GLU D 230 12.42 -0.85 9.88
N GLY D 231 11.68 0.03 10.55
CA GLY D 231 12.28 1.17 11.24
C GLY D 231 13.12 0.77 12.44
N LEU D 232 12.64 -0.19 13.23
CA LEU D 232 13.47 -0.73 14.31
C LEU D 232 14.78 -1.30 13.77
N ARG D 233 14.71 -2.15 12.75
CA ARG D 233 15.92 -2.80 12.28
C ARG D 233 16.95 -1.76 11.79
N LEU D 234 16.42 -0.67 11.29
CA LEU D 234 17.21 0.42 10.80
C LEU D 234 17.90 1.20 11.91
N LEU D 235 17.18 1.40 13.01
CA LEU D 235 17.80 2.02 14.16
C LEU D 235 18.76 1.03 14.81
N ARG D 236 18.44 -0.25 14.75
CA ARG D 236 19.37 -1.23 15.25
C ARG D 236 20.68 -1.19 14.43
N ASP D 237 20.56 -1.11 13.11
CA ASP D 237 21.75 -1.22 12.24
C ASP D 237 22.54 0.03 12.28
N ARG D 238 21.87 1.18 12.38
CA ARG D 238 22.56 2.45 12.29
C ARG D 238 22.67 3.22 13.59
N GLY D 239 22.01 2.77 14.66
CA GLY D 239 22.12 3.49 15.93
C GLY D 239 23.55 3.57 16.49
N PRO D 240 23.81 4.49 17.44
CA PRO D 240 25.14 4.65 18.03
C PRO D 240 25.59 3.50 18.90
N GLY D 241 26.90 3.30 19.01
CA GLY D 241 27.44 2.31 19.92
C GLY D 241 26.98 2.55 21.37
N GLY D 242 26.83 1.46 22.15
CA GLY D 242 26.45 1.65 23.54
C GLY D 242 24.96 1.93 23.81
N VAL D 243 24.12 2.10 22.78
CA VAL D 243 22.71 2.36 23.01
C VAL D 243 21.90 1.17 22.50
N ALA D 244 21.38 0.37 23.41
CA ALA D 244 20.61 -0.80 22.96
C ALA D 244 19.20 -0.39 22.49
N ILE D 245 18.79 -0.81 21.30
CA ILE D 245 17.44 -0.54 20.81
C ILE D 245 16.59 -1.71 21.28
N ALA D 246 15.52 -1.43 22.00
CA ALA D 246 14.67 -2.45 22.60
C ALA D 246 13.21 -2.24 22.18
N ALA D 247 12.47 -3.36 22.03
CA ALA D 247 11.06 -3.34 21.81
C ALA D 247 10.48 -4.75 22.12
N GLY D 248 9.15 -4.81 22.27
CA GLY D 248 8.43 -6.08 22.39
C GLY D 248 7.17 -6.11 23.26
N GLU D 249 6.86 -5.02 23.95
CA GLU D 249 5.68 -5.02 24.82
C GLU D 249 4.33 -5.28 24.15
N TYR D 250 4.17 -4.96 22.86
CA TYR D 250 2.89 -5.28 22.19
C TYR D 250 2.86 -6.56 21.40
N GLU D 251 3.76 -7.48 21.69
CA GLU D 251 3.87 -8.74 20.95
C GLU D 251 2.89 -9.73 21.64
N TRP D 252 1.97 -10.33 20.90
CA TRP D 252 0.90 -11.12 21.53
C TRP D 252 1.22 -12.62 21.40
N THR D 253 2.02 -12.96 20.40
CA THR D 253 2.31 -14.36 20.00
C THR D 253 3.79 -14.67 19.65
N LEU D 254 4.11 -15.94 19.83
CA LEU D 254 5.47 -16.42 19.64
C LEU D 254 6.09 -16.19 18.25
N PRO D 255 5.32 -16.37 17.19
CA PRO D 255 5.88 -16.00 15.87
C PRO D 255 6.17 -14.48 15.72
N GLN D 256 5.39 -13.63 16.39
CA GLN D 256 5.64 -12.18 16.37
C GLN D 256 6.99 -11.91 17.02
N LEU D 257 7.19 -12.54 18.18
CA LEU D 257 8.46 -12.46 18.94
C LEU D 257 9.67 -12.88 18.09
N HIS D 258 9.51 -13.99 17.37
CA HIS D 258 10.48 -14.45 16.40
C HIS D 258 10.82 -13.40 15.36
N ASP D 259 9.80 -12.74 14.76
CA ASP D 259 10.00 -11.66 13.74
C ASP D 259 10.72 -10.46 14.35
N LEU D 260 10.31 -10.07 15.55
CA LEU D 260 10.89 -8.89 16.21
C LEU D 260 12.36 -9.14 16.57
N ALA D 261 12.68 -10.36 17.01
CA ALA D 261 14.05 -10.70 17.43
C ALA D 261 15.08 -10.34 16.39
N GLY D 262 14.74 -10.41 15.09
CA GLY D 262 15.74 -10.04 14.07
C GLY D 262 15.93 -8.51 13.95
N CYS D 263 15.17 -7.71 14.70
CA CYS D 263 15.15 -6.26 14.48
C CYS D 263 15.69 -5.43 15.59
N VAL D 264 15.94 -6.04 16.74
CA VAL D 264 16.25 -5.29 17.97
C VAL D 264 17.57 -5.69 18.61
N ASP D 265 18.05 -4.87 19.54
CA ASP D 265 19.21 -5.27 20.35
C ASP D 265 18.78 -6.07 21.59
N ILE D 266 17.57 -5.81 22.11
CA ILE D 266 17.09 -6.46 23.33
C ILE D 266 15.64 -6.70 23.05
N LEU D 267 15.17 -7.90 23.33
CA LEU D 267 13.80 -8.27 23.00
C LEU D 267 13.02 -8.16 24.30
N GLN D 268 11.83 -7.57 24.26
CA GLN D 268 10.97 -7.50 25.41
C GLN D 268 9.67 -8.28 25.16
N ALA D 269 9.12 -8.79 26.24
CA ALA D 269 7.76 -9.32 26.25
C ALA D 269 7.16 -9.06 27.63
N ASP D 270 5.83 -8.99 27.67
CA ASP D 270 5.07 -8.73 28.89
C ASP D 270 4.30 -10.03 29.25
N VAL D 271 4.63 -10.61 30.41
CA VAL D 271 4.03 -11.85 30.85
C VAL D 271 2.50 -11.76 30.88
N THR D 272 1.94 -10.58 31.12
CA THR D 272 0.47 -10.41 31.18
C THR D 272 -0.15 -10.22 29.79
N ARG D 273 0.66 -10.32 28.73
CA ARG D 273 0.15 -10.17 27.34
C ARG D 273 0.58 -11.31 26.43
N CYS D 274 1.77 -11.87 26.66
CA CYS D 274 2.34 -12.79 25.65
C CYS D 274 1.94 -14.23 25.97
N GLY D 275 0.94 -14.43 26.81
CA GLY D 275 0.37 -15.76 27.04
C GLY D 275 0.75 -16.30 28.38
N GLY D 276 1.14 -15.40 29.31
CA GLY D 276 1.32 -15.79 30.69
C GLY D 276 2.61 -16.53 30.87
N ILE D 277 2.71 -17.36 31.94
CA ILE D 277 3.93 -18.17 32.22
C ILE D 277 4.23 -19.13 31.04
N THR D 278 3.20 -19.81 30.54
CA THR D 278 3.40 -20.80 29.50
C THR D 278 3.97 -20.15 28.24
N GLY D 279 3.46 -18.97 27.88
CA GLY D 279 4.04 -18.23 26.73
C GLY D 279 5.42 -17.69 27.01
N LEU D 280 5.66 -17.14 28.20
CA LEU D 280 7.01 -16.64 28.55
C LEU D 280 8.11 -17.72 28.55
N LEU D 281 7.75 -18.94 28.86
CA LEU D 281 8.71 -20.05 28.83
C LEU D 281 9.32 -20.34 27.46
N ARG D 282 8.70 -19.83 26.41
CA ARG D 282 9.16 -20.08 25.05
C ARG D 282 10.07 -18.97 24.55
N VAL D 283 10.02 -17.83 25.21
CA VAL D 283 10.82 -16.68 24.87
C VAL D 283 12.35 -16.96 24.92
N ASP D 284 12.75 -17.82 25.84
CA ASP D 284 14.17 -18.09 26.04
C ASP D 284 14.74 -18.74 24.83
N GLY D 285 14.00 -19.64 24.20
CA GLY D 285 14.55 -20.28 22.99
C GLY D 285 14.67 -19.30 21.83
N ILE D 286 13.75 -18.33 21.74
CA ILE D 286 13.86 -17.31 20.70
C ILE D 286 15.10 -16.39 20.91
N CYS D 287 15.32 -15.91 22.13
CA CYS D 287 16.48 -15.08 22.46
C CYS D 287 17.82 -15.78 22.35
N ARG D 288 17.97 -16.98 22.92
CA ARG D 288 19.24 -17.70 22.83
C ARG D 288 19.45 -18.15 21.38
N GLY D 289 18.36 -18.45 20.68
CA GLY D 289 18.43 -18.71 19.24
C GLY D 289 19.00 -17.58 18.42
N HIS D 290 18.52 -16.35 18.63
CA HIS D 290 19.06 -15.17 17.94
C HIS D 290 20.23 -14.54 18.66
N GLN D 291 20.65 -15.13 19.78
CA GLN D 291 21.70 -14.52 20.62
C GLN D 291 21.53 -13.03 21.02
N ILE D 292 20.34 -12.69 21.50
CA ILE D 292 20.13 -11.34 22.04
C ILE D 292 19.62 -11.47 23.49
N PRO D 293 19.79 -10.41 24.32
CA PRO D 293 19.25 -10.43 25.69
C PRO D 293 17.73 -10.23 25.70
N PHE D 294 17.11 -10.66 26.80
CA PHE D 294 15.67 -10.51 27.02
C PHE D 294 15.41 -9.60 28.22
N SER D 295 14.36 -8.78 28.14
CA SER D 295 13.99 -7.88 29.25
C SER D 295 12.47 -7.93 29.45
N ALA D 296 12.02 -8.30 30.65
CA ALA D 296 10.61 -8.39 30.94
C ALA D 296 10.00 -6.97 31.08
N HIS D 297 8.80 -6.80 30.53
CA HIS D 297 8.08 -5.55 30.53
C HIS D 297 6.86 -5.66 31.48
N CYS D 298 6.82 -4.76 32.47
CA CYS D 298 5.68 -4.59 33.38
C CYS D 298 5.37 -5.78 34.32
N ALA D 299 4.37 -5.58 35.14
CA ALA D 299 3.87 -6.58 36.06
C ALA D 299 4.98 -7.31 36.86
N PRO D 300 5.76 -6.54 37.66
CA PRO D 300 6.94 -7.14 38.29
C PRO D 300 6.62 -8.29 39.26
N ALA D 301 5.42 -8.25 39.87
CA ALA D 301 5.02 -9.32 40.83
C ALA D 301 4.96 -10.68 40.17
N VAL D 302 4.27 -10.79 39.04
CA VAL D 302 4.34 -12.06 38.28
C VAL D 302 5.73 -12.33 37.70
N SER D 303 6.29 -11.35 37.02
CA SER D 303 7.55 -11.48 36.28
C SER D 303 8.73 -11.93 37.14
N ALA D 304 8.76 -11.54 38.41
CA ALA D 304 9.82 -12.02 39.30
C ALA D 304 9.96 -13.56 39.34
N HIS D 305 8.82 -14.27 39.31
CA HIS D 305 8.80 -15.73 39.35
C HIS D 305 9.08 -16.33 37.98
N ALA D 306 8.38 -15.85 36.97
CA ALA D 306 8.53 -16.33 35.64
C ALA D 306 9.95 -16.13 35.10
N CYS D 307 10.58 -14.97 35.39
CA CYS D 307 11.89 -14.61 34.81
C CYS D 307 13.04 -15.40 35.41
N CYS D 308 12.83 -16.02 36.57
CA CYS D 308 13.87 -16.92 37.10
C CYS D 308 14.14 -18.10 36.14
N ALA D 309 13.18 -18.38 35.25
CA ALA D 309 13.27 -19.49 34.30
C ALA D 309 13.90 -19.08 32.96
N VAL D 310 14.28 -17.80 32.80
CA VAL D 310 14.73 -17.27 31.48
C VAL D 310 16.21 -17.03 31.53
N GLU D 311 16.96 -17.93 30.95
CA GLU D 311 18.41 -17.78 30.99
C GLU D 311 18.89 -16.47 30.36
N SER D 312 18.22 -16.06 29.29
CA SER D 312 18.64 -14.90 28.56
C SER D 312 18.24 -13.56 29.25
N LEU D 313 17.63 -13.63 30.44
CA LEU D 313 17.19 -12.42 31.15
C LEU D 313 18.33 -11.40 31.38
N LEU D 314 18.13 -10.15 30.95
CA LEU D 314 19.04 -9.04 31.28
C LEU D 314 18.52 -8.37 32.57
N HIS D 315 17.24 -7.99 32.55
CA HIS D 315 16.54 -7.42 33.69
C HIS D 315 15.01 -7.49 33.52
N LEU D 316 14.31 -7.21 34.60
CA LEU D 316 12.89 -6.96 34.48
C LEU D 316 12.54 -5.54 34.88
N GLU D 317 11.43 -5.06 34.31
CA GLU D 317 10.99 -3.70 34.52
C GLU D 317 10.23 -3.56 35.83
N TYR D 318 10.72 -2.71 36.74
CA TYR D 318 9.99 -2.55 37.97
C TYR D 318 9.17 -1.29 37.70
N PHE D 319 8.00 -1.50 37.08
CA PHE D 319 7.23 -0.37 36.51
C PHE D 319 6.39 0.26 37.61
N HIS D 320 6.63 1.55 37.84
CA HIS D 320 6.00 2.29 38.95
C HIS D 320 4.50 1.99 39.12
N ASP D 321 3.71 2.12 38.05
CA ASP D 321 2.28 1.96 38.18
C ASP D 321 1.91 0.59 38.76
N HIS D 322 2.64 -0.45 38.32
CA HIS D 322 2.27 -1.80 38.63
C HIS D 322 2.79 -2.17 40.01
N ALA D 323 4.03 -1.76 40.30
CA ALA D 323 4.57 -2.03 41.63
C ALA D 323 3.61 -1.49 42.70
N ARG D 324 3.14 -0.25 42.45
CA ARG D 324 2.20 0.44 43.32
C ARG D 324 0.85 -0.27 43.43
N VAL D 325 0.18 -0.52 42.29
CA VAL D 325 -1.05 -1.29 42.28
C VAL D 325 -0.93 -2.69 42.97
N GLU D 326 0.14 -3.41 42.64
CA GLU D 326 0.35 -4.72 43.23
C GLU D 326 0.49 -4.66 44.75
N ARG D 327 1.18 -3.65 45.25
CA ARG D 327 1.38 -3.47 46.69
C ARG D 327 0.08 -3.08 47.45
N LEU D 328 -0.77 -2.28 46.82
CA LEU D 328 -2.08 -1.91 47.30
C LEU D 328 -3.07 -3.07 47.37
N LEU D 329 -3.03 -3.94 46.37
CA LEU D 329 -4.03 -4.98 46.23
C LEU D 329 -3.59 -6.34 46.77
N PHE D 330 -2.29 -6.59 46.90
CA PHE D 330 -1.83 -7.91 47.31
C PHE D 330 -0.91 -7.83 48.50
N ASP D 331 -0.98 -8.88 49.31
CA ASP D 331 0.04 -9.12 50.31
C ASP D 331 0.99 -10.08 49.67
N GLY D 332 2.27 -9.92 49.93
CA GLY D 332 3.24 -10.91 49.47
C GLY D 332 4.06 -10.44 48.30
N THR D 333 3.98 -9.16 47.95
CA THR D 333 4.86 -8.64 46.87
C THR D 333 6.34 -8.52 47.32
N LEU D 334 7.26 -8.45 46.36
CA LEU D 334 8.67 -8.51 46.66
C LEU D 334 9.32 -7.12 46.63
N ASP D 335 10.34 -6.93 47.44
CA ASP D 335 11.02 -5.62 47.54
C ASP D 335 12.25 -5.62 46.65
N PRO D 336 12.37 -4.63 45.75
CA PRO D 336 13.56 -4.63 44.90
C PRO D 336 14.81 -3.98 45.50
N GLU D 337 14.82 -3.70 46.80
CA GLU D 337 15.95 -2.98 47.42
C GLU D 337 17.21 -3.80 47.14
N GLY D 338 18.27 -3.14 46.66
CA GLY D 338 19.51 -3.89 46.38
C GLY D 338 19.60 -4.18 44.89
N GLY D 339 18.50 -3.97 44.18
CA GLY D 339 18.47 -4.07 42.72
C GLY D 339 17.88 -5.30 42.06
N SER D 340 17.46 -6.27 42.89
CA SER D 340 16.94 -7.58 42.41
C SER D 340 15.67 -7.94 43.16
N LEU D 341 14.90 -8.84 42.56
CA LEU D 341 13.71 -9.40 43.21
C LEU D 341 13.97 -10.87 43.42
N ARG D 342 13.73 -11.32 44.63
CA ARG D 342 14.00 -12.73 45.00
C ARG D 342 12.74 -13.42 45.45
N PRO D 343 12.23 -14.37 44.66
CA PRO D 343 11.03 -15.10 45.09
C PRO D 343 11.25 -15.66 46.54
N ASP D 344 10.21 -15.61 47.35
CA ASP D 344 10.30 -16.07 48.70
C ASP D 344 10.24 -17.59 48.67
N PRO D 345 11.33 -18.27 49.11
CA PRO D 345 11.40 -19.73 49.08
C PRO D 345 10.38 -20.41 49.96
N ASP D 346 9.72 -19.69 50.87
CA ASP D 346 8.77 -20.37 51.75
C ASP D 346 7.31 -20.23 51.31
N ARG D 347 6.95 -19.29 50.44
CA ARG D 347 5.54 -19.13 50.12
C ARG D 347 5.19 -19.93 48.86
N PRO D 348 4.11 -20.73 48.90
CA PRO D 348 3.70 -21.54 47.71
C PRO D 348 3.18 -20.65 46.55
N GLY D 349 3.36 -21.08 45.30
CA GLY D 349 2.80 -20.31 44.20
C GLY D 349 3.55 -18.99 44.07
N LEU D 350 2.80 -17.97 43.67
CA LEU D 350 3.31 -16.61 43.56
C LEU D 350 3.46 -15.92 44.91
N GLY D 351 2.88 -16.49 45.97
CA GLY D 351 3.05 -15.88 47.27
C GLY D 351 2.16 -14.65 47.44
N LEU D 352 1.13 -14.50 46.59
CA LEU D 352 0.31 -13.30 46.55
C LEU D 352 -1.07 -13.57 47.06
N GLU D 353 -1.54 -12.66 47.93
CA GLU D 353 -2.84 -12.76 48.50
C GLU D 353 -3.62 -11.48 48.27
N LEU D 354 -4.83 -11.63 47.74
CA LEU D 354 -5.76 -10.52 47.66
C LEU D 354 -6.12 -9.95 49.03
N LYS D 355 -5.92 -8.65 49.15
CA LYS D 355 -6.43 -7.85 50.24
C LYS D 355 -7.89 -7.47 49.97
N ARG D 356 -8.81 -8.21 50.54
CA ARG D 356 -10.25 -8.07 50.27
C ARG D 356 -10.77 -6.65 50.44
N SER D 357 -10.44 -6.00 51.54
CA SER D 357 -11.01 -4.67 51.78
C SER D 357 -10.48 -3.59 50.86
N GLU D 358 -9.17 -3.60 50.55
CA GLU D 358 -8.62 -2.74 49.53
C GLU D 358 -9.24 -3.07 48.21
N ALA D 359 -9.18 -4.33 47.80
CA ALA D 359 -9.85 -4.72 46.57
C ALA D 359 -11.24 -4.05 46.47
N GLY D 360 -12.05 -4.18 47.52
CA GLY D 360 -13.39 -3.62 47.55
C GLY D 360 -13.44 -2.13 47.24
N LYS D 361 -12.53 -1.36 47.84
CA LYS D 361 -12.47 0.08 47.56
C LYS D 361 -12.26 0.39 46.05
N TYR D 362 -11.55 -0.49 45.32
CA TYR D 362 -11.19 -0.18 43.93
C TYR D 362 -11.91 -0.98 42.87
N ALA D 363 -12.93 -1.74 43.26
CA ALA D 363 -13.67 -2.57 42.33
C ALA D 363 -14.12 -1.70 41.16
N ALA D 364 -14.03 -2.22 39.95
CA ALA D 364 -14.20 -1.39 38.75
C ALA D 364 -15.68 -1.09 38.48
NA NA E . 11.56 18.55 -6.16
C1 GOL F . 9.24 22.97 -11.01
O1 GOL F . 10.26 23.41 -11.91
C2 GOL F . 9.69 22.93 -9.54
O2 GOL F . 11.09 23.11 -9.23
C3 GOL F . 9.19 21.62 -8.93
O3 GOL F . 9.83 21.48 -7.68
NA NA G . -10.93 -18.77 6.16
C1 GOL H . -15.05 -18.41 8.58
O1 GOL H . -13.90 -18.52 7.73
C2 GOL H . -15.07 -19.53 9.62
O2 GOL H . -15.18 -20.83 9.04
C3 GOL H . -16.18 -19.24 10.63
O3 GOL H . -15.93 -19.82 11.91
#